data_6N9G
#
_entry.id   6N9G
#
_cell.length_a   69.323
_cell.length_b   162.760
_cell.length_c   95.295
_cell.angle_alpha   90.00
_cell.angle_beta   98.36
_cell.angle_gamma   90.00
#
_symmetry.space_group_name_H-M   'P 1 21 1'
#
loop_
_entity.id
_entity.type
_entity.pdbx_description
1 polymer 'Regulator of G-protein signaling 7'
2 polymer 'Guanine nucleotide-binding protein subunit beta-5'
3 water water
#
loop_
_entity_poly.entity_id
_entity_poly.type
_entity_poly.pdbx_seq_one_letter_code
_entity_poly.pdbx_strand_id
1 'polypeptide(L)'
;MAQGNNYGQTSNGVADESPNMLVYRKMEDVIARMQDEKNGIPIRTVKSFLSKIPSVFSGSDIVQWLIKNLTIEDPVEALH
LGTLMAAHGYFFPISDHVLTLKDDGTFYRFQTPYFWPSNCWEPENTDYAVYLCKRTMQNKARLELADYEAESLARLQRAF
ARKWEFIFMQAEAQAKVDKKRDKIERKILDSQERAFWDVHRPVPGCVNTTEVDIKKSSRMRNPHKTRKSVYGLQNDIRSH
SPTHTPTPETKPPTEDELQQQIKYWQIQLDRHRLKMSKVADSLLSYTEQYVEYDPFLAPPDPSNPWLSDDTTFWELEASK
EPSQQRVKRWGFGMDEALKDPVGREQFLKFLESEFSSENLRFWLAVEDLKKRPIREVPSRVQEIWQEFLAPGAPSAINLD
SKSYDKTTQNVKEPGRYTFEDAQEHIYKLMKSDSYPRFIRSSAYQELLQAKKKGKSLTSKRLTSLVQSY
;
A,B
2 'polypeptide(L)'
;MATDGLHENETLASLKSEAESLKGKLEEERAKLHDVELHQVAERVEALGQFVMKTRRTLKGHGNKVLCMDWCKDKRRIVS
SSQDGKVIVWDSFTTNKEHAVTMPCTWVMACAYAPSGCAIACGGLDNKCSVYPLTFDKNENMAAKKKSVAMHTNYLSACS
FTNSDMQILTASGDGTCALWDVESGQLLQSFHGHGADVLCLDLAPSETGNTFVSGGCDKKAMVWDMRSGQCVQAFETHES
DVNSVRYYPSGDAFASGSDDATCRLYDLRADREVAIYSKESIIFGASSVDFSLSGRLLFAGYNDYTINVWDVLKGSRVSI
LFGHENRVSTLRVSPDGTAFCSGSWDHTLRVWA
;
C,D
#
# COMPACT_ATOMS: atom_id res chain seq x y z
N SER A 18 6.69 -11.51 28.41
CA SER A 18 5.60 -11.25 27.47
C SER A 18 5.18 -12.54 26.75
N PRO A 19 3.87 -12.69 26.51
CA PRO A 19 3.39 -13.94 25.88
C PRO A 19 3.92 -14.16 24.47
N ASN A 20 4.10 -13.11 23.68
CA ASN A 20 4.68 -13.25 22.35
C ASN A 20 6.12 -13.73 22.38
N MET A 21 6.87 -13.44 23.46
CA MET A 21 8.22 -13.95 23.66
C MET A 21 8.25 -15.44 23.98
N LEU A 22 7.17 -15.98 24.55
CA LEU A 22 7.19 -17.37 24.99
C LEU A 22 7.24 -18.33 23.81
N VAL A 23 6.56 -17.99 22.71
CA VAL A 23 6.61 -18.86 21.53
C VAL A 23 7.90 -18.66 20.75
N TYR A 24 8.56 -17.52 20.90
CA TYR A 24 9.86 -17.32 20.26
C TYR A 24 10.91 -18.22 20.91
N ARG A 25 10.94 -18.27 22.24
CA ARG A 25 11.89 -19.13 22.94
C ARG A 25 11.68 -20.59 22.57
N LYS A 26 10.42 -21.00 22.40
CA LYS A 26 10.14 -22.39 22.01
C LYS A 26 10.60 -22.66 20.58
N MET A 27 10.37 -21.72 19.67
CA MET A 27 10.90 -21.86 18.32
C MET A 27 12.43 -21.82 18.32
N GLU A 28 13.02 -20.97 19.16
CA GLU A 28 14.47 -20.89 19.22
C GLU A 28 15.10 -22.12 19.84
N ASP A 29 14.37 -22.78 20.76
CA ASP A 29 14.85 -24.06 21.27
C ASP A 29 14.91 -25.10 20.15
N VAL A 30 13.90 -25.11 19.28
CA VAL A 30 13.89 -26.06 18.16
C VAL A 30 15.06 -25.78 17.22
N ILE A 31 15.28 -24.50 16.89
CA ILE A 31 16.41 -24.13 16.04
C ILE A 31 17.72 -24.56 16.68
N ALA A 32 17.79 -24.49 18.02
CA ALA A 32 19.00 -24.93 18.71
C ALA A 32 19.22 -26.43 18.54
N ARG A 33 18.14 -27.21 18.55
CA ARG A 33 18.26 -28.65 18.33
C ARG A 33 18.53 -28.97 16.86
N MET A 34 17.99 -28.17 15.94
CA MET A 34 18.24 -28.39 14.51
C MET A 34 19.69 -28.13 14.13
N GLN A 35 20.42 -27.35 14.94
CA GLN A 35 21.80 -27.01 14.66
C GLN A 35 22.79 -27.88 15.43
N ASP A 36 22.32 -29.00 15.98
CA ASP A 36 23.21 -29.91 16.68
C ASP A 36 24.15 -30.60 15.69
N GLU A 37 25.33 -31.00 16.18
CA GLU A 37 26.32 -31.61 15.32
C GLU A 37 25.97 -33.06 15.00
N LYS A 38 25.56 -33.84 16.01
CA LYS A 38 25.33 -35.26 15.79
C LYS A 38 23.95 -35.54 15.21
N ASN A 39 22.91 -34.88 15.73
CA ASN A 39 21.53 -35.16 15.33
C ASN A 39 20.84 -33.87 14.88
N GLY A 40 21.49 -33.13 13.99
CA GLY A 40 20.97 -31.89 13.46
C GLY A 40 20.74 -31.95 11.96
N ILE A 41 20.30 -30.83 11.43
CA ILE A 41 20.02 -30.73 9.98
C ILE A 41 21.34 -30.56 9.24
N PRO A 42 21.63 -31.38 8.23
CA PRO A 42 22.90 -31.25 7.49
C PRO A 42 22.89 -30.01 6.61
N ILE A 43 23.87 -29.13 6.83
CA ILE A 43 23.98 -27.88 6.09
C ILE A 43 25.07 -28.05 5.03
N ARG A 44 24.68 -27.92 3.76
CA ARG A 44 25.56 -28.24 2.64
C ARG A 44 25.81 -27.00 1.78
N THR A 45 26.85 -27.09 0.97
CA THR A 45 27.17 -26.08 -0.05
C THR A 45 26.99 -26.75 -1.41
N VAL A 46 25.81 -26.54 -2.01
CA VAL A 46 25.48 -27.15 -3.29
C VAL A 46 25.93 -26.20 -4.41
N LYS A 47 26.01 -26.75 -5.62
CA LYS A 47 26.35 -25.97 -6.80
C LYS A 47 25.27 -26.18 -7.85
N SER A 48 24.95 -25.11 -8.57
CA SER A 48 24.01 -25.14 -9.67
C SER A 48 24.74 -24.87 -10.98
N PHE A 49 23.98 -24.72 -12.06
CA PHE A 49 24.58 -24.50 -13.36
C PHE A 49 25.26 -23.13 -13.46
N LEU A 50 24.78 -22.15 -12.70
CA LEU A 50 25.29 -20.78 -12.77
C LEU A 50 26.25 -20.43 -11.65
N SER A 51 25.98 -20.87 -10.41
CA SER A 51 26.74 -20.41 -9.27
C SER A 51 26.82 -21.49 -8.21
N LYS A 52 27.58 -21.21 -7.15
CA LYS A 52 27.66 -22.07 -5.98
C LYS A 52 26.92 -21.40 -4.83
N ILE A 53 26.10 -22.17 -4.12
CA ILE A 53 25.22 -21.64 -3.08
C ILE A 53 25.65 -22.21 -1.73
N PRO A 54 26.19 -21.38 -0.83
CA PRO A 54 26.71 -21.89 0.44
C PRO A 54 25.68 -21.99 1.55
N SER A 55 25.93 -22.95 2.45
CA SER A 55 25.24 -23.06 3.73
C SER A 55 23.72 -23.11 3.57
N VAL A 56 23.25 -24.14 2.85
CA VAL A 56 21.84 -24.30 2.59
C VAL A 56 21.39 -25.71 2.95
N PHE A 57 20.07 -25.87 3.06
CA PHE A 57 19.45 -27.15 3.31
C PHE A 57 18.04 -27.12 2.71
N SER A 58 17.52 -28.31 2.40
CA SER A 58 16.26 -28.42 1.68
C SER A 58 15.07 -28.38 2.64
N GLY A 59 13.90 -28.08 2.06
CA GLY A 59 12.69 -28.03 2.87
C GLY A 59 12.28 -29.40 3.38
N SER A 60 12.48 -30.43 2.57
CA SER A 60 12.19 -31.79 3.02
C SER A 60 13.07 -32.21 4.19
N ASP A 61 14.27 -31.63 4.28
CA ASP A 61 15.13 -31.88 5.44
C ASP A 61 14.49 -31.34 6.72
N ILE A 62 13.90 -30.14 6.64
CA ILE A 62 13.25 -29.55 7.81
C ILE A 62 12.01 -30.36 8.19
N VAL A 63 11.22 -30.76 7.19
CA VAL A 63 9.98 -31.48 7.48
C VAL A 63 10.28 -32.84 8.11
N GLN A 64 11.30 -33.55 7.60
CA GLN A 64 11.63 -34.86 8.15
C GLN A 64 12.31 -34.75 9.51
N TRP A 65 13.01 -33.64 9.77
CA TRP A 65 13.60 -33.45 11.09
C TRP A 65 12.51 -33.26 12.15
N LEU A 66 11.48 -32.47 11.83
CA LEU A 66 10.39 -32.24 12.78
C LEU A 66 9.60 -33.51 13.03
N ILE A 67 9.36 -34.31 11.99
CA ILE A 67 8.61 -35.55 12.14
C ILE A 67 9.32 -36.48 13.12
N LYS A 68 10.65 -36.59 12.99
CA LYS A 68 11.39 -37.55 13.80
C LYS A 68 11.63 -37.03 15.22
N ASN A 69 12.17 -35.81 15.34
CA ASN A 69 12.62 -35.31 16.63
C ASN A 69 11.49 -34.76 17.50
N LEU A 70 10.37 -34.35 16.90
CA LEU A 70 9.21 -33.92 17.67
C LEU A 70 8.09 -34.96 17.68
N THR A 71 8.30 -36.09 17.02
CA THR A 71 7.33 -37.20 16.98
C THR A 71 5.97 -36.74 16.46
N ILE A 72 5.99 -36.20 15.23
CA ILE A 72 4.79 -35.75 14.55
C ILE A 72 4.44 -36.79 13.49
N GLU A 73 3.28 -37.43 13.65
CA GLU A 73 2.89 -38.47 12.70
C GLU A 73 2.42 -37.86 11.38
N ASP A 74 1.50 -36.91 11.43
CA ASP A 74 0.96 -36.31 10.22
C ASP A 74 1.99 -35.36 9.60
N PRO A 75 2.47 -35.61 8.39
CA PRO A 75 3.44 -34.69 7.78
C PRO A 75 2.86 -33.31 7.53
N VAL A 76 1.54 -33.19 7.36
CA VAL A 76 0.93 -31.88 7.18
C VAL A 76 1.10 -31.04 8.43
N GLU A 77 1.03 -31.67 9.61
CA GLU A 77 1.24 -30.93 10.85
C GLU A 77 2.68 -30.49 11.01
N ALA A 78 3.64 -31.36 10.66
CA ALA A 78 5.04 -30.98 10.75
C ALA A 78 5.38 -29.89 9.72
N LEU A 79 4.84 -30.01 8.50
CA LEU A 79 5.06 -28.97 7.50
C LEU A 79 4.44 -27.65 7.95
N HIS A 80 3.30 -27.72 8.64
CA HIS A 80 2.64 -26.50 9.10
C HIS A 80 3.43 -25.85 10.24
N LEU A 81 4.01 -26.66 11.13
CA LEU A 81 4.83 -26.11 12.20
C LEU A 81 6.08 -25.45 11.64
N GLY A 82 6.72 -26.10 10.66
CA GLY A 82 7.90 -25.52 10.05
C GLY A 82 7.61 -24.29 9.23
N THR A 83 6.41 -24.21 8.64
CA THR A 83 6.04 -23.04 7.86
C THR A 83 5.79 -21.82 8.76
N LEU A 84 5.46 -22.02 10.03
CA LEU A 84 5.31 -20.89 10.95
C LEU A 84 6.65 -20.43 11.49
N MET A 85 7.62 -21.33 11.62
CA MET A 85 8.97 -20.91 11.99
C MET A 85 9.61 -20.10 10.88
N ALA A 86 9.37 -20.48 9.62
CA ALA A 86 9.88 -19.71 8.50
C ALA A 86 9.20 -18.34 8.42
N ALA A 87 7.88 -18.31 8.59
CA ALA A 87 7.14 -17.05 8.53
C ALA A 87 7.59 -16.09 9.62
N HIS A 88 7.97 -16.60 10.78
CA HIS A 88 8.47 -15.75 11.86
C HIS A 88 9.93 -15.38 11.68
N GLY A 89 10.64 -16.01 10.76
CA GLY A 89 11.99 -15.59 10.40
C GLY A 89 13.11 -16.33 11.09
N TYR A 90 13.00 -17.65 11.20
CA TYR A 90 14.07 -18.45 11.77
C TYR A 90 14.85 -19.23 10.71
N PHE A 91 14.18 -19.67 9.66
CA PHE A 91 14.82 -20.04 8.41
C PHE A 91 14.01 -19.46 7.27
N PHE A 92 14.62 -19.37 6.10
CA PHE A 92 14.00 -18.62 5.01
C PHE A 92 14.40 -19.24 3.68
N PRO A 93 13.52 -19.17 2.68
CA PRO A 93 13.90 -19.63 1.33
C PRO A 93 14.84 -18.63 0.68
N ILE A 94 15.95 -19.14 0.13
CA ILE A 94 16.94 -18.28 -0.49
C ILE A 94 16.47 -17.69 -1.82
N SER A 95 15.33 -18.15 -2.35
CA SER A 95 14.87 -17.75 -3.66
C SER A 95 13.51 -17.07 -3.64
N ASP A 96 13.02 -16.64 -2.48
CA ASP A 96 11.68 -16.07 -2.40
C ASP A 96 11.60 -15.10 -1.24
N HIS A 97 10.93 -13.96 -1.48
CA HIS A 97 10.63 -13.02 -0.40
C HIS A 97 9.48 -13.49 0.48
N VAL A 98 8.68 -14.44 0.02
CA VAL A 98 7.57 -14.99 0.79
C VAL A 98 8.11 -16.11 1.67
N LEU A 99 7.97 -15.93 2.98
CA LEU A 99 8.54 -16.87 3.97
C LEU A 99 7.52 -17.98 4.22
N THR A 100 7.80 -19.15 3.65
CA THR A 100 6.99 -20.34 3.89
C THR A 100 7.88 -21.56 3.72
N LEU A 101 7.34 -22.72 4.07
CA LEU A 101 8.07 -23.98 4.00
C LEU A 101 7.35 -24.93 3.06
N LYS A 102 8.12 -25.60 2.21
CA LYS A 102 7.60 -26.61 1.29
C LYS A 102 8.31 -27.93 1.54
N ASP A 103 7.56 -29.03 1.41
CA ASP A 103 8.08 -30.36 1.65
C ASP A 103 8.70 -30.93 0.37
N ASP A 104 9.73 -30.24 -0.10
CA ASP A 104 10.40 -30.63 -1.34
C ASP A 104 11.84 -30.12 -1.29
N GLY A 105 12.50 -30.09 -2.46
CA GLY A 105 13.89 -29.72 -2.60
C GLY A 105 14.21 -28.24 -2.61
N THR A 106 13.26 -27.37 -2.26
CA THR A 106 13.56 -25.95 -2.16
C THR A 106 14.61 -25.70 -1.09
N PHE A 107 15.57 -24.82 -1.39
CA PHE A 107 16.71 -24.60 -0.52
C PHE A 107 16.43 -23.48 0.48
N TYR A 108 16.82 -23.72 1.73
CA TYR A 108 16.57 -22.80 2.84
C TYR A 108 17.88 -22.51 3.56
N ARG A 109 17.83 -21.51 4.43
CA ARG A 109 19.02 -21.03 5.12
C ARG A 109 18.60 -20.55 6.50
N PHE A 110 19.38 -20.89 7.51
CA PHE A 110 19.07 -20.45 8.86
C PHE A 110 19.30 -18.96 9.03
N GLN A 111 18.49 -18.34 9.88
CA GLN A 111 18.66 -16.93 10.23
C GLN A 111 19.61 -16.80 11.40
N THR A 112 20.49 -15.81 11.32
CA THR A 112 21.44 -15.57 12.40
C THR A 112 20.71 -14.99 13.62
N PRO A 113 21.11 -15.37 14.84
CA PRO A 113 20.36 -14.92 16.03
C PRO A 113 20.29 -13.41 16.19
N TYR A 114 21.12 -12.64 15.48
CA TYR A 114 21.06 -11.19 15.59
C TYR A 114 19.76 -10.64 14.99
N PHE A 115 19.24 -11.29 13.96
CA PHE A 115 18.01 -10.86 13.31
C PHE A 115 16.78 -11.61 13.83
N TRP A 116 16.89 -12.25 14.99
CA TRP A 116 15.76 -12.99 15.54
C TRP A 116 14.67 -12.03 16.03
N PRO A 117 13.40 -12.43 15.92
CA PRO A 117 12.32 -11.55 16.37
C PRO A 117 12.31 -11.30 17.86
N SER A 118 12.93 -12.18 18.66
CA SER A 118 13.01 -12.00 20.10
C SER A 118 14.07 -10.98 20.52
N ASN A 119 14.83 -10.44 19.57
CA ASN A 119 15.96 -9.56 19.88
C ASN A 119 15.55 -8.08 19.87
N CYS A 120 14.38 -7.75 20.40
CA CYS A 120 13.90 -6.38 20.52
C CYS A 120 13.96 -5.64 19.18
N TRP A 121 13.07 -6.04 18.28
CA TRP A 121 13.04 -5.53 16.92
C TRP A 121 11.66 -4.96 16.60
N GLU A 122 11.58 -3.64 16.51
CA GLU A 122 10.46 -2.94 15.89
C GLU A 122 11.08 -1.87 15.00
N PRO A 123 11.64 -2.27 13.86
CA PRO A 123 12.43 -1.33 13.05
C PRO A 123 11.57 -0.21 12.48
N GLU A 124 12.19 0.96 12.33
CA GLU A 124 11.53 2.15 11.83
C GLU A 124 11.62 2.24 10.31
N ASN A 125 10.76 3.07 9.74
CA ASN A 125 10.78 3.31 8.30
C ASN A 125 12.09 3.97 7.87
N THR A 126 12.71 4.76 8.75
CA THR A 126 14.00 5.37 8.41
C THR A 126 15.09 4.32 8.27
N ASP A 127 14.96 3.19 8.97
CA ASP A 127 15.90 2.09 8.79
C ASP A 127 15.60 1.31 7.51
N TYR A 128 14.32 1.15 7.19
CA TYR A 128 13.94 0.49 5.95
C TYR A 128 14.36 1.30 4.73
N ALA A 129 14.27 2.63 4.83
CA ALA A 129 14.67 3.49 3.72
C ALA A 129 16.17 3.38 3.46
N VAL A 130 16.98 3.28 4.52
CA VAL A 130 18.41 3.07 4.33
C VAL A 130 18.67 1.72 3.67
N TYR A 131 17.94 0.68 4.09
CA TYR A 131 18.12 -0.64 3.50
C TYR A 131 17.75 -0.63 2.02
N LEU A 132 16.55 -0.14 1.69
CA LEU A 132 16.13 -0.09 0.29
C LEU A 132 17.06 0.77 -0.54
N CYS A 133 17.57 1.87 0.03
CA CYS A 133 18.52 2.71 -0.69
C CYS A 133 19.84 1.98 -0.90
N LYS A 134 20.29 1.23 0.10
CA LYS A 134 21.52 0.45 -0.06
C LYS A 134 21.36 -0.64 -1.11
N ARG A 135 20.15 -1.19 -1.24
CA ARG A 135 19.93 -2.29 -2.18
C ARG A 135 20.07 -1.81 -3.62
N THR A 136 19.57 -0.61 -3.93
CA THR A 136 19.66 -0.08 -5.28
C THR A 136 21.09 0.27 -5.69
N MET A 137 22.02 0.31 -4.74
CA MET A 137 23.43 0.55 -5.06
C MET A 137 24.19 -0.74 -5.36
N GLN A 138 23.71 -1.88 -4.88
CA GLN A 138 24.39 -3.14 -5.08
C GLN A 138 24.38 -3.54 -6.56
N ASN A 139 25.29 -4.45 -6.91
CA ASN A 139 25.43 -4.95 -8.28
C ASN A 139 25.72 -3.81 -9.25
N LYS A 140 26.66 -2.95 -8.86
CA LYS A 140 27.03 -1.77 -9.66
C LYS A 140 25.80 -0.91 -9.96
N ALA A 141 24.96 -0.73 -8.95
CA ALA A 141 23.73 0.06 -9.01
C ALA A 141 22.75 -0.46 -10.04
N ARG A 142 22.86 -1.74 -10.42
CA ARG A 142 21.97 -2.34 -11.40
C ARG A 142 20.93 -3.27 -10.77
N LEU A 143 20.95 -3.43 -9.45
CA LEU A 143 19.94 -4.24 -8.78
C LEU A 143 18.58 -3.56 -8.90
N GLU A 144 17.57 -4.36 -9.23
CA GLU A 144 16.19 -3.90 -9.34
C GLU A 144 15.39 -4.49 -8.19
N LEU A 145 14.80 -3.63 -7.37
CA LEU A 145 13.96 -4.08 -6.28
C LEU A 145 12.71 -4.76 -6.82
N ALA A 146 12.07 -5.54 -5.95
CA ALA A 146 10.75 -6.06 -6.27
C ALA A 146 9.76 -4.90 -6.40
N ASP A 147 8.64 -5.17 -7.10
CA ASP A 147 7.66 -4.12 -7.33
C ASP A 147 7.15 -3.53 -6.03
N TYR A 148 6.90 -4.37 -5.03
CA TYR A 148 6.43 -3.85 -3.75
C TYR A 148 7.54 -3.12 -3.00
N GLU A 149 8.79 -3.54 -3.20
CA GLU A 149 9.91 -2.82 -2.60
C GLU A 149 10.11 -1.46 -3.26
N ALA A 150 9.99 -1.40 -4.59
CA ALA A 150 10.15 -0.14 -5.30
C ALA A 150 9.03 0.83 -4.95
N GLU A 151 7.82 0.32 -4.76
CA GLU A 151 6.71 1.17 -4.34
C GLU A 151 6.89 1.63 -2.89
N SER A 152 7.51 0.80 -2.05
CA SER A 152 7.82 1.24 -0.69
C SER A 152 8.88 2.34 -0.71
N LEU A 153 9.88 2.22 -1.58
CA LEU A 153 10.92 3.24 -1.65
C LEU A 153 10.35 4.58 -2.12
N ALA A 154 9.40 4.53 -3.05
CA ALA A 154 8.79 5.78 -3.53
C ALA A 154 8.03 6.50 -2.43
N ARG A 155 7.35 5.74 -1.56
CA ARG A 155 6.66 6.37 -0.43
C ARG A 155 7.66 6.92 0.58
N LEU A 156 8.74 6.18 0.84
CA LEU A 156 9.73 6.64 1.80
C LEU A 156 10.47 7.86 1.28
N GLN A 157 10.76 7.91 -0.02
CA GLN A 157 11.38 9.09 -0.60
C GLN A 157 10.48 10.31 -0.49
N ARG A 158 9.15 10.10 -0.57
CA ARG A 158 8.22 11.22 -0.40
C ARG A 158 8.11 11.61 1.07
N ALA A 159 8.17 10.64 1.97
CA ALA A 159 8.03 10.92 3.40
C ALA A 159 9.28 11.61 3.94
N PHE A 160 10.46 11.05 3.66
CA PHE A 160 11.73 11.60 4.14
C PHE A 160 12.39 12.47 3.08
N ALA A 161 11.62 13.27 2.37
CA ALA A 161 12.15 14.05 1.25
C ALA A 161 13.13 15.12 1.72
N ARG A 162 12.96 15.64 2.94
CA ARG A 162 13.86 16.68 3.44
C ARG A 162 15.20 16.09 3.86
N LYS A 163 15.20 14.91 4.47
CA LYS A 163 16.41 14.30 5.02
C LYS A 163 16.92 13.16 4.15
N TRP A 164 16.60 13.16 2.85
CA TRP A 164 16.99 12.04 2.00
C TRP A 164 18.48 12.02 1.72
N GLU A 165 19.13 13.19 1.69
CA GLU A 165 20.57 13.22 1.45
C GLU A 165 21.33 12.45 2.53
N PHE A 166 20.81 12.44 3.76
CA PHE A 166 21.46 11.75 4.87
C PHE A 166 21.05 10.30 4.99
N ILE A 167 19.91 9.90 4.41
CA ILE A 167 19.61 8.48 4.26
C ILE A 167 20.51 7.86 3.19
N PHE A 168 20.74 8.61 2.10
CA PHE A 168 21.63 8.13 1.05
C PHE A 168 23.06 8.00 1.56
N MET A 169 23.54 9.00 2.30
CA MET A 169 24.89 8.92 2.86
C MET A 169 25.01 7.76 3.85
N GLN A 170 23.95 7.50 4.62
CA GLN A 170 23.96 6.40 5.58
C GLN A 170 24.03 5.06 4.85
N ALA A 171 23.23 4.89 3.80
CA ALA A 171 23.26 3.66 3.02
C ALA A 171 24.56 3.53 2.24
N GLU A 172 25.08 4.64 1.72
CA GLU A 172 26.36 4.61 1.03
C GLU A 172 27.49 4.24 1.98
N ALA A 173 27.36 4.58 3.26
CA ALA A 173 28.38 4.21 4.24
C ALA A 173 28.29 2.71 4.57
N GLN A 174 27.06 2.17 4.60
CA GLN A 174 26.91 0.74 4.84
C GLN A 174 27.42 -0.08 3.66
N ALA A 175 27.24 0.43 2.44
CA ALA A 175 27.66 -0.30 1.25
C ALA A 175 29.17 -0.40 1.16
N LYS A 176 29.90 0.59 1.69
CA LYS A 176 31.35 0.50 1.69
C LYS A 176 31.85 -0.58 2.64
N VAL A 177 31.11 -0.85 3.72
CA VAL A 177 31.47 -1.93 4.62
C VAL A 177 31.19 -3.28 3.96
N ASP A 178 30.07 -3.38 3.25
CA ASP A 178 29.74 -4.63 2.56
C ASP A 178 30.70 -4.90 1.41
N LYS A 179 31.25 -3.85 0.79
CA LYS A 179 32.18 -4.04 -0.32
C LYS A 179 33.50 -4.63 0.17
N LYS A 180 34.01 -4.16 1.30
CA LYS A 180 35.21 -4.72 1.91
C LYS A 180 34.80 -5.73 2.98
N ARG A 181 34.20 -6.82 2.51
CA ARG A 181 33.65 -7.86 3.37
C ARG A 181 33.79 -9.19 2.66
N ASP A 182 34.01 -10.24 3.45
CA ASP A 182 34.24 -11.58 2.92
C ASP A 182 33.13 -11.99 1.97
N LYS A 183 33.52 -12.45 0.77
CA LYS A 183 32.55 -12.70 -0.30
C LYS A 183 31.49 -13.72 0.12
N ILE A 184 31.89 -14.76 0.86
CA ILE A 184 30.93 -15.79 1.24
C ILE A 184 30.07 -15.31 2.40
N GLU A 185 30.66 -14.58 3.35
CA GLU A 185 29.87 -14.00 4.44
C GLU A 185 28.94 -12.90 3.93
N ARG A 186 29.39 -12.15 2.94
CA ARG A 186 28.56 -11.11 2.34
C ARG A 186 27.35 -11.73 1.64
N LYS A 187 27.55 -12.89 0.98
CA LYS A 187 26.44 -13.56 0.31
C LYS A 187 25.41 -14.06 1.32
N ILE A 188 25.87 -14.63 2.44
CA ILE A 188 24.96 -15.15 3.44
C ILE A 188 24.24 -14.02 4.18
N LEU A 189 24.99 -12.98 4.57
CA LEU A 189 24.38 -11.90 5.34
C LEU A 189 23.41 -11.07 4.51
N ASP A 190 23.67 -10.93 3.20
CA ASP A 190 22.75 -10.19 2.36
C ASP A 190 21.37 -10.85 2.31
N SER A 191 21.35 -12.19 2.25
CA SER A 191 20.07 -12.90 2.27
C SER A 191 19.45 -12.90 3.66
N GLN A 192 20.28 -12.91 4.70
CA GLN A 192 19.75 -12.85 6.06
C GLN A 192 19.16 -11.49 6.37
N GLU A 193 19.79 -10.42 5.89
CA GLU A 193 19.20 -9.09 6.05
C GLU A 193 17.92 -8.96 5.23
N ARG A 194 17.88 -9.61 4.06
CA ARG A 194 16.66 -9.63 3.27
C ARG A 194 15.55 -10.38 3.98
N ALA A 195 15.89 -11.51 4.62
CA ALA A 195 14.91 -12.28 5.36
C ALA A 195 14.40 -11.55 6.58
N PHE A 196 15.25 -10.71 7.19
CA PHE A 196 14.79 -9.89 8.31
C PHE A 196 13.69 -8.94 7.87
N TRP A 197 13.89 -8.26 6.74
CA TRP A 197 12.86 -7.35 6.22
C TRP A 197 11.70 -8.08 5.58
N ASP A 198 11.87 -9.35 5.23
CA ASP A 198 10.72 -10.16 4.80
C ASP A 198 9.77 -10.45 5.95
N VAL A 199 10.23 -10.30 7.20
CA VAL A 199 9.37 -10.45 8.36
C VAL A 199 8.67 -9.14 8.70
N HIS A 200 9.44 -8.06 8.82
CA HIS A 200 8.91 -6.79 9.31
C HIS A 200 8.27 -5.94 8.23
N ARG A 201 8.63 -6.15 6.97
CA ARG A 201 7.97 -5.51 5.83
C ARG A 201 7.62 -6.63 4.84
N PRO A 202 6.60 -7.43 5.14
CA PRO A 202 6.33 -8.64 4.35
C PRO A 202 5.81 -8.30 2.96
N VAL A 203 5.79 -9.33 2.11
CA VAL A 203 5.20 -9.20 0.78
C VAL A 203 3.72 -8.93 0.92
N PRO A 204 3.14 -8.01 0.17
CA PRO A 204 1.68 -7.76 0.26
C PRO A 204 0.89 -9.04 0.06
N GLY A 205 -0.04 -9.30 0.98
CA GLY A 205 -0.80 -10.53 1.00
C GLY A 205 -0.34 -11.54 2.01
N CYS A 206 0.86 -11.38 2.56
CA CYS A 206 1.39 -12.30 3.55
C CYS A 206 1.06 -11.80 4.95
N VAL A 207 0.83 -12.75 5.87
CA VAL A 207 0.53 -12.41 7.25
C VAL A 207 1.73 -11.74 7.89
N ASN A 208 1.51 -10.59 8.52
CA ASN A 208 2.56 -9.88 9.25
C ASN A 208 2.65 -10.49 10.65
N THR A 209 3.63 -11.36 10.84
CA THR A 209 3.79 -12.07 12.11
C THR A 209 4.11 -11.15 13.28
N THR A 210 4.51 -9.90 13.02
CA THR A 210 4.84 -8.95 14.08
C THR A 210 3.63 -8.20 14.61
N GLU A 211 2.47 -8.36 13.98
CA GLU A 211 1.25 -7.74 14.51
C GLU A 211 0.81 -8.46 15.77
N VAL A 212 0.47 -7.71 16.80
CA VAL A 212 0.16 -8.26 18.11
C VAL A 212 -1.25 -7.87 18.52
N ASP A 213 -1.83 -8.68 19.40
CA ASP A 213 -3.17 -8.42 19.91
C ASP A 213 -3.19 -7.12 20.70
N ILE A 214 -4.26 -6.35 20.54
CA ILE A 214 -4.36 -5.06 21.24
C ILE A 214 -4.47 -5.27 22.75
N LYS A 215 -4.95 -6.44 23.18
CA LYS A 215 -4.97 -6.74 24.61
C LYS A 215 -3.56 -6.87 25.17
N LYS A 216 -2.69 -7.56 24.43
CA LYS A 216 -1.33 -7.85 24.88
C LYS A 216 -0.34 -6.73 24.58
N SER A 217 -0.72 -5.76 23.75
CA SER A 217 0.17 -4.65 23.42
C SER A 217 0.14 -3.61 24.53
N SER A 218 0.76 -3.97 25.65
CA SER A 218 0.85 -3.09 26.81
C SER A 218 1.95 -3.55 27.76
N PRO A 252 4.41 -2.64 59.47
CA PRO A 252 3.55 -3.48 60.31
C PRO A 252 4.32 -4.53 61.11
N PRO A 253 3.85 -4.84 62.31
CA PRO A 253 4.52 -5.86 63.13
C PRO A 253 4.33 -7.25 62.54
N THR A 254 5.21 -8.15 62.94
CA THR A 254 5.09 -9.51 62.43
C THR A 254 4.22 -10.35 63.37
N GLU A 255 3.30 -9.68 64.04
CA GLU A 255 2.28 -10.34 64.82
C GLU A 255 0.95 -10.38 64.09
N ASP A 256 0.57 -9.31 63.39
CA ASP A 256 -0.62 -9.34 62.55
C ASP A 256 -0.41 -10.14 61.27
N GLU A 257 0.84 -10.25 60.81
CA GLU A 257 1.11 -11.03 59.60
C GLU A 257 0.84 -12.51 59.82
N LEU A 258 1.23 -13.04 60.98
CA LEU A 258 0.90 -14.42 61.31
C LEU A 258 -0.60 -14.60 61.50
N GLN A 259 -1.27 -13.58 62.04
CA GLN A 259 -2.73 -13.65 62.18
C GLN A 259 -3.43 -13.64 60.83
N GLN A 260 -2.86 -12.96 59.84
CA GLN A 260 -3.42 -13.00 58.49
C GLN A 260 -3.23 -14.37 57.85
N GLN A 261 -2.15 -15.08 58.21
CA GLN A 261 -1.91 -16.41 57.66
C GLN A 261 -2.89 -17.42 58.24
N ILE A 262 -3.07 -17.42 59.56
CA ILE A 262 -3.84 -18.48 60.22
C ILE A 262 -5.27 -18.49 59.72
N LYS A 263 -5.89 -17.32 59.58
CA LYS A 263 -7.25 -17.27 59.03
C LYS A 263 -7.28 -17.69 57.57
N TYR A 264 -6.19 -17.43 56.84
CA TYR A 264 -6.14 -17.81 55.42
C TYR A 264 -6.16 -19.32 55.26
N TRP A 265 -5.29 -20.03 55.97
CA TRP A 265 -5.20 -21.48 55.82
C TRP A 265 -6.42 -22.19 56.39
N GLN A 266 -7.02 -21.65 57.46
CA GLN A 266 -8.20 -22.29 58.04
C GLN A 266 -9.38 -22.25 57.07
N ILE A 267 -9.52 -21.16 56.31
CA ILE A 267 -10.57 -21.08 55.31
C ILE A 267 -10.38 -22.15 54.25
N GLN A 268 -9.13 -22.43 53.87
CA GLN A 268 -8.86 -23.44 52.87
C GLN A 268 -9.21 -24.84 53.37
N LEU A 269 -9.03 -25.10 54.66
CA LEU A 269 -9.37 -26.41 55.21
C LEU A 269 -10.88 -26.62 55.30
N ASP A 270 -11.65 -25.53 55.42
CA ASP A 270 -13.10 -25.63 55.53
C ASP A 270 -13.75 -26.07 54.22
N ARG A 271 -13.05 -25.97 53.10
N ARG A 271 -13.04 -25.98 53.11
CA ARG A 271 -13.64 -26.35 51.82
CA ARG A 271 -13.58 -26.38 51.81
C ARG A 271 -13.78 -27.86 51.72
C ARG A 271 -13.78 -27.88 51.76
N HIS A 272 -14.93 -28.31 51.25
CA HIS A 272 -15.25 -29.72 51.08
C HIS A 272 -14.71 -30.20 49.74
N ARG A 273 -13.79 -31.16 49.78
CA ARG A 273 -13.17 -31.73 48.60
C ARG A 273 -13.57 -33.20 48.46
N LEU A 274 -13.27 -33.76 47.29
CA LEU A 274 -13.58 -35.15 46.98
C LEU A 274 -12.33 -35.89 46.55
N LYS A 275 -12.35 -37.21 46.74
CA LYS A 275 -11.29 -38.06 46.23
C LYS A 275 -11.25 -37.96 44.70
N MET A 276 -10.03 -38.08 44.15
CA MET A 276 -9.90 -38.10 42.70
C MET A 276 -10.59 -39.31 42.09
N SER A 277 -10.68 -40.41 42.84
CA SER A 277 -11.38 -41.60 42.34
C SER A 277 -12.88 -41.31 42.18
N LYS A 278 -13.49 -40.68 43.18
CA LYS A 278 -14.89 -40.31 43.08
C LYS A 278 -15.11 -39.26 42.01
N VAL A 279 -14.21 -38.28 41.91
CA VAL A 279 -14.34 -37.23 40.90
C VAL A 279 -14.21 -37.83 39.51
N ALA A 280 -13.21 -38.69 39.31
CA ALA A 280 -13.01 -39.31 38.01
C ALA A 280 -14.18 -40.23 37.65
N ASP A 281 -14.75 -40.92 38.64
CA ASP A 281 -15.88 -41.79 38.37
C ASP A 281 -17.10 -41.00 37.91
N SER A 282 -17.36 -39.85 38.53
CA SER A 282 -18.52 -39.05 38.16
C SER A 282 -18.36 -38.38 36.80
N LEU A 283 -17.13 -37.98 36.45
CA LEU A 283 -16.90 -37.41 35.12
C LEU A 283 -17.04 -38.48 34.04
N LEU A 284 -16.54 -39.68 34.29
CA LEU A 284 -16.61 -40.76 33.30
C LEU A 284 -18.05 -41.18 33.07
N SER A 285 -18.85 -41.26 34.13
CA SER A 285 -20.24 -41.70 34.00
C SER A 285 -21.14 -40.60 33.44
N TYR A 286 -20.87 -39.34 33.78
CA TYR A 286 -21.67 -38.24 33.23
C TYR A 286 -21.47 -38.12 31.72
N THR A 287 -20.23 -38.27 31.25
CA THR A 287 -19.94 -38.15 29.82
C THR A 287 -20.51 -39.34 29.05
N GLU A 288 -20.28 -40.56 29.56
CA GLU A 288 -20.83 -41.75 28.93
C GLU A 288 -22.35 -41.68 28.80
N GLN A 289 -23.00 -40.95 29.72
CA GLN A 289 -24.45 -40.83 29.69
C GLN A 289 -24.93 -40.09 28.44
N TYR A 290 -24.17 -39.09 28.00
CA TYR A 290 -24.59 -38.23 26.89
C TYR A 290 -23.85 -38.53 25.59
N VAL A 291 -23.04 -39.59 25.55
CA VAL A 291 -22.33 -39.92 24.31
C VAL A 291 -23.32 -40.20 23.19
N GLU A 292 -24.42 -40.90 23.50
CA GLU A 292 -25.44 -41.18 22.49
C GLU A 292 -26.15 -39.91 22.03
N TYR A 293 -26.02 -38.81 22.76
CA TYR A 293 -26.64 -37.54 22.41
C TYR A 293 -25.63 -36.57 21.78
N ASP A 294 -24.36 -36.91 21.74
CA ASP A 294 -23.33 -36.02 21.23
C ASP A 294 -23.21 -36.20 19.72
N PRO A 295 -23.60 -35.21 18.92
CA PRO A 295 -23.56 -35.39 17.45
C PRO A 295 -22.16 -35.63 16.91
N PHE A 296 -21.12 -35.13 17.60
CA PHE A 296 -19.75 -35.42 17.18
C PHE A 296 -19.36 -36.87 17.41
N LEU A 297 -20.10 -37.59 18.26
CA LEU A 297 -19.79 -38.96 18.60
C LEU A 297 -20.81 -39.98 18.10
N ALA A 298 -22.08 -39.57 17.94
CA ALA A 298 -23.13 -40.46 17.47
C ALA A 298 -23.96 -39.69 16.45
N PRO A 299 -24.21 -40.27 15.28
CA PRO A 299 -24.91 -39.54 14.22
C PRO A 299 -26.34 -39.22 14.62
N PRO A 300 -26.77 -37.96 14.44
CA PRO A 300 -28.12 -37.59 14.83
C PRO A 300 -29.18 -38.23 13.95
N ASP A 301 -30.40 -38.31 14.49
CA ASP A 301 -31.55 -38.87 13.79
C ASP A 301 -32.38 -37.73 13.24
N PRO A 302 -32.61 -37.64 11.91
CA PRO A 302 -32.13 -38.58 10.88
C PRO A 302 -30.73 -38.30 10.35
N SER A 303 -30.28 -37.05 10.44
CA SER A 303 -28.97 -36.69 9.92
C SER A 303 -28.52 -35.37 10.52
N ASN A 304 -27.21 -35.16 10.52
CA ASN A 304 -26.64 -33.89 10.96
C ASN A 304 -26.93 -32.83 9.89
N PRO A 305 -27.67 -31.77 10.20
CA PRO A 305 -28.04 -30.79 9.16
C PRO A 305 -26.85 -30.15 8.48
N TRP A 306 -25.70 -30.05 9.15
CA TRP A 306 -24.52 -29.46 8.54
C TRP A 306 -23.83 -30.40 7.56
N LEU A 307 -24.13 -31.70 7.62
CA LEU A 307 -23.56 -32.67 6.69
C LEU A 307 -24.50 -33.04 5.55
N SER A 308 -25.81 -33.01 5.79
CA SER A 308 -26.79 -33.43 4.81
C SER A 308 -27.63 -32.30 4.24
N ASP A 309 -27.52 -31.08 4.81
CA ASP A 309 -28.35 -29.94 4.42
C ASP A 309 -29.84 -30.25 4.60
N ASP A 310 -30.15 -31.15 5.53
CA ASP A 310 -31.51 -31.54 5.86
C ASP A 310 -31.80 -31.07 7.29
N THR A 311 -32.73 -30.14 7.42
CA THR A 311 -33.03 -29.50 8.71
C THR A 311 -34.11 -30.21 9.50
N THR A 312 -34.49 -31.44 9.11
CA THR A 312 -35.54 -32.15 9.84
C THR A 312 -35.11 -32.45 11.28
N PHE A 313 -33.81 -32.58 11.53
CA PHE A 313 -33.33 -32.81 12.89
C PHE A 313 -33.64 -31.62 13.79
N TRP A 314 -33.52 -30.40 13.26
CA TRP A 314 -33.83 -29.21 14.05
C TRP A 314 -35.32 -29.08 14.32
N GLU A 315 -36.16 -29.47 13.36
CA GLU A 315 -37.61 -29.40 13.56
C GLU A 315 -38.09 -30.45 14.55
N LEU A 316 -37.45 -31.62 14.57
CA LEU A 316 -37.81 -32.63 15.57
C LEU A 316 -37.38 -32.20 16.96
N GLU A 317 -36.20 -31.60 17.07
CA GLU A 317 -35.73 -31.10 18.37
C GLU A 317 -36.63 -30.00 18.91
N ALA A 318 -37.29 -29.26 18.04
CA ALA A 318 -38.16 -28.16 18.43
C ALA A 318 -39.63 -28.54 18.47
N SER A 319 -39.98 -29.79 18.16
CA SER A 319 -41.37 -30.21 18.13
C SER A 319 -41.94 -30.26 19.55
N LYS A 320 -43.26 -30.10 19.65
CA LYS A 320 -43.94 -30.23 20.93
C LYS A 320 -44.25 -31.68 21.29
N GLU A 321 -44.12 -32.60 20.35
CA GLU A 321 -44.18 -34.03 20.66
C GLU A 321 -42.76 -34.55 20.79
N PRO A 322 -42.30 -34.91 21.99
CA PRO A 322 -40.90 -35.28 22.17
C PRO A 322 -40.61 -36.70 21.72
N SER A 323 -39.36 -36.92 21.32
CA SER A 323 -38.89 -38.24 20.96
C SER A 323 -38.60 -39.05 22.22
N GLN A 324 -38.38 -40.35 22.03
CA GLN A 324 -38.14 -41.24 23.18
C GLN A 324 -36.79 -40.92 23.83
N GLN A 325 -35.78 -40.57 23.02
CA GLN A 325 -34.51 -40.15 23.58
C GLN A 325 -34.63 -38.84 24.34
N ARG A 326 -35.51 -37.95 23.88
CA ARG A 326 -35.74 -36.69 24.57
C ARG A 326 -36.42 -36.91 25.92
N VAL A 327 -37.41 -37.81 25.96
CA VAL A 327 -38.07 -38.13 27.23
C VAL A 327 -37.12 -38.90 28.14
N LYS A 328 -36.35 -39.82 27.59
CA LYS A 328 -35.34 -40.55 28.36
C LYS A 328 -34.34 -39.60 29.00
N ARG A 329 -34.05 -38.48 28.33
CA ARG A 329 -33.09 -37.52 28.86
C ARG A 329 -33.64 -36.81 30.10
N TRP A 330 -34.97 -36.66 30.20
CA TRP A 330 -35.56 -36.03 31.37
C TRP A 330 -35.27 -36.82 32.65
N GLY A 331 -35.15 -38.15 32.53
CA GLY A 331 -34.82 -39.05 33.60
C GLY A 331 -33.39 -39.00 34.09
N PHE A 332 -32.50 -38.30 33.38
CA PHE A 332 -31.11 -38.18 33.83
C PHE A 332 -30.98 -37.33 35.09
N GLY A 333 -31.96 -36.48 35.37
CA GLY A 333 -31.91 -35.57 36.49
C GLY A 333 -32.90 -34.44 36.31
N MET A 334 -33.17 -33.74 37.40
CA MET A 334 -34.19 -32.69 37.35
C MET A 334 -33.74 -31.51 36.49
N ASP A 335 -32.44 -31.27 36.39
CA ASP A 335 -31.94 -30.20 35.54
C ASP A 335 -32.29 -30.43 34.08
N GLU A 336 -32.28 -31.68 33.64
CA GLU A 336 -32.64 -31.99 32.26
C GLU A 336 -34.13 -31.79 32.02
N ALA A 337 -34.96 -32.11 33.02
CA ALA A 337 -36.39 -31.90 32.87
C ALA A 337 -36.74 -30.42 32.85
N LEU A 338 -36.03 -29.62 33.65
CA LEU A 338 -36.29 -28.18 33.70
C LEU A 338 -35.67 -27.45 32.51
N LYS A 339 -34.56 -27.94 31.98
CA LYS A 339 -33.99 -27.34 30.77
C LYS A 339 -34.94 -27.47 29.59
N ASP A 340 -35.50 -28.66 29.40
CA ASP A 340 -36.39 -28.91 28.27
C ASP A 340 -37.72 -28.20 28.52
N PRO A 341 -38.15 -27.30 27.63
CA PRO A 341 -39.43 -26.62 27.84
C PRO A 341 -40.62 -27.57 27.82
N VAL A 342 -40.57 -28.63 27.01
CA VAL A 342 -41.62 -29.64 27.06
C VAL A 342 -41.51 -30.46 28.33
N GLY A 343 -40.29 -30.78 28.76
CA GLY A 343 -40.10 -31.47 30.03
C GLY A 343 -40.58 -30.64 31.20
N ARG A 344 -40.41 -29.31 31.12
CA ARG A 344 -40.89 -28.43 32.17
C ARG A 344 -42.42 -28.40 32.21
N GLU A 345 -43.06 -28.41 31.03
CA GLU A 345 -44.51 -28.41 30.99
C GLU A 345 -45.08 -29.71 31.54
N GLN A 346 -44.51 -30.86 31.13
CA GLN A 346 -45.01 -32.14 31.59
C GLN A 346 -44.73 -32.36 33.09
N PHE A 347 -43.59 -31.88 33.56
CA PHE A 347 -43.30 -31.94 34.99
C PHE A 347 -44.34 -31.14 35.78
N LEU A 348 -44.62 -29.91 35.34
CA LEU A 348 -45.61 -29.09 36.02
C LEU A 348 -47.02 -29.67 35.85
N LYS A 349 -47.32 -30.22 34.68
CA LYS A 349 -48.64 -30.79 34.44
C LYS A 349 -48.91 -31.98 35.36
N PHE A 350 -47.87 -32.78 35.63
CA PHE A 350 -48.04 -33.91 36.53
C PHE A 350 -48.28 -33.45 37.96
N LEU A 351 -47.45 -32.51 38.45
CA LEU A 351 -47.57 -32.06 39.84
C LEU A 351 -48.93 -31.43 40.10
N GLU A 352 -49.47 -30.68 39.13
CA GLU A 352 -50.80 -30.11 39.29
C GLU A 352 -51.87 -31.21 39.33
N SER A 353 -51.63 -32.33 38.65
CA SER A 353 -52.57 -33.45 38.69
C SER A 353 -52.50 -34.21 40.01
N GLU A 354 -51.39 -34.12 40.74
CA GLU A 354 -51.27 -34.71 42.07
C GLU A 354 -51.45 -33.68 43.17
N PHE A 355 -51.84 -32.45 42.82
CA PHE A 355 -52.10 -31.37 43.79
C PHE A 355 -50.88 -31.11 44.67
N SER A 356 -49.72 -30.93 44.02
CA SER A 356 -48.47 -30.71 44.74
C SER A 356 -47.49 -29.85 43.95
N SER A 357 -48.00 -28.91 43.16
CA SER A 357 -47.18 -28.07 42.29
C SER A 357 -46.62 -26.83 42.99
N GLU A 358 -46.99 -26.59 44.25
CA GLU A 358 -46.61 -25.35 44.92
C GLU A 358 -45.10 -25.17 44.97
N ASN A 359 -44.36 -26.25 45.15
CA ASN A 359 -42.91 -26.15 45.23
C ASN A 359 -42.32 -25.71 43.88
N LEU A 360 -42.77 -26.32 42.79
CA LEU A 360 -42.22 -25.99 41.48
C LEU A 360 -42.65 -24.60 41.03
N ARG A 361 -43.91 -24.24 41.28
CA ARG A 361 -44.38 -22.93 40.86
C ARG A 361 -43.67 -21.81 41.61
N PHE A 362 -43.28 -22.05 42.86
CA PHE A 362 -42.46 -21.07 43.58
C PHE A 362 -41.07 -20.98 42.97
N TRP A 363 -40.45 -22.13 42.69
CA TRP A 363 -39.14 -22.14 42.06
C TRP A 363 -39.17 -21.44 40.71
N LEU A 364 -40.21 -21.70 39.91
CA LEU A 364 -40.35 -21.02 38.63
C LEU A 364 -40.58 -19.53 38.79
N ALA A 365 -41.24 -19.12 39.88
CA ALA A 365 -41.48 -17.69 40.11
C ALA A 365 -40.19 -16.96 40.47
N VAL A 366 -39.33 -17.61 41.26
CA VAL A 366 -38.07 -16.97 41.65
C VAL A 366 -37.12 -16.89 40.45
N GLU A 367 -37.09 -17.93 39.62
CA GLU A 367 -36.25 -17.90 38.42
C GLU A 367 -36.68 -16.79 37.47
N ASP A 368 -37.98 -16.55 37.36
CA ASP A 368 -38.46 -15.43 36.56
C ASP A 368 -38.08 -14.10 37.20
N LEU A 369 -38.09 -14.04 38.53
CA LEU A 369 -37.71 -12.81 39.23
C LEU A 369 -36.30 -12.37 38.86
N LYS A 370 -35.37 -13.32 38.77
CA LYS A 370 -34.00 -13.01 38.39
C LYS A 370 -33.87 -12.72 36.89
N LYS A 371 -34.95 -12.87 36.13
CA LYS A 371 -34.98 -12.52 34.71
C LYS A 371 -35.58 -11.15 34.45
N ARG A 372 -36.13 -10.49 35.49
CA ARG A 372 -36.80 -9.22 35.35
C ARG A 372 -35.81 -8.07 35.43
N PRO A 373 -36.11 -6.94 34.81
CA PRO A 373 -35.28 -5.74 35.02
C PRO A 373 -35.40 -5.24 36.44
N ILE A 374 -34.30 -4.66 36.95
CA ILE A 374 -34.24 -4.22 38.34
C ILE A 374 -35.34 -3.23 38.69
N ARG A 375 -35.98 -2.62 37.70
CA ARG A 375 -37.10 -1.73 37.96
C ARG A 375 -38.32 -2.49 38.48
N GLU A 376 -38.50 -3.74 38.05
CA GLU A 376 -39.69 -4.51 38.36
C GLU A 376 -39.54 -5.40 39.59
N VAL A 377 -38.32 -5.63 40.07
CA VAL A 377 -38.09 -6.64 41.10
C VAL A 377 -38.64 -6.26 42.48
N PRO A 378 -38.74 -4.98 42.89
CA PRO A 378 -39.29 -4.74 44.23
C PRO A 378 -40.75 -5.10 44.36
N SER A 379 -41.58 -4.78 43.36
CA SER A 379 -42.98 -5.16 43.41
C SER A 379 -43.17 -6.65 43.19
N ARG A 380 -42.33 -7.27 42.36
CA ARG A 380 -42.45 -8.70 42.11
C ARG A 380 -42.05 -9.51 43.33
N VAL A 381 -41.09 -9.02 44.12
CA VAL A 381 -40.71 -9.73 45.35
C VAL A 381 -41.89 -9.81 46.31
N GLN A 382 -42.67 -8.73 46.40
CA GLN A 382 -43.82 -8.73 47.30
C GLN A 382 -44.91 -9.68 46.80
N GLU A 383 -45.07 -9.79 45.48
CA GLU A 383 -46.08 -10.69 44.94
C GLU A 383 -45.72 -12.15 45.19
N ILE A 384 -44.43 -12.49 45.06
CA ILE A 384 -43.99 -13.85 45.37
C ILE A 384 -44.18 -14.14 46.86
N TRP A 385 -43.86 -13.16 47.71
CA TRP A 385 -44.01 -13.35 49.15
C TRP A 385 -45.48 -13.54 49.53
N GLN A 386 -46.37 -12.77 48.92
CA GLN A 386 -47.80 -12.87 49.27
C GLN A 386 -48.40 -14.16 48.77
N GLU A 387 -47.95 -14.66 47.60
CA GLU A 387 -48.57 -15.84 47.02
C GLU A 387 -48.07 -17.14 47.64
N PHE A 388 -46.80 -17.20 48.05
CA PHE A 388 -46.19 -18.45 48.47
C PHE A 388 -45.79 -18.51 49.93
N LEU A 389 -45.39 -17.39 50.54
CA LEU A 389 -44.74 -17.44 51.84
C LEU A 389 -45.49 -16.75 52.95
N ALA A 390 -46.19 -15.66 52.66
CA ALA A 390 -46.89 -14.91 53.70
C ALA A 390 -47.93 -15.80 54.39
N PRO A 391 -48.25 -15.53 55.65
CA PRO A 391 -49.27 -16.34 56.34
C PRO A 391 -50.63 -16.18 55.66
N GLY A 392 -51.26 -17.32 55.39
CA GLY A 392 -52.51 -17.31 54.65
C GLY A 392 -52.32 -17.17 53.16
N ALA A 393 -51.28 -17.79 52.61
CA ALA A 393 -50.98 -17.61 51.20
C ALA A 393 -51.77 -18.60 50.35
N PRO A 394 -52.11 -18.23 49.11
CA PRO A 394 -52.86 -19.16 48.26
C PRO A 394 -52.08 -20.41 47.89
N SER A 395 -50.78 -20.27 47.59
CA SER A 395 -49.94 -21.40 47.25
C SER A 395 -48.83 -21.55 48.28
N ALA A 396 -49.21 -21.75 49.55
CA ALA A 396 -48.24 -21.73 50.64
C ALA A 396 -47.28 -22.91 50.55
N ILE A 397 -45.99 -22.61 50.54
CA ILE A 397 -44.95 -23.63 50.61
C ILE A 397 -44.47 -23.71 52.06
N ASN A 398 -43.78 -24.80 52.37
CA ASN A 398 -43.27 -25.05 53.72
C ASN A 398 -41.75 -25.00 53.69
N LEU A 399 -41.19 -23.96 54.30
CA LEU A 399 -39.74 -23.82 54.46
C LEU A 399 -39.32 -24.24 55.87
N ASP A 400 -38.03 -24.50 56.02
CA ASP A 400 -37.47 -24.63 57.35
C ASP A 400 -37.44 -23.25 58.02
N SER A 401 -37.41 -23.27 59.35
CA SER A 401 -37.47 -22.03 60.11
C SER A 401 -36.30 -21.11 59.78
N LYS A 402 -35.13 -21.68 59.45
CA LYS A 402 -33.98 -20.84 59.14
C LYS A 402 -34.16 -20.09 57.83
N SER A 403 -34.67 -20.78 56.79
CA SER A 403 -34.88 -20.11 55.51
C SER A 403 -36.04 -19.13 55.56
N TYR A 404 -37.07 -19.44 56.36
CA TYR A 404 -38.23 -18.56 56.44
C TYR A 404 -37.89 -17.28 57.19
N ASP A 405 -37.11 -17.38 58.27
CA ASP A 405 -36.70 -16.18 59.00
C ASP A 405 -35.80 -15.29 58.15
N LYS A 406 -34.84 -15.89 57.44
CA LYS A 406 -33.96 -15.12 56.58
C LYS A 406 -34.73 -14.43 55.46
N THR A 407 -35.70 -15.14 54.87
CA THR A 407 -36.48 -14.56 53.77
C THR A 407 -37.39 -13.45 54.27
N THR A 408 -37.96 -13.61 55.47
CA THR A 408 -38.81 -12.56 56.03
C THR A 408 -38.03 -11.26 56.22
N GLN A 409 -36.75 -11.36 56.59
CA GLN A 409 -35.93 -10.17 56.72
C GLN A 409 -35.44 -9.66 55.37
N ASN A 410 -35.25 -10.56 54.39
CA ASN A 410 -34.81 -10.14 53.07
C ASN A 410 -35.92 -9.40 52.31
N VAL A 411 -37.18 -9.79 52.54
CA VAL A 411 -38.28 -9.10 51.87
C VAL A 411 -38.40 -7.66 52.35
N LYS A 412 -37.96 -7.37 53.58
CA LYS A 412 -37.94 -5.99 54.08
C LYS A 412 -37.10 -5.09 53.18
N GLU A 413 -36.09 -5.63 52.52
CA GLU A 413 -35.27 -4.88 51.56
C GLU A 413 -35.16 -5.73 50.29
N PRO A 414 -36.11 -5.60 49.37
CA PRO A 414 -36.17 -6.52 48.23
C PRO A 414 -34.98 -6.37 47.29
N GLY A 415 -34.65 -7.49 46.64
CA GLY A 415 -33.58 -7.55 45.67
C GLY A 415 -33.76 -8.79 44.80
N ARG A 416 -32.82 -8.97 43.87
CA ARG A 416 -32.91 -10.09 42.96
C ARG A 416 -32.64 -11.43 43.65
N TYR A 417 -31.93 -11.43 44.77
CA TYR A 417 -31.57 -12.65 45.48
C TYR A 417 -32.30 -12.78 46.81
N THR A 418 -33.51 -12.23 46.89
CA THR A 418 -34.27 -12.28 48.14
C THR A 418 -34.66 -13.71 48.50
N PHE A 419 -34.96 -14.55 47.51
CA PHE A 419 -35.46 -15.89 47.76
C PHE A 419 -34.43 -16.98 47.50
N GLU A 420 -33.13 -16.63 47.46
CA GLU A 420 -32.12 -17.63 47.13
C GLU A 420 -32.02 -18.71 48.20
N ASP A 421 -32.03 -18.34 49.48
CA ASP A 421 -31.97 -19.33 50.54
C ASP A 421 -33.20 -20.23 50.54
N ALA A 422 -34.35 -19.68 50.17
CA ALA A 422 -35.58 -20.48 50.09
C ALA A 422 -35.60 -21.34 48.83
N GLN A 423 -35.25 -20.75 47.69
CA GLN A 423 -35.22 -21.52 46.43
C GLN A 423 -34.23 -22.66 46.53
N GLU A 424 -33.09 -22.44 47.17
CA GLU A 424 -32.12 -23.50 47.38
C GLU A 424 -32.75 -24.67 48.13
N HIS A 425 -33.54 -24.37 49.16
CA HIS A 425 -34.19 -25.42 49.95
C HIS A 425 -35.27 -26.14 49.14
N ILE A 426 -36.09 -25.37 48.41
CA ILE A 426 -37.17 -25.97 47.64
C ILE A 426 -36.61 -26.81 46.49
N TYR A 427 -35.49 -26.37 45.91
CA TYR A 427 -34.87 -27.11 44.81
C TYR A 427 -34.42 -28.49 45.26
N LYS A 428 -33.72 -28.57 46.39
CA LYS A 428 -33.31 -29.86 46.93
C LYS A 428 -34.51 -30.70 47.35
N LEU A 429 -35.59 -30.05 47.77
CA LEU A 429 -36.78 -30.78 48.18
C LEU A 429 -37.45 -31.46 46.99
N MET A 430 -37.61 -30.73 45.88
CA MET A 430 -38.15 -31.34 44.66
C MET A 430 -37.20 -32.40 44.12
N LYS A 431 -35.90 -32.14 44.19
CA LYS A 431 -34.90 -33.09 43.68
C LYS A 431 -35.03 -34.45 44.33
N SER A 432 -35.55 -34.50 45.56
CA SER A 432 -35.71 -35.74 46.30
C SER A 432 -37.16 -36.18 46.45
N ASP A 433 -38.14 -35.35 46.07
CA ASP A 433 -39.53 -35.70 46.26
C ASP A 433 -40.34 -35.51 44.98
N SER A 434 -40.57 -34.26 44.59
CA SER A 434 -41.43 -33.98 43.45
C SER A 434 -40.89 -34.57 42.15
N TYR A 435 -39.57 -34.51 41.96
CA TYR A 435 -39.00 -35.03 40.72
C TYR A 435 -39.07 -36.56 40.63
N PRO A 436 -38.70 -37.33 41.66
CA PRO A 436 -38.91 -38.79 41.57
C PRO A 436 -40.37 -39.17 41.39
N ARG A 437 -41.30 -38.34 41.87
CA ARG A 437 -42.72 -38.62 41.66
C ARG A 437 -43.09 -38.49 40.18
N PHE A 438 -42.49 -37.52 39.48
CA PHE A 438 -42.78 -37.31 38.07
C PHE A 438 -42.23 -38.43 37.22
N ILE A 439 -40.97 -38.83 37.49
CA ILE A 439 -40.32 -39.87 36.69
C ILE A 439 -41.03 -41.20 36.86
N ARG A 440 -41.63 -41.44 38.03
CA ARG A 440 -42.31 -42.70 38.32
C ARG A 440 -43.80 -42.66 37.97
N SER A 441 -44.31 -41.55 37.45
CA SER A 441 -45.72 -41.43 37.13
C SER A 441 -46.06 -42.18 35.85
N SER A 442 -47.32 -42.61 35.75
CA SER A 442 -47.78 -43.25 34.52
C SER A 442 -47.74 -42.27 33.35
N ALA A 443 -47.86 -40.98 33.62
CA ALA A 443 -47.76 -39.99 32.54
C ALA A 443 -46.39 -40.03 31.88
N TYR A 444 -45.32 -40.03 32.69
CA TYR A 444 -43.98 -40.10 32.14
C TYR A 444 -43.72 -41.45 31.48
N GLN A 445 -44.14 -42.55 32.13
CA GLN A 445 -43.91 -43.88 31.57
C GLN A 445 -44.61 -44.07 30.24
N GLU A 446 -45.76 -43.42 30.05
CA GLU A 446 -46.45 -43.51 28.76
C GLU A 446 -45.76 -42.67 27.70
N LEU A 447 -45.05 -41.61 28.10
CA LEU A 447 -44.23 -40.86 27.16
C LEU A 447 -42.93 -41.59 26.85
N LEU A 448 -42.36 -42.25 27.86
CA LEU A 448 -41.08 -42.94 27.69
C LEU A 448 -41.20 -44.18 26.80
N GLN A 449 -42.41 -44.70 26.59
CA GLN A 449 -42.62 -45.94 25.85
C GLN A 449 -43.51 -45.65 24.63
N ALA A 450 -42.88 -45.36 23.51
CA ALA A 450 -43.59 -45.10 22.27
C ALA A 450 -43.30 -46.18 21.23
N SER B 18 -1.87 28.50 -13.74
CA SER B 18 -1.03 27.32 -13.63
C SER B 18 -1.19 26.42 -14.87
N PRO B 19 -0.10 25.80 -15.30
CA PRO B 19 -0.16 24.97 -16.52
C PRO B 19 -1.08 23.77 -16.40
N ASN B 20 -1.16 23.15 -15.22
CA ASN B 20 -2.09 22.04 -15.00
C ASN B 20 -3.56 22.47 -15.02
N MET B 21 -3.84 23.78 -14.91
CA MET B 21 -5.20 24.31 -14.91
C MET B 21 -5.78 24.50 -16.32
N LEU B 22 -4.97 25.00 -17.26
CA LEU B 22 -5.48 25.25 -18.61
C LEU B 22 -5.74 23.96 -19.38
N VAL B 23 -5.22 22.82 -18.92
CA VAL B 23 -5.63 21.55 -19.49
C VAL B 23 -7.01 21.16 -18.96
N TYR B 24 -7.27 21.41 -17.68
CA TYR B 24 -8.60 21.21 -17.12
C TYR B 24 -9.62 22.10 -17.83
N ARG B 25 -9.27 23.38 -18.02
CA ARG B 25 -10.17 24.31 -18.70
C ARG B 25 -10.58 23.80 -20.07
N LYS B 26 -9.63 23.23 -20.82
CA LYS B 26 -9.96 22.66 -22.12
C LYS B 26 -10.83 21.42 -21.98
N MET B 27 -10.63 20.64 -20.92
CA MET B 27 -11.42 19.43 -20.74
C MET B 27 -12.86 19.74 -20.37
N GLU B 28 -13.06 20.60 -19.37
CA GLU B 28 -14.42 20.97 -18.99
C GLU B 28 -15.07 21.88 -20.02
N ASP B 29 -14.32 22.41 -20.99
CA ASP B 29 -14.94 23.05 -22.13
C ASP B 29 -15.61 22.02 -23.04
N VAL B 30 -14.96 20.88 -23.26
CA VAL B 30 -15.57 19.81 -24.02
C VAL B 30 -16.78 19.24 -23.28
N ILE B 31 -16.67 19.10 -21.96
CA ILE B 31 -17.80 18.65 -21.16
C ILE B 31 -18.99 19.59 -21.33
N ALA B 32 -18.73 20.90 -21.40
CA ALA B 32 -19.80 21.87 -21.61
C ALA B 32 -20.48 21.64 -22.96
N ARG B 33 -19.70 21.34 -24.00
CA ARG B 33 -20.29 21.05 -25.30
C ARG B 33 -21.01 19.71 -25.32
N MET B 34 -20.63 18.78 -24.44
CA MET B 34 -21.28 17.47 -24.41
C MET B 34 -22.68 17.54 -23.82
N GLN B 35 -22.94 18.52 -22.95
CA GLN B 35 -24.23 18.65 -22.29
C GLN B 35 -24.96 19.92 -22.73
N ASP B 36 -24.86 20.25 -24.01
CA ASP B 36 -25.51 21.43 -24.54
C ASP B 36 -27.03 21.27 -24.52
N GLU B 37 -27.73 22.40 -24.63
CA GLU B 37 -29.20 22.39 -24.54
C GLU B 37 -29.81 21.52 -25.64
N LYS B 38 -29.32 21.63 -26.87
CA LYS B 38 -29.81 20.84 -27.98
C LYS B 38 -28.81 19.80 -28.46
N ASN B 39 -27.59 20.21 -28.75
CA ASN B 39 -26.55 19.28 -29.15
C ASN B 39 -26.02 18.53 -27.93
N GLY B 40 -25.33 17.43 -28.21
CA GLY B 40 -24.68 16.66 -27.18
C GLY B 40 -24.95 15.18 -27.35
N ILE B 41 -24.91 14.46 -26.22
CA ILE B 41 -25.12 13.02 -26.21
C ILE B 41 -26.39 12.71 -25.44
N PRO B 42 -27.24 11.80 -25.93
CA PRO B 42 -28.51 11.51 -25.27
C PRO B 42 -28.29 10.78 -23.95
N ILE B 43 -29.00 11.23 -22.91
CA ILE B 43 -28.89 10.70 -21.56
C ILE B 43 -30.18 9.97 -21.24
N ARG B 44 -30.11 8.65 -21.19
CA ARG B 44 -31.28 7.79 -21.02
C ARG B 44 -31.29 7.14 -19.65
N THR B 45 -32.44 6.54 -19.32
CA THR B 45 -32.64 5.80 -18.08
C THR B 45 -32.99 4.36 -18.45
N VAL B 46 -32.03 3.46 -18.29
CA VAL B 46 -32.18 2.06 -18.67
C VAL B 46 -32.85 1.29 -17.54
N LYS B 47 -33.60 0.25 -17.90
CA LYS B 47 -34.44 -0.47 -16.97
C LYS B 47 -34.27 -1.97 -17.14
N SER B 48 -34.29 -2.71 -16.02
CA SER B 48 -34.22 -4.16 -16.03
C SER B 48 -35.04 -4.70 -14.86
N PHE B 49 -35.00 -6.02 -14.68
CA PHE B 49 -35.80 -6.64 -13.63
C PHE B 49 -35.29 -6.30 -12.24
N LEU B 50 -33.99 -6.03 -12.10
CA LEU B 50 -33.38 -5.77 -10.80
C LEU B 50 -33.18 -4.29 -10.52
N SER B 51 -32.85 -3.48 -11.52
CA SER B 51 -32.57 -2.07 -11.30
C SER B 51 -33.02 -1.26 -12.51
N LYS B 52 -33.27 0.03 -12.26
CA LYS B 52 -33.63 1.02 -13.29
C LYS B 52 -32.74 2.24 -13.06
N ILE B 53 -31.48 2.12 -13.48
CA ILE B 53 -30.48 3.15 -13.18
C ILE B 53 -30.79 4.41 -13.99
N PRO B 54 -30.71 5.60 -13.38
CA PRO B 54 -31.10 6.82 -14.09
C PRO B 54 -29.93 7.64 -14.62
N SER B 55 -30.20 8.48 -15.62
CA SER B 55 -29.26 9.51 -16.07
C SER B 55 -27.90 8.95 -16.45
N VAL B 56 -27.90 7.98 -17.36
CA VAL B 56 -26.68 7.33 -17.82
C VAL B 56 -26.60 7.43 -19.35
N PHE B 57 -25.42 7.16 -19.87
CA PHE B 57 -25.20 7.07 -21.31
C PHE B 57 -24.10 6.06 -21.58
N SER B 58 -24.10 5.52 -22.79
CA SER B 58 -23.19 4.44 -23.14
C SER B 58 -21.81 4.98 -23.50
N GLY B 59 -20.81 4.10 -23.40
CA GLY B 59 -19.45 4.50 -23.72
C GLY B 59 -19.25 4.80 -25.19
N SER B 60 -19.91 4.03 -26.06
CA SER B 60 -19.81 4.28 -27.49
C SER B 60 -20.40 5.64 -27.87
N ASP B 61 -21.34 6.16 -27.08
CA ASP B 61 -21.88 7.49 -27.35
C ASP B 61 -20.83 8.57 -27.11
N ILE B 62 -19.99 8.39 -26.10
CA ILE B 62 -18.93 9.36 -25.84
C ILE B 62 -17.86 9.28 -26.92
N VAL B 63 -17.52 8.07 -27.35
CA VAL B 63 -16.43 7.90 -28.31
C VAL B 63 -16.76 8.55 -29.64
N GLN B 64 -18.00 8.38 -30.12
CA GLN B 64 -18.36 8.92 -31.42
C GLN B 64 -18.75 10.39 -31.37
N TRP B 65 -19.16 10.90 -30.21
CA TRP B 65 -19.33 12.34 -30.04
C TRP B 65 -18.01 13.06 -30.25
N LEU B 66 -16.94 12.57 -29.62
CA LEU B 66 -15.62 13.15 -29.81
C LEU B 66 -15.14 12.97 -31.24
N ILE B 67 -15.47 11.84 -31.87
CA ILE B 67 -15.08 11.60 -33.26
C ILE B 67 -15.70 12.66 -34.17
N LYS B 68 -16.97 13.02 -33.91
CA LYS B 68 -17.68 13.94 -34.78
C LYS B 68 -17.38 15.39 -34.43
N ASN B 69 -17.49 15.75 -33.15
CA ASN B 69 -17.43 17.16 -32.79
C ASN B 69 -15.99 17.69 -32.72
N LEU B 70 -15.02 16.82 -32.47
CA LEU B 70 -13.61 17.22 -32.46
C LEU B 70 -12.89 16.82 -33.74
N THR B 71 -13.59 16.17 -34.68
CA THR B 71 -13.02 15.75 -35.96
C THR B 71 -11.79 14.87 -35.75
N ILE B 72 -12.02 13.72 -35.12
CA ILE B 72 -10.97 12.74 -34.84
C ILE B 72 -11.14 11.59 -35.82
N GLU B 73 -10.11 11.35 -36.64
CA GLU B 73 -10.18 10.32 -37.66
C GLU B 73 -9.96 8.93 -37.07
N ASP B 74 -8.89 8.76 -36.30
CA ASP B 74 -8.58 7.45 -35.72
C ASP B 74 -9.47 7.21 -34.50
N PRO B 75 -10.30 6.17 -34.49
CA PRO B 75 -11.13 5.90 -33.30
C PRO B 75 -10.31 5.57 -32.07
N VAL B 76 -9.11 5.02 -32.23
CA VAL B 76 -8.24 4.75 -31.08
C VAL B 76 -7.83 6.04 -30.41
N GLU B 77 -7.65 7.12 -31.19
CA GLU B 77 -7.31 8.41 -30.61
C GLU B 77 -8.48 9.00 -29.83
N ALA B 78 -9.70 8.87 -30.37
CA ALA B 78 -10.87 9.42 -29.68
C ALA B 78 -11.20 8.60 -28.44
N LEU B 79 -11.01 7.27 -28.50
CA LEU B 79 -11.17 6.45 -27.32
C LEU B 79 -10.10 6.75 -26.28
N HIS B 80 -8.92 7.21 -26.73
CA HIS B 80 -7.84 7.53 -25.80
C HIS B 80 -8.04 8.90 -25.15
N LEU B 81 -8.53 9.88 -25.92
CA LEU B 81 -8.80 11.18 -25.33
C LEU B 81 -9.92 11.10 -24.31
N GLY B 82 -10.96 10.31 -24.60
CA GLY B 82 -12.06 10.15 -23.66
C GLY B 82 -11.67 9.41 -22.41
N THR B 83 -10.78 8.42 -22.51
CA THR B 83 -10.32 7.70 -21.32
C THR B 83 -9.40 8.54 -20.47
N LEU B 84 -8.80 9.61 -21.04
CA LEU B 84 -8.05 10.56 -20.23
C LEU B 84 -9.00 11.49 -19.47
N MET B 85 -10.11 11.88 -20.11
CA MET B 85 -11.08 12.74 -19.45
C MET B 85 -11.73 12.03 -18.27
N ALA B 86 -12.06 10.74 -18.42
CA ALA B 86 -12.63 9.98 -17.33
C ALA B 86 -11.63 9.81 -16.19
N ALA B 87 -10.35 9.64 -16.53
CA ALA B 87 -9.34 9.44 -15.50
C ALA B 87 -9.18 10.67 -14.61
N HIS B 88 -9.42 11.86 -15.16
CA HIS B 88 -9.32 13.10 -14.40
C HIS B 88 -10.60 13.45 -13.65
N GLY B 89 -11.69 12.73 -13.89
CA GLY B 89 -12.88 12.88 -13.07
C GLY B 89 -13.93 13.82 -13.61
N TYR B 90 -14.19 13.77 -14.92
CA TYR B 90 -15.27 14.54 -15.53
C TYR B 90 -16.47 13.70 -15.92
N PHE B 91 -16.26 12.42 -16.24
CA PHE B 91 -17.32 11.44 -16.27
C PHE B 91 -16.74 10.12 -15.78
N PHE B 92 -17.62 9.21 -15.37
CA PHE B 92 -17.16 8.03 -14.65
C PHE B 92 -18.07 6.85 -14.95
N PRO B 93 -17.54 5.63 -14.99
CA PRO B 93 -18.40 4.45 -15.12
C PRO B 93 -19.14 4.19 -13.81
N ILE B 94 -20.45 3.97 -13.91
CA ILE B 94 -21.28 3.79 -12.73
C ILE B 94 -21.03 2.49 -12.00
N SER B 95 -20.33 1.55 -12.62
CA SER B 95 -20.16 0.21 -12.06
C SER B 95 -18.71 -0.19 -11.87
N ASP B 96 -17.79 0.78 -11.90
CA ASP B 96 -16.37 0.45 -11.78
C ASP B 96 -15.62 1.57 -11.08
N HIS B 97 -14.73 1.19 -10.16
CA HIS B 97 -13.84 2.16 -9.52
C HIS B 97 -12.70 2.59 -10.42
N VAL B 98 -12.41 1.85 -11.48
CA VAL B 98 -11.35 2.19 -12.42
C VAL B 98 -11.93 3.13 -13.46
N LEU B 99 -11.37 4.34 -13.53
CA LEU B 99 -11.91 5.39 -14.39
C LEU B 99 -11.27 5.29 -15.76
N THR B 100 -11.93 4.54 -16.65
CA THR B 100 -11.53 4.45 -18.05
C THR B 100 -12.76 4.55 -18.92
N LEU B 101 -12.54 4.57 -20.23
CA LEU B 101 -13.60 4.62 -21.22
C LEU B 101 -13.52 3.40 -22.12
N LYS B 102 -14.66 2.73 -22.30
CA LYS B 102 -14.77 1.58 -23.18
C LYS B 102 -15.77 1.89 -24.29
N ASP B 103 -15.48 1.40 -25.49
CA ASP B 103 -16.24 1.70 -26.69
C ASP B 103 -17.29 0.61 -26.91
N ASP B 104 -18.24 0.56 -25.98
CA ASP B 104 -19.29 -0.43 -26.05
C ASP B 104 -20.46 0.04 -25.20
N GLY B 105 -21.31 -0.90 -24.80
CA GLY B 105 -22.44 -0.64 -23.92
C GLY B 105 -22.09 -0.69 -22.45
N THR B 106 -21.37 0.34 -22.00
CA THR B 106 -21.06 0.55 -20.59
C THR B 106 -21.57 1.93 -20.20
N PHE B 107 -22.25 2.01 -19.06
CA PHE B 107 -23.00 3.20 -18.67
C PHE B 107 -22.12 4.15 -17.87
N TYR B 108 -22.14 5.42 -18.25
CA TYR B 108 -21.34 6.47 -17.64
C TYR B 108 -22.24 7.60 -17.17
N ARG B 109 -21.68 8.45 -16.33
CA ARG B 109 -22.42 9.54 -15.71
C ARG B 109 -21.48 10.72 -15.53
N PHE B 110 -22.00 11.92 -15.78
CA PHE B 110 -21.18 13.12 -15.68
C PHE B 110 -20.96 13.50 -14.22
N GLN B 111 -19.77 14.05 -13.95
CA GLN B 111 -19.41 14.51 -12.62
C GLN B 111 -19.86 15.95 -12.42
N THR B 112 -20.35 16.25 -11.22
CA THR B 112 -20.77 17.61 -10.91
C THR B 112 -19.56 18.53 -10.80
N PRO B 113 -19.70 19.80 -11.21
CA PRO B 113 -18.53 20.70 -11.19
C PRO B 113 -17.94 20.93 -9.81
N TYR B 114 -18.65 20.56 -8.74
CA TYR B 114 -18.10 20.73 -7.40
C TYR B 114 -16.94 19.78 -7.16
N PHE B 115 -17.00 18.58 -7.72
CA PHE B 115 -15.95 17.58 -7.57
C PHE B 115 -14.92 17.62 -8.71
N TRP B 116 -14.89 18.71 -9.48
CA TRP B 116 -13.94 18.82 -10.58
C TRP B 116 -12.52 19.00 -10.03
N PRO B 117 -11.51 18.50 -10.75
CA PRO B 117 -10.13 18.68 -10.29
C PRO B 117 -9.65 20.12 -10.32
N SER B 118 -10.29 20.99 -11.10
CA SER B 118 -9.91 22.39 -11.15
C SER B 118 -10.40 23.20 -9.95
N ASN B 119 -11.20 22.60 -9.08
CA ASN B 119 -11.81 23.31 -7.96
C ASN B 119 -10.94 23.27 -6.70
N CYS B 120 -9.61 23.31 -6.87
CA CYS B 120 -8.67 23.32 -5.75
C CYS B 120 -8.94 22.16 -4.79
N TRP B 121 -8.50 20.96 -5.16
CA TRP B 121 -8.78 19.76 -4.37
C TRP B 121 -7.47 19.05 -4.06
N GLU B 122 -7.09 19.05 -2.79
CA GLU B 122 -6.02 18.20 -2.26
C GLU B 122 -6.53 17.58 -0.97
N PRO B 123 -7.45 16.63 -1.07
CA PRO B 123 -8.13 16.12 0.13
C PRO B 123 -7.17 15.37 1.05
N GLU B 124 -7.46 15.45 2.34
CA GLU B 124 -6.63 14.83 3.37
C GLU B 124 -7.11 13.41 3.67
N ASN B 125 -6.21 12.64 4.29
CA ASN B 125 -6.57 11.29 4.70
C ASN B 125 -7.66 11.30 5.76
N THR B 126 -7.73 12.35 6.58
CA THR B 126 -8.79 12.45 7.58
C THR B 126 -10.16 12.58 6.91
N ASP B 127 -10.22 13.19 5.72
CA ASP B 127 -11.47 13.23 4.97
C ASP B 127 -11.76 11.90 4.30
N TYR B 128 -10.72 11.18 3.89
CA TYR B 128 -10.91 9.85 3.30
C TYR B 128 -11.35 8.84 4.34
N ALA B 129 -10.88 8.98 5.58
CA ALA B 129 -11.30 8.08 6.64
C ALA B 129 -12.76 8.27 6.99
N VAL B 130 -13.24 9.52 6.98
CA VAL B 130 -14.67 9.77 7.22
C VAL B 130 -15.51 9.16 6.12
N TYR B 131 -15.06 9.28 4.86
CA TYR B 131 -15.81 8.74 3.74
C TYR B 131 -15.87 7.22 3.79
N LEU B 132 -14.73 6.57 4.04
CA LEU B 132 -14.70 5.11 4.12
C LEU B 132 -15.51 4.61 5.31
N CYS B 133 -15.46 5.34 6.44
CA CYS B 133 -16.29 4.98 7.58
C CYS B 133 -17.78 5.15 7.26
N LYS B 134 -18.14 6.24 6.59
CA LYS B 134 -19.53 6.47 6.23
C LYS B 134 -20.02 5.45 5.21
N ARG B 135 -19.15 4.99 4.32
CA ARG B 135 -19.53 3.98 3.34
C ARG B 135 -19.88 2.66 4.02
N THR B 136 -19.04 2.22 4.95
CA THR B 136 -19.25 0.92 5.59
C THR B 136 -20.45 0.91 6.54
N MET B 137 -20.93 2.10 6.95
CA MET B 137 -22.08 2.18 7.85
C MET B 137 -23.41 1.92 7.15
N GLN B 138 -23.48 2.13 5.83
CA GLN B 138 -24.76 2.14 5.12
C GLN B 138 -25.39 0.76 4.96
N ASN B 139 -24.61 -0.32 5.04
CA ASN B 139 -25.11 -1.69 4.89
C ASN B 139 -25.74 -1.97 3.53
N LYS B 140 -25.35 -1.21 2.50
CA LYS B 140 -25.78 -1.44 1.14
C LYS B 140 -24.69 -2.19 0.39
N ALA B 141 -25.11 -3.16 -0.43
CA ALA B 141 -24.14 -3.93 -1.21
C ALA B 141 -23.45 -3.07 -2.26
N ARG B 142 -24.15 -2.06 -2.78
CA ARG B 142 -23.55 -1.16 -3.75
C ARG B 142 -22.49 -0.27 -3.11
N LEU B 143 -22.62 0.00 -1.81
CA LEU B 143 -21.67 0.82 -1.08
C LEU B 143 -20.66 0.00 -0.30
N GLU B 144 -20.59 -1.31 -0.57
CA GLU B 144 -19.62 -2.16 0.12
C GLU B 144 -18.20 -1.79 -0.29
N LEU B 145 -17.29 -1.82 0.69
CA LEU B 145 -15.91 -1.44 0.40
C LEU B 145 -15.22 -2.52 -0.42
N ALA B 146 -14.47 -2.08 -1.43
CA ALA B 146 -13.61 -2.99 -2.16
C ALA B 146 -12.43 -3.39 -1.28
N ASP B 147 -11.66 -4.38 -1.76
CA ASP B 147 -10.53 -4.87 -0.99
C ASP B 147 -9.48 -3.78 -0.76
N TYR B 148 -9.22 -2.97 -1.78
CA TYR B 148 -8.24 -1.90 -1.61
C TYR B 148 -8.79 -0.78 -0.74
N GLU B 149 -10.11 -0.58 -0.75
CA GLU B 149 -10.72 0.40 0.16
C GLU B 149 -10.67 -0.09 1.60
N ALA B 150 -10.92 -1.39 1.82
CA ALA B 150 -10.86 -1.94 3.17
C ALA B 150 -9.43 -1.91 3.71
N GLU B 151 -8.44 -2.15 2.85
CA GLU B 151 -7.05 -2.08 3.28
C GLU B 151 -6.64 -0.64 3.58
N SER B 152 -7.20 0.33 2.86
CA SER B 152 -6.94 1.72 3.19
C SER B 152 -7.56 2.10 4.53
N LEU B 153 -8.78 1.61 4.79
CA LEU B 153 -9.44 1.89 6.06
C LEU B 153 -8.66 1.32 7.23
N ALA B 154 -8.10 0.12 7.05
CA ALA B 154 -7.30 -0.50 8.12
C ALA B 154 -6.06 0.33 8.42
N ARG B 155 -5.44 0.91 7.40
CA ARG B 155 -4.29 1.78 7.62
C ARG B 155 -4.71 3.09 8.28
N LEU B 156 -5.86 3.64 7.88
CA LEU B 156 -6.34 4.89 8.47
C LEU B 156 -6.77 4.68 9.92
N GLN B 157 -7.37 3.54 10.22
CA GLN B 157 -7.72 3.23 11.60
C GLN B 157 -6.48 3.08 12.47
N ARG B 158 -5.37 2.63 11.88
CA ARG B 158 -4.12 2.56 12.62
C ARG B 158 -3.51 3.95 12.82
N ALA B 159 -3.59 4.80 11.79
CA ALA B 159 -3.01 6.13 11.89
C ALA B 159 -3.82 7.02 12.83
N PHE B 160 -5.15 7.01 12.68
CA PHE B 160 -6.04 7.84 13.48
C PHE B 160 -6.67 7.05 14.63
N ALA B 161 -5.87 6.23 15.32
CA ALA B 161 -6.41 5.37 16.37
C ALA B 161 -6.90 6.17 17.56
N ARG B 162 -6.24 7.29 17.88
CA ARG B 162 -6.64 8.07 19.06
C ARG B 162 -7.95 8.82 18.81
N LYS B 163 -8.10 9.41 17.62
CA LYS B 163 -9.26 10.24 17.30
C LYS B 163 -10.29 9.52 16.44
N TRP B 164 -10.36 8.18 16.54
CA TRP B 164 -11.27 7.45 15.67
C TRP B 164 -12.72 7.61 16.09
N GLU B 165 -12.97 7.83 17.39
CA GLU B 165 -14.34 8.04 17.84
C GLU B 165 -14.97 9.25 17.17
N PHE B 166 -14.16 10.27 16.85
CA PHE B 166 -14.66 11.49 16.25
C PHE B 166 -14.67 11.44 14.73
N ILE B 167 -13.93 10.52 14.11
CA ILE B 167 -14.12 10.26 12.70
C ILE B 167 -15.44 9.53 12.46
N PHE B 168 -15.76 8.57 13.33
CA PHE B 168 -17.03 7.86 13.24
C PHE B 168 -18.20 8.82 13.45
N MET B 169 -18.12 9.67 14.47
CA MET B 169 -19.18 10.65 14.72
C MET B 169 -19.34 11.59 13.54
N GLN B 170 -18.22 11.97 12.91
CA GLN B 170 -18.29 12.86 11.76
C GLN B 170 -18.91 12.15 10.57
N ALA B 171 -18.61 10.86 10.40
CA ALA B 171 -19.23 10.09 9.32
C ALA B 171 -20.69 9.79 9.61
N GLU B 172 -21.02 9.50 10.87
CA GLU B 172 -22.40 9.24 11.24
C GLU B 172 -23.27 10.48 11.04
N ALA B 173 -22.70 11.66 11.25
CA ALA B 173 -23.44 12.90 11.03
C ALA B 173 -23.63 13.17 9.54
N GLN B 174 -22.62 12.84 8.73
CA GLN B 174 -22.76 13.01 7.29
C GLN B 174 -23.84 12.10 6.73
N ALA B 175 -23.88 10.84 7.19
CA ALA B 175 -24.86 9.90 6.67
C ALA B 175 -26.29 10.30 7.03
N LYS B 176 -26.48 10.99 8.15
CA LYS B 176 -27.81 11.48 8.50
C LYS B 176 -28.27 12.52 7.50
N VAL B 177 -27.36 13.34 6.99
CA VAL B 177 -27.71 14.32 5.97
C VAL B 177 -27.99 13.61 4.63
N ASP B 178 -27.32 12.49 4.38
CA ASP B 178 -27.48 11.81 3.10
C ASP B 178 -28.82 11.09 3.00
N LYS B 179 -29.31 10.52 4.11
CA LYS B 179 -30.51 9.71 4.07
C LYS B 179 -31.80 10.53 4.03
N LYS B 180 -31.74 11.83 4.27
CA LYS B 180 -32.95 12.65 4.25
C LYS B 180 -33.38 13.04 2.84
N ARG B 181 -32.58 12.76 1.83
CA ARG B 181 -32.89 13.11 0.45
C ARG B 181 -33.40 11.90 -0.32
N ASP B 182 -33.89 12.15 -1.53
CA ASP B 182 -34.57 11.15 -2.32
C ASP B 182 -33.64 10.00 -2.69
N LYS B 183 -34.23 8.80 -2.81
CA LYS B 183 -33.44 7.62 -3.12
C LYS B 183 -32.78 7.71 -4.49
N ILE B 184 -33.50 8.24 -5.49
CA ILE B 184 -32.90 8.45 -6.80
C ILE B 184 -31.89 9.60 -6.73
N GLU B 185 -32.14 10.58 -5.87
CA GLU B 185 -31.27 11.75 -5.79
C GLU B 185 -29.95 11.42 -5.10
N ARG B 186 -29.99 10.61 -4.05
CA ARG B 186 -28.77 10.29 -3.32
C ARG B 186 -27.97 9.16 -3.97
N LYS B 187 -28.61 8.31 -4.77
CA LYS B 187 -27.87 7.24 -5.42
C LYS B 187 -26.90 7.79 -6.47
N ILE B 188 -27.33 8.81 -7.21
CA ILE B 188 -26.41 9.45 -8.15
C ILE B 188 -25.44 10.36 -7.43
N LEU B 189 -25.84 10.90 -6.28
CA LEU B 189 -24.96 11.77 -5.49
C LEU B 189 -23.87 10.98 -4.77
N ASP B 190 -24.16 9.72 -4.41
CA ASP B 190 -23.14 8.87 -3.78
C ASP B 190 -22.17 8.31 -4.80
N SER B 191 -22.61 8.09 -6.04
CA SER B 191 -21.71 7.63 -7.09
C SER B 191 -20.78 8.75 -7.55
N GLN B 192 -21.22 10.01 -7.43
CA GLN B 192 -20.34 11.12 -7.77
C GLN B 192 -19.25 11.32 -6.72
N GLU B 193 -19.61 11.16 -5.44
CA GLU B 193 -18.61 11.22 -4.38
C GLU B 193 -17.63 10.07 -4.49
N ARG B 194 -18.11 8.89 -4.90
CA ARG B 194 -17.22 7.76 -5.12
C ARG B 194 -16.28 8.03 -6.28
N ALA B 195 -16.77 8.67 -7.33
CA ALA B 195 -15.93 9.01 -8.47
C ALA B 195 -14.89 10.07 -8.11
N PHE B 196 -15.20 10.93 -7.14
CA PHE B 196 -14.22 11.90 -6.67
C PHE B 196 -13.03 11.20 -6.03
N TRP B 197 -13.30 10.22 -5.17
CA TRP B 197 -12.23 9.47 -4.52
C TRP B 197 -11.58 8.46 -5.44
N ASP B 198 -12.23 8.07 -6.54
CA ASP B 198 -11.58 7.27 -7.56
C ASP B 198 -10.49 8.06 -8.28
N VAL B 199 -10.49 9.38 -8.15
CA VAL B 199 -9.43 10.21 -8.71
C VAL B 199 -8.31 10.43 -7.71
N HIS B 200 -8.64 10.82 -6.49
CA HIS B 200 -7.64 11.21 -5.50
C HIS B 200 -7.09 10.03 -4.70
N ARG B 201 -7.82 8.91 -4.66
CA ARG B 201 -7.33 7.67 -4.08
C ARG B 201 -7.60 6.55 -5.07
N PRO B 202 -6.85 6.49 -6.17
CA PRO B 202 -7.21 5.59 -7.27
C PRO B 202 -7.04 4.13 -6.91
N VAL B 203 -7.54 3.27 -7.80
CA VAL B 203 -7.34 1.82 -7.64
C VAL B 203 -5.86 1.52 -7.79
N PRO B 204 -5.27 0.66 -6.95
CA PRO B 204 -3.85 0.33 -7.13
C PRO B 204 -3.58 -0.23 -8.53
N GLY B 205 -2.59 0.37 -9.20
CA GLY B 205 -2.28 0.05 -10.58
C GLY B 205 -2.70 1.12 -11.57
N CYS B 206 -3.60 2.01 -11.17
CA CYS B 206 -4.04 3.10 -12.04
C CYS B 206 -3.18 4.33 -11.80
N VAL B 207 -2.95 5.09 -12.87
CA VAL B 207 -2.16 6.30 -12.79
C VAL B 207 -2.91 7.33 -11.95
N ASN B 208 -2.21 7.95 -11.00
CA ASN B 208 -2.77 9.01 -10.17
C ASN B 208 -2.65 10.31 -10.95
N THR B 209 -3.78 10.77 -11.50
CA THR B 209 -3.78 11.96 -12.34
C THR B 209 -3.49 13.25 -11.57
N THR B 210 -3.48 13.20 -10.24
CA THR B 210 -3.23 14.39 -9.43
C THR B 210 -1.75 14.59 -9.11
N GLU B 211 -0.89 13.64 -9.44
CA GLU B 211 0.54 13.82 -9.25
C GLU B 211 1.08 14.82 -10.27
N VAL B 212 1.88 15.78 -9.78
CA VAL B 212 2.34 16.89 -10.60
C VAL B 212 3.86 16.89 -10.64
N ASP B 213 4.40 17.48 -11.71
CA ASP B 213 5.85 17.60 -11.86
C ASP B 213 6.42 18.46 -10.75
N ILE B 214 7.60 18.07 -10.25
CA ILE B 214 8.21 18.81 -9.15
C ILE B 214 8.62 20.21 -9.59
N LYS B 215 8.87 20.40 -10.90
CA LYS B 215 9.18 21.73 -11.40
C LYS B 215 7.97 22.66 -11.27
N LYS B 216 6.79 22.16 -11.60
CA LYS B 216 5.57 22.95 -11.61
C LYS B 216 4.89 23.05 -10.25
N SER B 217 5.32 22.24 -9.28
CA SER B 217 4.79 22.33 -7.91
C SER B 217 5.55 23.44 -7.18
N SER B 218 5.15 24.68 -7.46
CA SER B 218 5.81 25.86 -6.93
C SER B 218 5.80 25.89 -5.40
N LYS B 251 -0.14 53.29 -14.81
CA LYS B 251 -0.39 53.00 -16.22
C LYS B 251 0.34 53.94 -17.20
N PRO B 252 0.30 55.27 -16.98
CA PRO B 252 1.04 56.17 -17.87
C PRO B 252 2.53 56.11 -17.55
N PRO B 253 3.38 56.29 -18.57
CA PRO B 253 4.82 56.20 -18.36
C PRO B 253 5.46 57.56 -18.11
N THR B 254 6.68 57.52 -17.61
CA THR B 254 7.48 58.70 -17.33
C THR B 254 8.31 59.08 -18.55
N GLU B 255 8.88 60.28 -18.50
CA GLU B 255 9.86 60.67 -19.50
C GLU B 255 11.13 59.82 -19.45
N ASP B 256 11.28 58.98 -18.42
CA ASP B 256 12.34 57.99 -18.37
C ASP B 256 11.88 56.64 -18.94
N GLU B 257 10.62 56.28 -18.70
CA GLU B 257 10.10 55.02 -19.22
C GLU B 257 9.87 55.08 -20.72
N LEU B 258 9.52 56.26 -21.26
CA LEU B 258 9.35 56.41 -22.70
C LEU B 258 10.68 56.36 -23.44
N GLN B 259 11.74 56.90 -22.82
CA GLN B 259 13.05 56.89 -23.46
C GLN B 259 13.59 55.48 -23.62
N GLN B 260 13.35 54.61 -22.63
CA GLN B 260 13.77 53.21 -22.78
C GLN B 260 12.84 52.44 -23.71
N GLN B 261 11.60 52.91 -23.87
CA GLN B 261 10.76 52.34 -24.91
C GLN B 261 11.38 52.56 -26.30
N ILE B 262 11.77 53.80 -26.58
CA ILE B 262 12.31 54.17 -27.88
C ILE B 262 13.62 53.43 -28.16
N LYS B 263 14.51 53.38 -27.16
CA LYS B 263 15.76 52.63 -27.30
C LYS B 263 15.48 51.16 -27.63
N TYR B 264 14.45 50.59 -27.00
CA TYR B 264 14.11 49.19 -27.25
C TYR B 264 13.58 48.99 -28.66
N TRP B 265 12.64 49.84 -29.10
CA TRP B 265 12.10 49.73 -30.46
C TRP B 265 13.16 49.95 -31.52
N GLN B 266 14.12 50.85 -31.27
CA GLN B 266 15.14 51.14 -32.28
C GLN B 266 16.10 49.96 -32.47
N ILE B 267 16.42 49.26 -31.38
CA ILE B 267 17.26 48.07 -31.50
C ILE B 267 16.58 47.01 -32.34
N GLN B 268 15.25 46.90 -32.21
CA GLN B 268 14.50 45.91 -32.98
C GLN B 268 14.51 46.24 -34.47
N LEU B 269 14.54 47.53 -34.83
CA LEU B 269 14.59 47.92 -36.23
C LEU B 269 15.97 47.69 -36.84
N ASP B 270 17.03 47.68 -36.03
CA ASP B 270 18.37 47.44 -36.53
C ASP B 270 18.61 45.98 -36.88
N ARG B 271 17.69 45.08 -36.53
CA ARG B 271 17.86 43.67 -36.81
C ARG B 271 17.59 43.39 -38.29
N HIS B 272 18.49 42.61 -38.90
CA HIS B 272 18.33 42.25 -40.30
C HIS B 272 17.36 41.09 -40.42
N ARG B 273 16.28 41.29 -41.18
CA ARG B 273 15.25 40.28 -41.38
C ARG B 273 15.18 39.90 -42.85
N LEU B 274 14.42 38.84 -43.12
CA LEU B 274 14.25 38.32 -44.47
C LEU B 274 12.77 38.20 -44.79
N LYS B 275 12.46 38.23 -46.08
CA LYS B 275 11.10 37.97 -46.53
C LYS B 275 10.71 36.53 -46.19
N MET B 276 9.41 36.33 -45.93
CA MET B 276 8.94 34.97 -45.68
C MET B 276 9.09 34.09 -46.91
N SER B 277 9.07 34.69 -48.11
CA SER B 277 9.27 33.93 -49.34
C SER B 277 10.70 33.37 -49.40
N LYS B 278 11.68 34.22 -49.10
CA LYS B 278 13.07 33.75 -49.07
C LYS B 278 13.27 32.74 -47.94
N VAL B 279 12.68 32.98 -46.78
CA VAL B 279 12.82 32.07 -45.64
C VAL B 279 12.19 30.72 -45.97
N ALA B 280 10.99 30.72 -46.55
CA ALA B 280 10.32 29.47 -46.89
C ALA B 280 11.06 28.72 -47.99
N ASP B 281 11.63 29.45 -48.95
CA ASP B 281 12.36 28.81 -50.04
C ASP B 281 13.60 28.09 -49.53
N SER B 282 14.33 28.71 -48.58
CA SER B 282 15.54 28.10 -48.07
C SER B 282 15.24 26.90 -47.17
N LEU B 283 14.16 26.95 -46.39
CA LEU B 283 13.79 25.81 -45.56
C LEU B 283 13.33 24.63 -46.42
N LEU B 284 12.55 24.91 -47.47
CA LEU B 284 12.06 23.86 -48.33
C LEU B 284 13.20 23.18 -49.09
N SER B 285 14.20 23.96 -49.52
CA SER B 285 15.31 23.39 -50.27
C SER B 285 16.29 22.66 -49.37
N TYR B 286 16.53 23.18 -48.16
CA TYR B 286 17.44 22.51 -47.23
C TYR B 286 16.90 21.15 -46.83
N THR B 287 15.59 21.06 -46.57
CA THR B 287 14.99 19.78 -46.20
C THR B 287 14.99 18.81 -47.39
N GLU B 288 14.55 19.29 -48.57
CA GLU B 288 14.59 18.49 -49.77
C GLU B 288 15.98 17.94 -50.07
N GLN B 289 17.02 18.69 -49.67
CA GLN B 289 18.40 18.26 -49.89
C GLN B 289 18.71 16.99 -49.12
N TYR B 290 18.13 16.81 -47.93
CA TYR B 290 18.45 15.68 -47.06
C TYR B 290 17.30 14.68 -46.94
N VAL B 291 16.26 14.82 -47.77
CA VAL B 291 15.13 13.89 -47.68
C VAL B 291 15.57 12.46 -47.98
N GLU B 292 16.50 12.29 -48.92
CA GLU B 292 17.03 10.97 -49.23
C GLU B 292 18.11 10.51 -48.26
N TYR B 293 18.51 11.34 -47.29
CA TYR B 293 19.38 10.93 -46.21
C TYR B 293 18.63 10.73 -44.90
N ASP B 294 17.34 11.06 -44.85
CA ASP B 294 16.49 10.90 -43.68
C ASP B 294 15.95 9.47 -43.64
N PRO B 295 16.37 8.67 -42.66
CA PRO B 295 15.91 7.27 -42.62
C PRO B 295 14.41 7.12 -42.42
N PHE B 296 13.75 8.10 -41.81
CA PHE B 296 12.30 8.05 -41.66
C PHE B 296 11.56 8.28 -42.98
N LEU B 297 12.25 8.78 -44.00
CA LEU B 297 11.63 9.07 -45.30
C LEU B 297 12.16 8.20 -46.43
N ALA B 298 13.44 7.83 -46.39
CA ALA B 298 14.05 6.99 -47.41
C ALA B 298 14.80 5.85 -46.71
N PRO B 299 14.59 4.61 -47.11
CA PRO B 299 15.20 3.47 -46.41
C PRO B 299 16.71 3.49 -46.53
N PRO B 300 17.43 3.29 -45.43
CA PRO B 300 18.90 3.32 -45.48
C PRO B 300 19.46 2.12 -46.23
N ASP B 301 20.70 2.29 -46.69
CA ASP B 301 21.43 1.24 -47.40
C ASP B 301 22.41 0.60 -46.43
N PRO B 302 22.36 -0.72 -46.19
CA PRO B 302 21.41 -1.67 -46.80
C PRO B 302 20.05 -1.73 -46.11
N SER B 303 20.00 -1.41 -44.82
CA SER B 303 18.74 -1.50 -44.08
C SER B 303 18.86 -0.72 -42.79
N ASN B 304 17.72 -0.29 -42.27
CA ASN B 304 17.63 0.36 -40.97
C ASN B 304 17.91 -0.69 -39.89
N PRO B 305 18.98 -0.56 -39.11
CA PRO B 305 19.29 -1.61 -38.12
C PRO B 305 18.18 -1.87 -37.12
N TRP B 306 17.36 -0.86 -36.81
CA TRP B 306 16.26 -1.05 -35.87
C TRP B 306 15.11 -1.85 -36.47
N LEU B 307 15.06 -1.99 -37.80
CA LEU B 307 14.02 -2.76 -38.47
C LEU B 307 14.49 -4.12 -38.95
N SER B 308 15.79 -4.28 -39.23
CA SER B 308 16.32 -5.52 -39.76
C SER B 308 17.22 -6.27 -38.78
N ASP B 309 17.57 -5.66 -37.65
CA ASP B 309 18.55 -6.22 -36.72
C ASP B 309 19.88 -6.51 -37.42
N ASP B 310 20.24 -5.64 -38.37
CA ASP B 310 21.47 -5.74 -39.13
C ASP B 310 22.23 -4.43 -38.97
N THR B 311 23.34 -4.46 -38.25
CA THR B 311 24.11 -3.27 -37.92
C THR B 311 25.13 -2.90 -38.99
N THR B 312 25.02 -3.46 -40.20
CA THR B 312 25.96 -3.11 -41.26
C THR B 312 25.88 -1.62 -41.60
N PHE B 313 24.70 -1.03 -41.48
CA PHE B 313 24.53 0.39 -41.76
C PHE B 313 25.40 1.25 -40.85
N TRP B 314 25.55 0.84 -39.59
CA TRP B 314 26.40 1.60 -38.66
C TRP B 314 27.88 1.40 -38.96
N GLU B 315 28.26 0.22 -39.45
CA GLU B 315 29.65 -0.02 -39.81
C GLU B 315 30.04 0.72 -41.08
N LEU B 316 29.11 0.84 -42.03
CA LEU B 316 29.41 1.48 -43.30
C LEU B 316 29.60 2.99 -43.13
N GLU B 317 28.78 3.62 -42.29
CA GLU B 317 28.93 5.06 -42.06
C GLU B 317 30.16 5.39 -41.25
N ALA B 318 30.66 4.45 -40.45
CA ALA B 318 31.90 4.61 -39.72
C ALA B 318 33.11 4.11 -40.49
N SER B 319 32.92 3.62 -41.71
CA SER B 319 34.02 3.10 -42.50
C SER B 319 34.93 4.22 -42.99
N LYS B 320 36.20 3.87 -43.22
CA LYS B 320 37.16 4.83 -43.75
C LYS B 320 37.06 4.98 -45.26
N GLU B 321 36.39 4.05 -45.94
CA GLU B 321 36.07 4.20 -47.35
C GLU B 321 34.65 4.73 -47.47
N PRO B 322 34.45 5.96 -47.93
CA PRO B 322 33.10 6.53 -47.94
C PRO B 322 32.29 6.08 -49.14
N SER B 323 30.98 6.08 -48.95
CA SER B 323 30.05 5.73 -50.01
C SER B 323 29.82 6.94 -50.93
N GLN B 324 29.07 6.69 -52.02
CA GLN B 324 28.82 7.77 -52.98
C GLN B 324 27.88 8.82 -52.40
N GLN B 325 26.88 8.40 -51.63
CA GLN B 325 26.01 9.36 -50.96
C GLN B 325 26.76 10.15 -49.89
N ARG B 326 27.73 9.51 -49.24
CA ARG B 326 28.56 10.21 -48.26
C ARG B 326 29.45 11.25 -48.93
N VAL B 327 30.03 10.92 -50.08
CA VAL B 327 30.83 11.87 -50.84
C VAL B 327 29.95 12.97 -51.42
N LYS B 328 28.79 12.59 -51.97
CA LYS B 328 27.85 13.57 -52.52
C LYS B 328 27.39 14.56 -51.45
N ARG B 329 27.30 14.11 -50.20
CA ARG B 329 26.87 14.99 -49.12
C ARG B 329 27.90 16.06 -48.82
N TRP B 330 29.18 15.78 -49.07
CA TRP B 330 30.22 16.79 -48.87
C TRP B 330 30.01 17.99 -49.78
N GLY B 331 29.42 17.78 -50.95
CA GLY B 331 29.15 18.87 -51.88
C GLY B 331 28.07 19.82 -51.45
N PHE B 332 27.27 19.45 -50.44
CA PHE B 332 26.21 20.34 -49.96
C PHE B 332 26.77 21.59 -49.30
N GLY B 333 27.99 21.55 -48.79
CA GLY B 333 28.59 22.68 -48.12
C GLY B 333 29.81 22.25 -47.35
N MET B 334 30.60 23.25 -46.95
CA MET B 334 31.84 22.98 -46.24
C MET B 334 31.59 22.38 -44.86
N ASP B 335 30.46 22.72 -44.24
CA ASP B 335 30.14 22.16 -42.93
C ASP B 335 29.94 20.65 -43.00
N GLU B 336 29.44 20.14 -44.13
CA GLU B 336 29.22 18.71 -44.26
C GLU B 336 30.53 17.94 -44.32
N ALA B 337 31.59 18.54 -44.83
CA ALA B 337 32.88 17.87 -44.89
C ALA B 337 33.67 18.04 -43.60
N LEU B 338 33.56 19.21 -42.95
CA LEU B 338 34.23 19.40 -41.67
C LEU B 338 33.58 18.55 -40.57
N LYS B 339 32.30 18.22 -40.73
CA LYS B 339 31.67 17.25 -39.84
C LYS B 339 32.22 15.85 -40.09
N ASP B 340 32.36 15.47 -41.36
CA ASP B 340 32.78 14.12 -41.71
C ASP B 340 34.28 13.98 -41.51
N PRO B 341 34.73 13.03 -40.68
CA PRO B 341 36.18 12.86 -40.50
C PRO B 341 36.91 12.46 -41.77
N VAL B 342 36.27 11.68 -42.65
CA VAL B 342 36.90 11.35 -43.93
C VAL B 342 36.85 12.55 -44.87
N GLY B 343 35.75 13.29 -44.86
CA GLY B 343 35.69 14.53 -45.63
C GLY B 343 36.69 15.57 -45.15
N ARG B 344 37.01 15.55 -43.85
CA ARG B 344 38.03 16.46 -43.34
C ARG B 344 39.42 16.05 -43.80
N GLU B 345 39.68 14.74 -43.86
CA GLU B 345 40.97 14.25 -44.36
C GLU B 345 41.14 14.57 -45.83
N GLN B 346 40.11 14.33 -46.64
CA GLN B 346 40.22 14.58 -48.07
C GLN B 346 40.33 16.06 -48.38
N PHE B 347 39.66 16.92 -47.60
CA PHE B 347 39.80 18.35 -47.79
C PHE B 347 41.22 18.81 -47.47
N LEU B 348 41.78 18.33 -46.35
CA LEU B 348 43.16 18.67 -46.02
C LEU B 348 44.14 18.08 -47.02
N LYS B 349 43.90 16.85 -47.47
CA LYS B 349 44.78 16.22 -48.45
C LYS B 349 44.79 17.00 -49.76
N PHE B 350 43.65 17.57 -50.14
CA PHE B 350 43.59 18.38 -51.36
C PHE B 350 44.37 19.67 -51.19
N LEU B 351 44.18 20.37 -50.08
CA LEU B 351 44.94 21.59 -49.81
C LEU B 351 46.42 21.29 -49.63
N GLU B 352 46.76 20.11 -49.12
CA GLU B 352 48.16 19.77 -48.91
C GLU B 352 48.88 19.56 -50.24
N SER B 353 48.22 18.88 -51.19
CA SER B 353 48.80 18.71 -52.52
C SER B 353 48.87 20.03 -53.28
N GLU B 354 48.07 21.03 -52.88
CA GLU B 354 48.21 22.38 -53.39
C GLU B 354 49.23 23.20 -52.61
N PHE B 355 49.77 22.65 -51.52
CA PHE B 355 50.68 23.36 -50.62
C PHE B 355 50.04 24.66 -50.12
N SER B 356 48.83 24.54 -49.58
CA SER B 356 48.09 25.71 -49.12
C SER B 356 47.18 25.35 -47.94
N SER B 357 47.65 24.47 -47.06
CA SER B 357 46.86 23.96 -45.94
C SER B 357 46.90 24.87 -44.71
N GLU B 358 47.62 25.99 -44.77
CA GLU B 358 47.79 26.83 -43.59
C GLU B 358 46.45 27.29 -43.03
N ASN B 359 45.49 27.59 -43.90
CA ASN B 359 44.20 28.12 -43.44
C ASN B 359 43.40 27.07 -42.69
N LEU B 360 43.32 25.85 -43.24
CA LEU B 360 42.53 24.81 -42.60
C LEU B 360 43.17 24.34 -41.30
N ARG B 361 44.50 24.19 -41.30
CA ARG B 361 45.19 23.74 -40.09
C ARG B 361 45.07 24.76 -38.96
N PHE B 362 44.99 26.06 -39.30
CA PHE B 362 44.75 27.06 -38.28
C PHE B 362 43.31 26.99 -37.77
N TRP B 363 42.35 26.79 -38.66
CA TRP B 363 40.95 26.69 -38.25
C TRP B 363 40.74 25.49 -37.33
N LEU B 364 41.33 24.35 -37.68
CA LEU B 364 41.22 23.16 -36.83
C LEU B 364 41.90 23.39 -35.49
N ALA B 365 43.00 24.15 -35.47
CA ALA B 365 43.70 24.42 -34.23
C ALA B 365 42.87 25.27 -33.28
N VAL B 366 42.13 26.24 -33.83
CA VAL B 366 41.28 27.09 -32.98
C VAL B 366 40.08 26.31 -32.48
N GLU B 367 39.51 25.45 -33.34
CA GLU B 367 38.39 24.60 -32.90
C GLU B 367 38.82 23.66 -31.79
N ASP B 368 40.05 23.13 -31.88
CA ASP B 368 40.57 22.31 -30.79
C ASP B 368 40.80 23.13 -29.53
N LEU B 369 41.21 24.39 -29.69
CA LEU B 369 41.45 25.26 -28.54
C LEU B 369 40.19 25.42 -27.70
N LYS B 370 39.04 25.62 -28.36
CA LYS B 370 37.78 25.76 -27.64
C LYS B 370 37.29 24.45 -27.06
N LYS B 371 37.95 23.33 -27.36
CA LYS B 371 37.62 22.03 -26.78
C LYS B 371 38.51 21.66 -25.61
N ARG B 372 39.51 22.47 -25.29
CA ARG B 372 40.48 22.19 -24.24
C ARG B 372 39.98 22.66 -22.88
N PRO B 373 40.41 22.04 -21.80
CA PRO B 373 40.05 22.54 -20.46
C PRO B 373 40.71 23.88 -20.21
N ILE B 374 40.12 24.64 -19.29
CA ILE B 374 40.45 26.06 -19.16
C ILE B 374 41.89 26.27 -18.70
N ARG B 375 42.51 25.27 -18.07
CA ARG B 375 43.87 25.45 -17.59
C ARG B 375 44.92 25.16 -18.65
N GLU B 376 44.52 24.60 -19.79
CA GLU B 376 45.40 24.40 -20.93
C GLU B 376 45.30 25.52 -21.96
N VAL B 377 44.25 26.34 -21.89
CA VAL B 377 44.03 27.37 -22.92
C VAL B 377 45.16 28.38 -22.98
N PRO B 378 45.68 28.94 -21.87
CA PRO B 378 46.73 29.96 -22.00
C PRO B 378 47.96 29.50 -22.76
N SER B 379 48.51 28.33 -22.43
CA SER B 379 49.69 27.85 -23.15
C SER B 379 49.37 27.47 -24.58
N ARG B 380 48.16 26.97 -24.84
CA ARG B 380 47.77 26.61 -26.20
C ARG B 380 47.57 27.84 -27.07
N VAL B 381 47.12 28.95 -26.48
CA VAL B 381 46.97 30.18 -27.25
C VAL B 381 48.30 30.67 -27.78
N GLN B 382 49.36 30.54 -26.96
CA GLN B 382 50.68 30.98 -27.39
C GLN B 382 51.23 30.07 -28.48
N GLU B 383 50.95 28.77 -28.40
CA GLU B 383 51.44 27.84 -29.42
C GLU B 383 50.77 28.10 -30.77
N ILE B 384 49.47 28.40 -30.76
CA ILE B 384 48.78 28.75 -32.01
C ILE B 384 49.35 30.05 -32.57
N TRP B 385 49.60 31.03 -31.69
CA TRP B 385 50.15 32.31 -32.14
C TRP B 385 51.54 32.13 -32.74
N GLN B 386 52.38 31.32 -32.10
CA GLN B 386 53.75 31.12 -32.59
C GLN B 386 53.78 30.37 -33.92
N GLU B 387 52.84 29.45 -34.14
CA GLU B 387 52.91 28.61 -35.34
C GLU B 387 52.26 29.28 -36.55
N PHE B 388 51.21 30.08 -36.35
CA PHE B 388 50.40 30.58 -37.46
C PHE B 388 50.43 32.09 -37.62
N LEU B 389 50.75 32.86 -36.59
CA LEU B 389 50.56 34.30 -36.68
C LEU B 389 51.79 35.12 -36.36
N ALA B 390 52.64 34.66 -35.43
CA ALA B 390 53.80 35.44 -35.04
C ALA B 390 54.71 35.69 -36.23
N PRO B 391 55.46 36.80 -36.24
CA PRO B 391 56.36 37.06 -37.37
C PRO B 391 57.42 35.98 -37.49
N GLY B 392 57.58 35.47 -38.70
CA GLY B 392 58.46 34.33 -38.91
C GLY B 392 57.86 33.01 -38.46
N ALA B 393 56.58 32.81 -38.72
CA ALA B 393 55.91 31.61 -38.25
C ALA B 393 56.09 30.48 -39.25
N PRO B 394 56.16 29.23 -38.77
CA PRO B 394 56.30 28.10 -39.71
C PRO B 394 55.11 27.94 -40.65
N SER B 395 53.89 28.04 -40.13
CA SER B 395 52.69 27.94 -40.96
C SER B 395 51.95 29.27 -40.97
N ALA B 396 52.61 30.31 -41.45
CA ALA B 396 52.05 31.66 -41.38
C ALA B 396 50.83 31.80 -42.27
N ILE B 397 49.72 32.23 -41.68
CA ILE B 397 48.52 32.58 -42.42
C ILE B 397 48.52 34.09 -42.63
N ASN B 398 47.70 34.54 -43.57
CA ASN B 398 47.61 35.96 -43.90
C ASN B 398 46.23 36.48 -43.50
N LEU B 399 46.19 37.34 -42.50
CA LEU B 399 44.98 38.03 -42.08
C LEU B 399 44.99 39.46 -42.59
N ASP B 400 43.82 40.09 -42.58
CA ASP B 400 43.74 41.52 -42.77
C ASP B 400 44.36 42.22 -41.55
N SER B 401 44.81 43.45 -41.75
CA SER B 401 45.48 44.17 -40.68
C SER B 401 44.57 44.39 -39.48
N LYS B 402 43.25 44.48 -39.71
CA LYS B 402 42.33 44.72 -38.61
C LYS B 402 42.15 43.46 -37.75
N SER B 403 42.10 42.29 -38.39
CA SER B 403 42.00 41.05 -37.61
C SER B 403 43.32 40.70 -36.93
N TYR B 404 44.44 41.04 -37.57
CA TYR B 404 45.74 40.73 -36.97
C TYR B 404 46.01 41.62 -35.76
N ASP B 405 45.63 42.90 -35.84
CA ASP B 405 45.81 43.80 -34.69
C ASP B 405 44.96 43.35 -33.51
N LYS B 406 43.71 42.97 -33.76
CA LYS B 406 42.84 42.52 -32.68
C LYS B 406 43.37 41.24 -32.05
N THR B 407 43.87 40.31 -32.87
CA THR B 407 44.42 39.07 -32.34
C THR B 407 45.69 39.32 -31.53
N THR B 408 46.54 40.24 -31.99
CA THR B 408 47.75 40.56 -31.24
C THR B 408 47.43 41.07 -29.85
N GLN B 409 46.38 41.88 -29.73
CA GLN B 409 45.97 42.39 -28.42
C GLN B 409 45.25 41.32 -27.59
N ASN B 410 44.54 40.41 -28.25
CA ASN B 410 43.85 39.36 -27.51
C ASN B 410 44.82 38.32 -26.96
N VAL B 411 45.92 38.07 -27.66
CA VAL B 411 46.92 37.12 -27.17
C VAL B 411 47.58 37.64 -25.89
N LYS B 412 47.63 38.97 -25.72
CA LYS B 412 48.17 39.54 -24.48
C LYS B 412 47.39 39.08 -23.25
N GLU B 413 46.11 38.75 -23.42
CA GLU B 413 45.30 38.19 -22.32
C GLU B 413 44.55 36.99 -22.88
N PRO B 414 45.16 35.80 -22.85
CA PRO B 414 44.60 34.65 -23.56
C PRO B 414 43.23 34.24 -23.02
N GLY B 415 42.44 33.66 -23.92
CA GLY B 415 41.12 33.16 -23.60
C GLY B 415 40.67 32.19 -24.67
N ARG B 416 39.50 31.59 -24.43
CA ARG B 416 38.95 30.62 -25.38
C ARG B 416 38.56 31.28 -26.70
N TYR B 417 38.23 32.58 -26.68
CA TYR B 417 37.79 33.30 -27.85
C TYR B 417 38.84 34.29 -28.36
N THR B 418 40.11 34.00 -28.09
CA THR B 418 41.19 34.89 -28.54
C THR B 418 41.25 34.96 -30.06
N PHE B 419 41.07 33.83 -30.73
CA PHE B 419 41.20 33.74 -32.18
C PHE B 419 39.86 33.77 -32.92
N GLU B 420 38.81 34.28 -32.27
CA GLU B 420 37.48 34.27 -32.91
C GLU B 420 37.46 35.14 -34.16
N ASP B 421 38.02 36.35 -34.07
CA ASP B 421 37.97 37.27 -35.20
C ASP B 421 38.81 36.78 -36.37
N ALA B 422 39.90 36.05 -36.10
CA ALA B 422 40.72 35.50 -37.17
C ALA B 422 40.11 34.25 -37.76
N GLN B 423 39.55 33.37 -36.91
CA GLN B 423 38.93 32.14 -37.40
C GLN B 423 37.71 32.46 -38.25
N GLU B 424 36.97 33.51 -37.88
CA GLU B 424 35.86 33.96 -38.70
C GLU B 424 36.32 34.32 -40.12
N HIS B 425 37.44 35.05 -40.21
CA HIS B 425 37.98 35.45 -41.50
C HIS B 425 38.45 34.23 -42.30
N ILE B 426 39.12 33.28 -41.65
CA ILE B 426 39.64 32.11 -42.34
C ILE B 426 38.50 31.18 -42.77
N TYR B 427 37.43 31.11 -41.98
CA TYR B 427 36.30 30.24 -42.31
C TYR B 427 35.60 30.72 -43.57
N LYS B 428 35.27 32.02 -43.64
CA LYS B 428 34.62 32.55 -44.83
C LYS B 428 35.51 32.46 -46.06
N LEU B 429 36.83 32.51 -45.87
CA LEU B 429 37.76 32.43 -46.99
C LEU B 429 37.69 31.05 -47.64
N MET B 430 37.78 29.99 -46.84
CA MET B 430 37.66 28.64 -47.37
C MET B 430 36.25 28.36 -47.89
N LYS B 431 35.24 28.96 -47.24
CA LYS B 431 33.85 28.70 -47.62
C LYS B 431 33.55 29.16 -49.03
N SER B 432 34.24 30.20 -49.50
CA SER B 432 34.01 30.78 -50.82
C SER B 432 35.15 30.53 -51.79
N ASP B 433 36.25 29.91 -51.36
CA ASP B 433 37.37 29.66 -52.26
C ASP B 433 37.90 28.23 -52.14
N SER B 434 38.51 27.91 -51.00
CA SER B 434 39.20 26.64 -50.85
C SER B 434 38.24 25.45 -51.01
N TYR B 435 37.02 25.58 -50.52
CA TYR B 435 36.13 24.43 -50.57
C TYR B 435 35.44 24.29 -51.93
N PRO B 436 34.97 25.38 -52.57
CA PRO B 436 34.47 25.22 -53.94
C PRO B 436 35.49 24.65 -54.90
N ARG B 437 36.77 25.01 -54.74
CA ARG B 437 37.82 24.40 -55.55
C ARG B 437 37.98 22.92 -55.23
N PHE B 438 37.64 22.51 -54.01
CA PHE B 438 37.73 21.09 -53.66
C PHE B 438 36.62 20.29 -54.31
N ILE B 439 35.39 20.82 -54.31
CA ILE B 439 34.27 20.12 -54.92
C ILE B 439 34.49 19.96 -56.42
N ARG B 440 35.06 20.98 -57.06
CA ARG B 440 35.27 20.97 -58.50
C ARG B 440 36.58 20.30 -58.90
N SER B 441 37.38 19.84 -57.95
CA SER B 441 38.64 19.18 -58.25
C SER B 441 38.38 17.76 -58.77
N SER B 442 39.37 17.25 -59.50
CA SER B 442 39.29 15.87 -60.01
C SER B 442 39.35 14.84 -58.88
N ALA B 443 39.93 15.21 -57.74
CA ALA B 443 39.98 14.28 -56.60
C ALA B 443 38.57 13.98 -56.09
N TYR B 444 37.77 15.02 -55.88
CA TYR B 444 36.39 14.82 -55.43
C TYR B 444 35.55 14.13 -56.50
N GLN B 445 35.73 14.52 -57.77
CA GLN B 445 34.97 13.91 -58.84
C GLN B 445 35.31 12.43 -59.00
N GLU B 446 36.53 12.04 -58.66
CA GLU B 446 36.90 10.62 -58.68
C GLU B 446 36.37 9.86 -57.47
N LEU B 447 36.12 10.55 -56.36
CA LEU B 447 35.41 9.93 -55.25
C LEU B 447 33.92 9.84 -55.52
N LEU B 448 33.34 10.91 -56.07
CA LEU B 448 31.93 10.89 -56.48
C LEU B 448 31.69 9.88 -57.60
N GLN B 449 32.74 9.46 -58.30
CA GLN B 449 32.59 8.54 -59.43
C GLN B 449 32.28 7.12 -58.95
N ALA B 450 33.27 6.46 -58.33
CA ALA B 450 33.09 5.10 -57.85
C ALA B 450 34.03 4.82 -56.68
N THR C 3 -3.29 55.85 -20.88
CA THR C 3 -1.87 55.75 -21.20
C THR C 3 -1.15 57.07 -20.92
N ASP C 4 -1.92 58.12 -20.66
CA ASP C 4 -1.37 59.41 -20.28
C ASP C 4 -2.22 60.00 -19.16
N GLY C 5 -1.56 60.67 -18.21
CA GLY C 5 -2.21 61.15 -17.01
C GLY C 5 -2.87 62.51 -17.19
N LEU C 6 -3.04 63.20 -16.07
CA LEU C 6 -3.74 64.47 -16.03
C LEU C 6 -2.84 65.68 -16.25
N HIS C 7 -1.51 65.49 -16.17
CA HIS C 7 -0.55 66.58 -16.31
C HIS C 7 0.37 66.25 -17.49
N GLU C 8 -0.17 66.37 -18.70
CA GLU C 8 0.58 66.14 -19.92
C GLU C 8 1.29 67.40 -20.37
N ASN C 9 2.33 67.23 -21.18
CA ASN C 9 3.14 68.33 -21.69
C ASN C 9 3.63 67.99 -23.08
N GLU C 10 4.37 68.92 -23.69
CA GLU C 10 4.88 68.70 -25.04
C GLU C 10 5.92 67.59 -25.07
N THR C 11 6.83 67.56 -24.08
CA THR C 11 7.88 66.55 -24.08
C THR C 11 7.32 65.15 -23.89
N LEU C 12 6.30 65.01 -23.03
CA LEU C 12 5.67 63.70 -22.84
C LEU C 12 5.02 63.21 -24.13
N ALA C 13 4.26 64.09 -24.81
CA ALA C 13 3.61 63.73 -26.06
C ALA C 13 4.60 63.59 -27.21
N SER C 14 5.72 64.32 -27.17
CA SER C 14 6.72 64.19 -28.22
C SER C 14 7.40 62.82 -28.14
N LEU C 15 7.68 62.34 -26.94
CA LEU C 15 8.27 61.02 -26.79
C LEU C 15 7.26 59.92 -27.00
N LYS C 16 5.98 60.17 -26.71
CA LYS C 16 4.94 59.18 -26.97
C LYS C 16 4.76 58.94 -28.46
N SER C 17 4.71 60.01 -29.25
CA SER C 17 4.59 59.86 -30.70
C SER C 17 5.82 59.20 -31.30
N GLU C 18 7.00 59.49 -30.74
CA GLU C 18 8.23 58.87 -31.23
C GLU C 18 8.24 57.37 -30.94
N ALA C 19 7.68 56.97 -29.79
CA ALA C 19 7.61 55.55 -29.46
C ALA C 19 6.50 54.86 -30.24
N GLU C 20 5.38 55.54 -30.47
CA GLU C 20 4.30 54.96 -31.26
C GLU C 20 4.68 54.83 -32.73
N SER C 21 5.51 55.75 -33.24
CA SER C 21 5.91 55.69 -34.64
C SER C 21 6.89 54.55 -34.90
N LEU C 22 7.84 54.32 -33.97
CA LEU C 22 8.77 53.22 -34.15
C LEU C 22 8.07 51.88 -34.04
N LYS C 23 7.05 51.78 -33.18
CA LYS C 23 6.28 50.55 -33.08
C LYS C 23 5.47 50.30 -34.36
N GLY C 24 4.84 51.35 -34.89
CA GLY C 24 4.15 51.22 -36.17
C GLY C 24 5.11 51.05 -37.33
N LYS C 25 6.31 51.61 -37.21
CA LYS C 25 7.34 51.37 -38.22
C LYS C 25 7.74 49.91 -38.26
N LEU C 26 7.79 49.26 -37.09
CA LEU C 26 8.12 47.83 -37.03
C LEU C 26 6.95 46.99 -37.50
N GLU C 27 5.72 47.34 -37.11
CA GLU C 27 4.55 46.58 -37.54
C GLU C 27 4.40 46.60 -39.05
N GLU C 28 4.65 47.75 -39.68
CA GLU C 28 4.56 47.83 -41.14
C GLU C 28 5.71 47.11 -41.82
N GLU C 29 6.90 47.10 -41.21
CA GLU C 29 8.01 46.34 -41.77
C GLU C 29 7.77 44.84 -41.63
N ARG C 30 7.24 44.41 -40.49
CA ARG C 30 6.95 42.99 -40.30
C ARG C 30 5.85 42.52 -41.24
N ALA C 31 4.84 43.38 -41.48
CA ALA C 31 3.77 43.01 -42.39
C ALA C 31 4.27 42.98 -43.83
N LYS C 32 5.19 43.88 -44.18
CA LYS C 32 5.76 43.90 -45.53
C LYS C 32 6.53 42.61 -45.82
N LEU C 33 7.28 42.12 -44.84
CA LEU C 33 8.05 40.89 -44.99
C LEU C 33 7.18 39.63 -44.90
N HIS C 34 5.93 39.77 -44.46
CA HIS C 34 5.04 38.62 -44.29
C HIS C 34 4.17 38.42 -45.53
N ASP C 35 4.84 38.11 -46.64
CA ASP C 35 4.16 38.00 -47.93
C ASP C 35 3.48 36.65 -48.14
N VAL C 36 3.92 35.59 -47.46
CA VAL C 36 3.34 34.27 -47.60
C VAL C 36 3.43 33.56 -46.25
N GLU C 37 2.75 32.41 -46.15
CA GLU C 37 2.86 31.51 -45.01
C GLU C 37 3.60 30.25 -45.44
N LEU C 38 4.31 29.64 -44.48
CA LEU C 38 5.17 28.51 -44.79
C LEU C 38 4.38 27.36 -45.41
N HIS C 39 3.25 26.99 -44.78
CA HIS C 39 2.46 25.88 -45.28
C HIS C 39 1.79 26.19 -46.61
N GLN C 40 1.61 27.47 -46.95
CA GLN C 40 1.10 27.83 -48.26
C GLN C 40 2.18 27.65 -49.33
N VAL C 41 3.42 28.00 -49.00
CA VAL C 41 4.52 27.72 -49.92
C VAL C 41 4.77 26.23 -50.02
N ALA C 42 4.59 25.51 -48.91
CA ALA C 42 4.86 24.07 -48.87
C ALA C 42 3.86 23.26 -49.69
N GLU C 43 2.77 23.86 -50.16
CA GLU C 43 1.89 23.18 -51.10
C GLU C 43 2.64 22.78 -52.36
N ARG C 44 3.75 23.45 -52.65
CA ARG C 44 4.67 23.06 -53.72
C ARG C 44 5.30 21.70 -53.46
N VAL C 45 5.41 21.28 -52.21
CA VAL C 45 6.06 20.04 -51.82
C VAL C 45 5.07 18.89 -51.85
N GLU C 46 5.55 17.71 -52.24
CA GLU C 46 4.70 16.53 -52.28
C GLU C 46 4.42 16.04 -50.87
N ALA C 47 3.22 15.50 -50.66
CA ALA C 47 2.83 15.00 -49.36
C ALA C 47 3.55 13.69 -49.03
N LEU C 48 3.71 13.43 -47.74
CA LEU C 48 4.43 12.25 -47.28
C LEU C 48 3.54 11.01 -47.33
N GLY C 49 4.17 9.85 -47.53
CA GLY C 49 3.46 8.59 -47.58
C GLY C 49 3.05 8.08 -46.22
N GLN C 50 2.48 6.89 -46.21
CA GLN C 50 2.02 6.28 -44.98
C GLN C 50 3.21 5.87 -44.11
N PHE C 51 3.07 6.10 -42.80
CA PHE C 51 4.09 5.74 -41.83
C PHE C 51 3.65 4.52 -41.05
N VAL C 52 4.60 3.61 -40.81
CA VAL C 52 4.31 2.37 -40.10
C VAL C 52 5.28 2.24 -38.93
N MET C 53 5.40 3.31 -38.14
CA MET C 53 6.35 3.32 -37.04
C MET C 53 5.84 2.46 -35.89
N LYS C 54 6.73 1.64 -35.33
CA LYS C 54 6.37 0.80 -34.19
C LYS C 54 7.48 0.88 -33.15
N THR C 55 7.17 0.38 -31.95
CA THR C 55 8.18 0.22 -30.92
C THR C 55 9.07 -0.98 -31.25
N ARG C 56 10.38 -0.76 -31.26
CA ARG C 56 11.35 -1.80 -31.55
C ARG C 56 12.11 -2.28 -30.32
N ARG C 57 12.25 -1.45 -29.29
CA ARG C 57 12.86 -1.83 -28.02
C ARG C 57 12.06 -1.22 -26.88
N THR C 58 12.03 -1.93 -25.75
CA THR C 58 11.44 -1.40 -24.52
C THR C 58 12.46 -1.55 -23.40
N LEU C 59 12.89 -0.43 -22.85
CA LEU C 59 13.94 -0.39 -21.84
C LEU C 59 13.28 -0.33 -20.47
N LYS C 60 13.18 -1.49 -19.81
CA LYS C 60 12.57 -1.61 -18.49
C LYS C 60 13.67 -1.79 -17.46
N GLY C 61 13.62 -0.97 -16.41
CA GLY C 61 14.62 -1.04 -15.36
C GLY C 61 14.48 0.05 -14.32
N HIS C 62 14.10 1.25 -14.75
CA HIS C 62 13.93 2.35 -13.81
C HIS C 62 12.79 2.06 -12.83
N GLY C 63 13.02 2.37 -11.57
CA GLY C 63 12.05 2.14 -10.52
C GLY C 63 10.99 3.20 -10.35
N ASN C 64 11.08 4.30 -11.11
CA ASN C 64 10.09 5.37 -11.02
C ASN C 64 10.10 6.13 -12.34
N LYS C 65 9.47 7.32 -12.34
CA LYS C 65 9.30 8.10 -13.56
C LYS C 65 10.63 8.36 -14.25
N VAL C 66 10.69 8.02 -15.53
CA VAL C 66 11.81 8.42 -16.36
C VAL C 66 11.63 9.89 -16.73
N LEU C 67 12.67 10.70 -16.52
CA LEU C 67 12.56 12.15 -16.66
C LEU C 67 13.40 12.73 -17.78
N CYS C 68 14.43 12.03 -18.24
CA CYS C 68 15.30 12.59 -19.27
C CYS C 68 16.10 11.46 -19.91
N MET C 69 16.49 11.67 -21.16
CA MET C 69 17.34 10.72 -21.87
C MET C 69 18.18 11.47 -22.89
N ASP C 70 19.26 10.82 -23.31
CA ASP C 70 20.17 11.40 -24.30
C ASP C 70 20.87 10.27 -25.04
N TRP C 71 20.95 10.41 -26.37
CA TRP C 71 21.64 9.43 -27.19
C TRP C 71 23.14 9.64 -27.14
N CYS C 72 23.87 8.54 -27.31
CA CYS C 72 25.32 8.58 -27.49
C CYS C 72 25.65 8.67 -28.97
N LYS C 73 26.84 9.21 -29.27
CA LYS C 73 27.22 9.44 -30.66
C LYS C 73 27.47 8.16 -31.44
N ASP C 74 27.53 7.01 -30.77
CA ASP C 74 27.66 5.73 -31.47
C ASP C 74 26.33 5.20 -31.98
N LYS C 75 25.26 5.99 -31.86
CA LYS C 75 23.94 5.74 -32.45
C LYS C 75 23.19 4.60 -31.78
N ARG C 76 23.70 4.05 -30.69
CA ARG C 76 23.00 2.96 -30.02
C ARG C 76 22.98 3.03 -28.51
N ARG C 77 23.90 3.74 -27.85
CA ARG C 77 23.89 3.81 -26.40
C ARG C 77 23.08 5.01 -25.92
N ILE C 78 22.48 4.85 -24.74
CA ILE C 78 21.50 5.79 -24.21
C ILE C 78 21.71 5.95 -22.71
N VAL C 79 21.69 7.20 -22.24
CA VAL C 79 21.69 7.51 -20.82
C VAL C 79 20.29 7.96 -20.44
N SER C 80 19.82 7.53 -19.27
CA SER C 80 18.48 7.86 -18.81
C SER C 80 18.48 8.08 -17.31
N SER C 81 17.69 9.05 -16.87
CA SER C 81 17.58 9.40 -15.45
C SER C 81 16.13 9.32 -15.01
N SER C 82 15.93 8.98 -13.74
CA SER C 82 14.59 8.76 -13.20
C SER C 82 14.40 9.54 -11.91
N GLN C 83 13.17 9.48 -11.40
CA GLN C 83 12.82 10.21 -10.19
C GLN C 83 13.47 9.60 -8.95
N ASP C 84 13.56 8.27 -8.90
CA ASP C 84 14.13 7.59 -7.74
C ASP C 84 15.62 7.87 -7.56
N GLY C 85 16.26 8.62 -8.46
CA GLY C 85 17.64 9.01 -8.29
C GLY C 85 18.65 8.18 -9.06
N LYS C 86 18.19 7.20 -9.84
CA LYS C 86 19.10 6.31 -10.55
C LYS C 86 19.29 6.79 -11.99
N VAL C 87 20.54 6.73 -12.46
CA VAL C 87 20.89 7.03 -13.84
C VAL C 87 21.44 5.75 -14.46
N ILE C 88 20.99 5.42 -15.66
CA ILE C 88 21.32 4.16 -16.31
C ILE C 88 21.85 4.42 -17.71
N VAL C 89 22.92 3.72 -18.08
CA VAL C 89 23.45 3.73 -19.44
C VAL C 89 23.05 2.43 -20.11
N TRP C 90 22.30 2.52 -21.20
CA TRP C 90 21.83 1.35 -21.94
C TRP C 90 22.59 1.22 -23.25
N ASP C 91 22.67 -0.01 -23.74
CA ASP C 91 22.95 -0.29 -25.15
C ASP C 91 21.59 -0.62 -25.77
N SER C 92 20.92 0.40 -26.30
CA SER C 92 19.52 0.27 -26.71
C SER C 92 19.32 -0.73 -27.84
N PHE C 93 20.38 -1.10 -28.56
CA PHE C 93 20.21 -2.11 -29.62
C PHE C 93 20.03 -3.50 -29.02
N THR C 94 20.77 -3.80 -27.95
CA THR C 94 20.62 -5.07 -27.24
C THR C 94 19.86 -4.93 -25.93
N THR C 95 19.48 -3.70 -25.56
CA THR C 95 18.75 -3.38 -24.33
C THR C 95 19.53 -3.70 -23.06
N ASN C 96 20.83 -3.98 -23.18
CA ASN C 96 21.64 -4.33 -22.02
C ASN C 96 22.01 -3.08 -21.22
N LYS C 97 21.84 -3.15 -19.91
CA LYS C 97 22.32 -2.11 -19.01
C LYS C 97 23.83 -2.24 -18.87
N GLU C 98 24.56 -1.19 -19.23
CA GLU C 98 26.02 -1.21 -19.15
C GLU C 98 26.55 -0.49 -17.91
N HIS C 99 25.91 0.61 -17.52
CA HIS C 99 26.33 1.34 -16.33
C HIS C 99 25.10 1.84 -15.59
N ALA C 100 25.29 2.14 -14.31
CA ALA C 100 24.21 2.66 -13.47
C ALA C 100 24.83 3.32 -12.24
N VAL C 101 24.23 4.43 -11.81
CA VAL C 101 24.69 5.17 -10.65
C VAL C 101 23.47 5.73 -9.91
N THR C 102 23.53 5.66 -8.58
CA THR C 102 22.48 6.19 -7.71
C THR C 102 22.92 7.54 -7.16
N MET C 103 22.08 8.54 -7.31
CA MET C 103 22.40 9.90 -6.93
C MET C 103 21.83 10.22 -5.55
N PRO C 104 22.44 11.16 -4.82
CA PRO C 104 21.95 11.50 -3.48
C PRO C 104 20.63 12.26 -3.47
N CYS C 105 20.06 12.59 -4.63
CA CYS C 105 18.83 13.34 -4.71
C CYS C 105 17.77 12.54 -5.45
N THR C 106 16.54 13.03 -5.38
CA THR C 106 15.44 12.52 -6.20
C THR C 106 15.17 13.48 -7.34
N TRP C 107 14.30 13.05 -8.25
CA TRP C 107 13.90 13.84 -9.41
C TRP C 107 15.12 14.31 -10.21
N VAL C 108 15.90 13.34 -10.69
CA VAL C 108 17.03 13.63 -11.56
C VAL C 108 16.47 14.03 -12.92
N MET C 109 16.23 15.32 -13.11
CA MET C 109 15.48 15.82 -14.25
C MET C 109 16.34 16.08 -15.48
N ALA C 110 17.65 15.95 -15.38
CA ALA C 110 18.53 16.30 -16.49
C ALA C 110 19.68 15.30 -16.57
N CYS C 111 20.00 14.89 -17.79
CA CYS C 111 21.16 14.03 -18.05
C CYS C 111 21.61 14.24 -19.49
N ALA C 112 22.89 14.02 -19.73
CA ALA C 112 23.47 14.25 -21.05
C ALA C 112 24.64 13.31 -21.28
N TYR C 113 24.88 13.00 -22.55
CA TYR C 113 25.98 12.13 -22.95
C TYR C 113 27.13 12.97 -23.49
N ALA C 114 28.34 12.67 -23.05
CA ALA C 114 29.51 13.41 -23.51
C ALA C 114 29.76 13.12 -24.99
N PRO C 115 30.31 14.09 -25.73
CA PRO C 115 30.55 13.87 -27.17
C PRO C 115 31.51 12.72 -27.46
N SER C 116 32.43 12.43 -26.56
CA SER C 116 33.34 11.30 -26.76
C SER C 116 32.70 9.96 -26.41
N GLY C 117 31.61 9.98 -25.63
CA GLY C 117 30.99 8.76 -25.17
C GLY C 117 31.65 8.14 -23.95
N CYS C 118 32.52 8.88 -23.26
CA CYS C 118 33.25 8.36 -22.11
C CYS C 118 32.79 8.98 -20.81
N ALA C 119 31.72 9.79 -20.83
CA ALA C 119 31.24 10.43 -19.62
C ALA C 119 29.78 10.82 -19.80
N ILE C 120 29.12 11.04 -18.67
CA ILE C 120 27.74 11.54 -18.64
C ILE C 120 27.65 12.60 -17.56
N ALA C 121 26.70 13.52 -17.74
CA ALA C 121 26.38 14.53 -16.75
C ALA C 121 24.91 14.39 -16.36
N CYS C 122 24.61 14.72 -15.10
CA CYS C 122 23.25 14.55 -14.59
C CYS C 122 23.07 15.37 -13.32
N GLY C 123 21.82 15.70 -13.05
CA GLY C 123 21.49 16.46 -11.85
C GLY C 123 19.99 16.70 -11.78
N GLY C 124 19.58 17.33 -10.68
CA GLY C 124 18.17 17.60 -10.47
C GLY C 124 17.89 18.40 -9.21
N LEU C 125 17.18 17.80 -8.25
CA LEU C 125 16.85 18.46 -7.00
C LEU C 125 18.07 18.74 -6.13
N ASP C 126 19.22 18.15 -6.45
CA ASP C 126 20.45 18.46 -5.72
C ASP C 126 21.01 19.84 -6.06
N ASN C 127 20.35 20.57 -6.97
CA ASN C 127 20.79 21.90 -7.40
C ASN C 127 22.20 21.89 -7.96
N LYS C 128 22.59 20.77 -8.57
CA LYS C 128 23.93 20.60 -9.11
C LYS C 128 23.86 19.88 -10.45
N CYS C 129 24.97 19.91 -11.18
CA CYS C 129 25.18 19.07 -12.34
C CYS C 129 26.53 18.39 -12.17
N SER C 130 26.53 17.07 -12.10
CA SER C 130 27.72 16.28 -11.84
C SER C 130 28.06 15.44 -13.06
N VAL C 131 29.36 15.26 -13.31
CA VAL C 131 29.85 14.50 -14.45
C VAL C 131 30.42 13.19 -13.95
N TYR C 132 29.93 12.08 -14.52
CA TYR C 132 30.39 10.74 -14.17
C TYR C 132 31.14 10.13 -15.35
N PRO C 133 32.35 9.62 -15.14
CA PRO C 133 33.06 8.93 -16.23
C PRO C 133 32.53 7.53 -16.43
N LEU C 134 32.59 7.09 -17.69
CA LEU C 134 32.23 5.72 -18.04
C LEU C 134 33.44 4.82 -18.18
N THR C 135 34.62 5.38 -18.44
CA THR C 135 35.84 4.59 -18.50
C THR C 135 36.17 4.04 -17.11
N PHE C 136 36.81 2.88 -17.10
CA PHE C 136 37.15 2.18 -15.86
C PHE C 136 38.55 2.57 -15.35
N ASP C 137 38.87 3.86 -15.35
CA ASP C 137 40.21 4.29 -14.98
C ASP C 137 40.54 3.97 -13.53
N LYS C 138 39.52 3.92 -12.66
CA LYS C 138 39.70 3.52 -11.27
C LYS C 138 38.73 2.39 -10.96
N ASN C 139 39.24 1.33 -10.33
CA ASN C 139 38.53 0.06 -10.22
C ASN C 139 37.78 -0.10 -8.91
N GLU C 140 37.24 0.99 -8.35
CA GLU C 140 36.53 0.89 -7.09
C GLU C 140 35.06 1.25 -7.17
N ASN C 141 34.67 2.21 -8.01
CA ASN C 141 33.28 2.63 -8.10
C ASN C 141 33.14 3.54 -9.32
N MET C 142 31.90 3.96 -9.57
CA MET C 142 31.58 5.05 -10.48
C MET C 142 31.12 6.31 -9.76
N ALA C 143 30.37 6.14 -8.65
CA ALA C 143 30.02 7.27 -7.80
C ALA C 143 31.24 7.85 -7.11
N ALA C 144 32.31 7.08 -6.94
CA ALA C 144 33.55 7.60 -6.36
C ALA C 144 34.36 8.42 -7.35
N LYS C 145 33.93 8.48 -8.61
CA LYS C 145 34.57 9.30 -9.63
C LYS C 145 33.76 10.55 -9.95
N LYS C 146 32.72 10.83 -9.17
CA LYS C 146 31.81 11.93 -9.45
C LYS C 146 32.52 13.27 -9.40
N LYS C 147 32.42 14.02 -10.49
CA LYS C 147 33.00 15.36 -10.60
C LYS C 147 31.87 16.38 -10.50
N SER C 148 31.86 17.16 -9.42
CA SER C 148 30.85 18.19 -9.23
C SER C 148 31.26 19.42 -10.04
N VAL C 149 30.41 19.81 -10.99
CA VAL C 149 30.75 20.88 -11.93
C VAL C 149 29.88 22.10 -11.67
N ALA C 150 28.58 21.98 -11.92
CA ALA C 150 27.66 23.11 -11.80
C ALA C 150 27.02 23.15 -10.42
N MET C 151 26.57 24.35 -10.05
CA MET C 151 25.95 24.58 -8.75
C MET C 151 25.00 25.77 -8.89
N HIS C 152 23.71 25.52 -8.76
CA HIS C 152 22.68 26.54 -8.82
C HIS C 152 22.01 26.70 -7.46
N THR C 153 21.21 27.76 -7.34
CA THR C 153 20.43 28.01 -6.13
C THR C 153 19.04 27.39 -6.18
N ASN C 154 18.70 26.69 -7.27
CA ASN C 154 17.47 25.94 -7.36
C ASN C 154 17.74 24.68 -8.20
N TYR C 155 16.68 23.95 -8.52
CA TYR C 155 16.84 22.66 -9.17
C TYR C 155 17.45 22.83 -10.56
N LEU C 156 18.11 21.76 -11.02
CA LEU C 156 18.64 21.70 -12.38
C LEU C 156 17.56 21.11 -13.28
N SER C 157 17.19 21.84 -14.33
CA SER C 157 16.14 21.42 -15.24
C SER C 157 16.67 20.79 -16.52
N ALA C 158 17.84 21.22 -16.99
CA ALA C 158 18.40 20.68 -18.22
C ALA C 158 19.92 20.88 -18.18
N CYS C 159 20.61 20.04 -18.95
CA CYS C 159 22.06 20.15 -19.06
C CYS C 159 22.48 19.59 -20.42
N SER C 160 23.68 19.99 -20.84
CA SER C 160 24.21 19.55 -22.13
C SER C 160 25.71 19.84 -22.22
N PHE C 161 26.48 18.86 -22.70
CA PHE C 161 27.86 19.13 -23.06
C PHE C 161 27.90 20.03 -24.29
N THR C 162 29.05 20.65 -24.51
CA THR C 162 29.26 21.43 -25.73
C THR C 162 29.81 20.53 -26.83
N ASN C 163 30.72 21.04 -27.65
CA ASN C 163 31.35 20.22 -28.66
C ASN C 163 32.36 19.24 -28.07
N SER C 164 32.68 19.35 -26.79
CA SER C 164 33.68 18.50 -26.15
C SER C 164 33.21 18.12 -24.76
N ASP C 165 33.96 17.21 -24.14
CA ASP C 165 33.71 16.76 -22.78
C ASP C 165 34.08 17.80 -21.73
N MET C 166 34.68 18.92 -22.11
CA MET C 166 35.30 19.83 -21.17
C MET C 166 34.37 20.95 -20.69
N GLN C 167 33.21 21.14 -21.32
CA GLN C 167 32.28 22.18 -20.88
C GLN C 167 30.86 21.63 -20.92
N ILE C 168 30.02 22.14 -20.01
CA ILE C 168 28.61 21.78 -19.96
C ILE C 168 27.78 23.06 -19.85
N LEU C 169 26.62 23.04 -20.51
CA LEU C 169 25.59 24.06 -20.33
C LEU C 169 24.56 23.56 -19.33
N THR C 170 24.06 24.45 -18.48
CA THR C 170 23.05 24.09 -17.50
C THR C 170 21.93 25.12 -17.51
N ALA C 171 20.71 24.64 -17.25
CA ALA C 171 19.55 25.49 -17.04
C ALA C 171 18.94 25.13 -15.70
N SER C 172 18.48 26.15 -14.97
CA SER C 172 18.05 25.95 -13.60
C SER C 172 16.74 26.68 -13.32
N GLY C 173 16.05 26.21 -12.28
CA GLY C 173 14.85 26.85 -11.79
C GLY C 173 15.08 28.20 -11.14
N ASP C 174 16.34 28.59 -10.94
CA ASP C 174 16.67 29.92 -10.42
C ASP C 174 16.63 30.99 -11.50
N GLY C 175 16.23 30.63 -12.71
CA GLY C 175 16.05 31.56 -13.80
C GLY C 175 17.29 31.86 -14.61
N THR C 176 18.36 31.08 -14.47
CA THR C 176 19.61 31.35 -15.16
C THR C 176 20.07 30.11 -15.92
N CYS C 177 20.84 30.37 -16.97
CA CYS C 177 21.65 29.35 -17.63
C CYS C 177 23.12 29.65 -17.36
N ALA C 178 23.97 28.63 -17.51
CA ALA C 178 25.37 28.80 -17.16
C ALA C 178 26.23 27.84 -17.97
N LEU C 179 27.43 28.32 -18.32
CA LEU C 179 28.46 27.51 -18.98
C LEU C 179 29.58 27.27 -17.98
N TRP C 180 29.99 26.01 -17.83
CA TRP C 180 30.97 25.63 -16.83
C TRP C 180 32.14 24.91 -17.47
N ASP C 181 33.29 24.98 -16.81
CA ASP C 181 34.44 24.16 -17.17
C ASP C 181 34.39 22.88 -16.34
N VAL C 182 34.45 21.73 -17.01
CA VAL C 182 34.21 20.46 -16.33
C VAL C 182 35.38 20.10 -15.43
N GLU C 183 36.62 20.25 -15.93
CA GLU C 183 37.77 19.79 -15.18
C GLU C 183 38.02 20.61 -13.93
N SER C 184 37.60 21.87 -13.91
CA SER C 184 37.83 22.76 -12.78
C SER C 184 36.55 23.18 -12.06
N GLY C 185 35.38 22.94 -12.63
CA GLY C 185 34.16 23.42 -12.01
C GLY C 185 33.98 24.92 -12.05
N GLN C 186 34.73 25.60 -12.92
CA GLN C 186 34.72 27.06 -12.99
C GLN C 186 33.55 27.55 -13.82
N LEU C 187 32.96 28.68 -13.42
CA LEU C 187 31.89 29.30 -14.17
C LEU C 187 32.49 30.11 -15.32
N LEU C 188 32.17 29.72 -16.55
CA LEU C 188 32.72 30.39 -17.72
C LEU C 188 31.87 31.58 -18.15
N GLN C 189 30.54 31.47 -18.00
CA GLN C 189 29.63 32.53 -18.38
C GLN C 189 28.25 32.22 -17.80
N SER C 190 27.57 33.25 -17.31
CA SER C 190 26.21 33.14 -16.83
C SER C 190 25.26 33.83 -17.80
N PHE C 191 24.02 33.34 -17.83
CA PHE C 191 23.01 33.82 -18.77
C PHE C 191 21.76 34.20 -17.99
N HIS C 192 21.64 35.49 -17.68
CA HIS C 192 20.49 36.03 -16.98
C HIS C 192 19.55 36.71 -17.98
N GLY C 193 18.26 36.49 -17.81
CA GLY C 193 17.27 37.08 -18.70
C GLY C 193 15.87 36.54 -18.51
N HIS C 194 15.76 35.23 -18.26
CA HIS C 194 14.46 34.63 -18.04
C HIS C 194 13.83 35.13 -16.75
N GLY C 195 12.55 35.45 -16.81
CA GLY C 195 11.81 35.96 -15.67
C GLY C 195 11.27 34.90 -14.73
N ALA C 196 11.47 33.63 -15.03
CA ALA C 196 10.99 32.54 -14.18
C ALA C 196 11.92 31.34 -14.36
N ASP C 197 11.45 30.15 -14.01
CA ASP C 197 12.25 28.96 -14.12
C ASP C 197 12.63 28.71 -15.58
N VAL C 198 13.87 28.28 -15.80
CA VAL C 198 14.32 27.85 -17.12
C VAL C 198 14.13 26.34 -17.20
N LEU C 199 13.48 25.87 -18.25
CA LEU C 199 13.06 24.48 -18.33
C LEU C 199 13.83 23.65 -19.34
N CYS C 200 14.54 24.26 -20.27
CA CYS C 200 15.14 23.50 -21.36
C CYS C 200 16.22 24.36 -22.04
N LEU C 201 17.02 23.69 -22.86
CA LEU C 201 18.02 24.36 -23.68
C LEU C 201 18.44 23.43 -24.80
N ASP C 202 18.94 24.02 -25.89
CA ASP C 202 19.48 23.26 -27.00
C ASP C 202 20.61 24.06 -27.64
N LEU C 203 21.72 23.38 -27.91
CA LEU C 203 22.89 24.03 -28.48
C LEU C 203 22.73 24.19 -29.99
N ALA C 204 23.40 25.20 -30.54
CA ALA C 204 23.31 25.47 -31.96
C ALA C 204 23.92 24.30 -32.75
N PRO C 205 23.34 23.94 -33.90
CA PRO C 205 23.82 22.73 -34.60
C PRO C 205 25.28 22.82 -35.05
N SER C 206 25.65 23.89 -35.74
CA SER C 206 27.02 24.01 -36.24
C SER C 206 27.99 24.23 -35.08
N GLU C 207 29.13 23.55 -35.14
CA GLU C 207 30.18 23.75 -34.15
C GLU C 207 30.74 25.18 -34.18
N THR C 208 30.58 25.87 -35.30
CA THR C 208 31.04 27.25 -35.43
C THR C 208 30.16 28.24 -34.68
N GLY C 209 28.99 27.83 -34.20
CA GLY C 209 28.07 28.72 -33.55
C GLY C 209 28.16 28.68 -32.04
N ASN C 210 28.55 29.81 -31.45
CA ASN C 210 28.59 29.95 -29.99
C ASN C 210 27.27 30.48 -29.44
N THR C 211 26.17 29.86 -29.87
CA THR C 211 24.84 30.27 -29.45
C THR C 211 24.04 29.05 -28.99
N PHE C 212 23.02 29.32 -28.19
CA PHE C 212 22.07 28.29 -27.80
C PHE C 212 20.74 28.96 -27.48
N VAL C 213 19.69 28.14 -27.45
CA VAL C 213 18.33 28.62 -27.20
C VAL C 213 17.82 27.96 -25.92
N SER C 214 16.92 28.66 -25.22
CA SER C 214 16.37 28.17 -23.97
C SER C 214 14.91 28.58 -23.87
N GLY C 215 14.16 27.82 -23.08
CA GLY C 215 12.77 28.13 -22.82
C GLY C 215 12.46 28.04 -21.34
N GLY C 216 11.45 28.80 -20.92
CA GLY C 216 11.10 28.86 -19.52
C GLY C 216 9.62 29.03 -19.22
N CYS C 217 9.31 29.24 -17.94
CA CYS C 217 7.93 29.43 -17.52
C CYS C 217 7.40 30.82 -17.81
N ASP C 218 8.24 31.73 -18.29
CA ASP C 218 7.79 33.04 -18.72
C ASP C 218 7.26 33.04 -20.15
N LYS C 219 6.98 31.87 -20.71
CA LYS C 219 6.44 31.69 -22.05
C LYS C 219 7.40 32.21 -23.13
N LYS C 220 8.67 32.39 -22.80
CA LYS C 220 9.64 32.98 -23.70
C LYS C 220 10.70 31.97 -24.12
N ALA C 221 11.16 32.14 -25.36
CA ALA C 221 12.30 31.40 -25.90
C ALA C 221 13.38 32.39 -26.25
N MET C 222 14.60 32.19 -25.74
CA MET C 222 15.67 33.16 -25.86
C MET C 222 16.90 32.53 -26.49
N VAL C 223 17.50 33.25 -27.44
CA VAL C 223 18.76 32.86 -28.06
C VAL C 223 19.88 33.64 -27.41
N TRP C 224 20.92 32.93 -26.97
CA TRP C 224 21.99 33.53 -26.20
C TRP C 224 23.31 33.50 -26.97
N ASP C 225 24.15 34.50 -26.71
CA ASP C 225 25.52 34.54 -27.20
C ASP C 225 26.42 34.04 -26.09
N MET C 226 27.03 32.87 -26.28
CA MET C 226 27.88 32.27 -25.27
C MET C 226 29.17 33.03 -25.03
N ARG C 227 29.56 33.94 -25.93
CA ARG C 227 30.74 34.76 -25.69
C ARG C 227 30.44 35.93 -24.77
N SER C 228 29.40 36.70 -25.08
CA SER C 228 29.05 37.88 -24.30
C SER C 228 28.12 37.57 -23.14
N GLY C 229 27.33 36.50 -23.24
CA GLY C 229 26.34 36.20 -22.22
C GLY C 229 25.01 36.91 -22.38
N GLN C 230 24.83 37.66 -23.45
CA GLN C 230 23.62 38.44 -23.66
C GLN C 230 22.62 37.66 -24.52
N CYS C 231 21.34 38.03 -24.37
CA CYS C 231 20.26 37.47 -25.18
C CYS C 231 20.15 38.27 -26.46
N VAL C 232 20.45 37.62 -27.60
CA VAL C 232 20.47 38.31 -28.88
C VAL C 232 19.15 38.21 -29.64
N GLN C 233 18.22 37.35 -29.19
CA GLN C 233 16.93 37.21 -29.86
C GLN C 233 15.99 36.48 -28.91
N ALA C 234 14.73 36.90 -28.89
CA ALA C 234 13.73 36.32 -28.00
C ALA C 234 12.40 36.19 -28.73
N PHE C 235 11.62 35.20 -28.31
CA PHE C 235 10.30 34.93 -28.89
C PHE C 235 9.31 34.62 -27.78
N GLU C 236 8.12 35.20 -27.87
CA GLU C 236 7.06 34.96 -26.90
C GLU C 236 5.72 34.90 -27.64
N THR C 237 5.34 33.69 -28.04
CA THR C 237 4.02 33.43 -28.63
C THR C 237 3.25 32.33 -27.92
N HIS C 238 3.90 31.47 -27.15
CA HIS C 238 3.20 30.43 -26.41
C HIS C 238 2.31 31.03 -25.33
N GLU C 239 1.19 30.35 -25.06
CA GLU C 239 0.26 30.76 -24.01
C GLU C 239 0.56 30.12 -22.67
N SER C 240 1.64 29.34 -22.56
CA SER C 240 2.00 28.68 -21.31
C SER C 240 3.50 28.40 -21.32
N ASP C 241 3.94 27.52 -20.41
CA ASP C 241 5.36 27.25 -20.24
C ASP C 241 5.96 26.61 -21.48
N VAL C 242 7.19 26.99 -21.80
CA VAL C 242 7.96 26.37 -22.88
C VAL C 242 8.75 25.22 -22.26
N ASN C 243 8.33 23.99 -22.54
CA ASN C 243 8.94 22.82 -21.91
C ASN C 243 10.14 22.28 -22.67
N SER C 244 10.25 22.53 -23.96
CA SER C 244 11.34 21.98 -24.75
C SER C 244 11.63 22.90 -25.93
N VAL C 245 12.90 22.98 -26.31
CA VAL C 245 13.35 23.72 -27.49
C VAL C 245 14.36 22.86 -28.24
N ARG C 246 14.34 22.97 -29.56
CA ARG C 246 15.24 22.19 -30.40
C ARG C 246 15.50 22.94 -31.70
N TYR C 247 16.76 22.97 -32.12
CA TYR C 247 17.15 23.66 -33.34
C TYR C 247 16.77 22.85 -34.57
N TYR C 248 16.29 23.54 -35.60
CA TYR C 248 16.17 22.94 -36.91
C TYR C 248 17.56 22.62 -37.46
N PRO C 249 17.73 21.50 -38.16
CA PRO C 249 19.09 21.03 -38.50
C PRO C 249 20.00 22.05 -39.15
N SER C 250 19.46 23.06 -39.85
CA SER C 250 20.30 24.08 -40.45
C SER C 250 20.79 25.13 -39.46
N GLY C 251 20.17 25.21 -38.29
CA GLY C 251 20.52 26.21 -37.29
C GLY C 251 19.85 27.55 -37.47
N ASP C 252 19.18 27.78 -38.60
CA ASP C 252 18.48 29.03 -38.85
C ASP C 252 17.07 29.04 -38.29
N ALA C 253 16.65 27.98 -37.61
CA ALA C 253 15.31 27.92 -37.04
C ALA C 253 15.34 26.99 -35.84
N PHE C 254 14.28 27.04 -35.04
CA PHE C 254 14.14 26.15 -33.90
C PHE C 254 12.66 25.96 -33.60
N ALA C 255 12.33 24.82 -33.00
CA ALA C 255 10.98 24.50 -32.59
C ALA C 255 10.88 24.46 -31.07
N SER C 256 9.66 24.54 -30.57
CA SER C 256 9.41 24.54 -29.13
C SER C 256 8.12 23.80 -28.84
N GLY C 257 8.07 23.15 -27.68
CA GLY C 257 6.87 22.51 -27.19
C GLY C 257 6.43 23.16 -25.90
N SER C 258 5.11 23.28 -25.71
CA SER C 258 4.59 24.03 -24.59
C SER C 258 3.42 23.30 -23.95
N ASP C 259 3.06 23.75 -22.74
CA ASP C 259 1.90 23.24 -22.03
C ASP C 259 0.58 23.68 -22.65
N ASP C 260 0.61 24.58 -23.62
CA ASP C 260 -0.60 25.00 -24.33
C ASP C 260 -0.99 24.02 -25.45
N ALA C 261 -0.44 22.80 -25.43
CA ALA C 261 -0.74 21.73 -26.38
C ALA C 261 -0.32 22.06 -27.81
N THR C 262 0.60 23.00 -28.00
CA THR C 262 1.06 23.39 -29.32
C THR C 262 2.57 23.25 -29.44
N CYS C 263 3.03 23.00 -30.65
CA CYS C 263 4.43 23.11 -31.02
C CYS C 263 4.56 24.21 -32.06
N ARG C 264 5.60 25.03 -31.94
CA ARG C 264 5.75 26.19 -32.81
C ARG C 264 7.16 26.25 -33.36
N LEU C 265 7.27 26.64 -34.63
CA LEU C 265 8.54 26.78 -35.33
C LEU C 265 8.85 28.25 -35.51
N TYR C 266 9.99 28.68 -34.99
CA TYR C 266 10.47 30.05 -35.16
C TYR C 266 11.69 30.05 -36.07
N ASP C 267 11.77 31.04 -36.95
CA ASP C 267 12.91 31.22 -37.83
C ASP C 267 13.68 32.46 -37.41
N LEU C 268 14.99 32.29 -37.21
CA LEU C 268 15.81 33.40 -36.71
C LEU C 268 16.00 34.48 -37.75
N ARG C 269 16.00 34.11 -39.04
CA ARG C 269 16.17 35.11 -40.09
C ARG C 269 14.91 35.94 -40.27
N ALA C 270 13.74 35.30 -40.22
CA ALA C 270 12.48 36.04 -40.35
C ALA C 270 12.09 36.74 -39.06
N ASP C 271 12.65 36.35 -37.92
CA ASP C 271 12.36 36.96 -36.62
C ASP C 271 10.86 36.93 -36.34
N ARG C 272 10.28 35.73 -36.44
CA ARG C 272 8.85 35.57 -36.27
C ARG C 272 8.53 34.09 -36.23
N GLU C 273 7.42 33.75 -35.57
CA GLU C 273 6.92 32.38 -35.58
C GLU C 273 6.33 32.05 -36.94
N VAL C 274 6.82 30.97 -37.56
CA VAL C 274 6.45 30.63 -38.93
C VAL C 274 5.50 29.46 -39.02
N ALA C 275 5.27 28.72 -37.94
CA ALA C 275 4.39 27.57 -38.00
C ALA C 275 3.88 27.22 -36.60
N ILE C 276 2.65 26.74 -36.55
CA ILE C 276 2.03 26.25 -35.32
C ILE C 276 1.52 24.83 -35.58
N TYR C 277 1.91 23.90 -34.74
CA TYR C 277 1.52 22.49 -34.85
C TYR C 277 0.55 22.18 -33.72
N SER C 278 -0.72 22.00 -34.07
CA SER C 278 -1.76 21.77 -33.07
C SER C 278 -2.94 21.10 -33.73
N LYS C 279 -3.90 20.71 -32.90
CA LYS C 279 -5.13 20.07 -33.34
C LYS C 279 -6.13 20.14 -32.19
N GLU C 280 -7.42 20.19 -32.55
CA GLU C 280 -8.46 20.33 -31.54
C GLU C 280 -8.51 19.14 -30.59
N SER C 281 -8.08 17.96 -31.05
CA SER C 281 -8.07 16.77 -30.20
C SER C 281 -6.83 16.68 -29.32
N ILE C 282 -5.84 17.55 -29.52
CA ILE C 282 -4.62 17.57 -28.73
C ILE C 282 -4.76 18.70 -27.73
N ILE C 283 -5.01 18.36 -26.47
CA ILE C 283 -5.23 19.35 -25.42
C ILE C 283 -4.22 19.26 -24.30
N PHE C 284 -3.38 18.22 -24.26
CA PHE C 284 -2.37 18.11 -23.22
C PHE C 284 -1.05 18.72 -23.69
N GLY C 285 -0.25 19.15 -22.72
CA GLY C 285 0.99 19.84 -23.05
C GLY C 285 2.02 18.92 -23.66
N ALA C 286 2.90 19.50 -24.47
CA ALA C 286 4.02 18.79 -25.08
C ALA C 286 5.25 18.98 -24.21
N SER C 287 5.89 17.87 -23.84
CA SER C 287 7.06 17.90 -22.96
C SER C 287 8.39 17.92 -23.69
N SER C 288 8.46 17.43 -24.92
CA SER C 288 9.73 17.33 -25.63
C SER C 288 9.48 17.30 -27.12
N VAL C 289 10.38 17.93 -27.88
CA VAL C 289 10.31 17.96 -29.34
C VAL C 289 11.70 17.72 -29.90
N ASP C 290 11.74 17.12 -31.10
CA ASP C 290 13.01 16.89 -31.79
C ASP C 290 12.72 16.63 -33.26
N PHE C 291 13.69 16.98 -34.10
CA PHE C 291 13.56 16.89 -35.54
C PHE C 291 14.14 15.59 -36.08
N SER C 292 13.66 15.20 -37.26
CA SER C 292 14.33 14.17 -38.02
C SER C 292 15.58 14.75 -38.68
N LEU C 293 16.33 13.88 -39.36
CA LEU C 293 17.62 14.28 -39.93
C LEU C 293 17.45 15.45 -40.89
N SER C 294 16.48 15.37 -41.80
CA SER C 294 16.27 16.41 -42.79
C SER C 294 15.51 17.61 -42.25
N GLY C 295 14.92 17.50 -41.06
CA GLY C 295 14.06 18.55 -40.55
C GLY C 295 12.65 18.53 -41.11
N ARG C 296 12.30 17.50 -41.88
CA ARG C 296 10.95 17.39 -42.43
C ARG C 296 9.94 16.98 -41.37
N LEU C 297 10.35 16.19 -40.39
CA LEU C 297 9.46 15.68 -39.36
C LEU C 297 9.81 16.27 -38.01
N LEU C 298 8.79 16.57 -37.21
CA LEU C 298 8.97 17.03 -35.83
C LEU C 298 8.24 16.05 -34.92
N PHE C 299 9.00 15.34 -34.09
CA PHE C 299 8.44 14.40 -33.13
C PHE C 299 8.22 15.12 -31.82
N ALA C 300 7.05 14.89 -31.21
CA ALA C 300 6.69 15.56 -29.96
C ALA C 300 6.02 14.59 -29.02
N GLY C 301 6.54 14.49 -27.80
CA GLY C 301 5.91 13.71 -26.75
C GLY C 301 5.02 14.59 -25.90
N TYR C 302 3.87 14.05 -25.50
CA TYR C 302 2.83 14.83 -24.84
C TYR C 302 2.49 14.24 -23.48
N ASN C 303 1.70 15.00 -22.72
CA ASN C 303 1.23 14.57 -21.42
C ASN C 303 0.03 13.64 -21.50
N ASP C 304 -0.62 13.54 -22.66
CA ASP C 304 -1.67 12.54 -22.88
C ASP C 304 -1.10 11.17 -23.24
N TYR C 305 0.18 10.95 -22.94
CA TYR C 305 0.87 9.67 -23.05
C TYR C 305 1.20 9.30 -24.50
N THR C 306 0.92 10.19 -25.46
CA THR C 306 1.07 9.89 -26.86
C THR C 306 2.26 10.64 -27.46
N ILE C 307 2.60 10.24 -28.69
CA ILE C 307 3.66 10.87 -29.48
C ILE C 307 3.06 11.27 -30.81
N ASN C 308 3.07 12.56 -31.11
CA ASN C 308 2.53 13.08 -32.36
C ASN C 308 3.67 13.53 -33.26
N VAL C 309 3.68 13.02 -34.50
CA VAL C 309 4.70 13.37 -35.48
C VAL C 309 4.10 14.37 -36.46
N TRP C 310 4.84 15.43 -36.74
CA TRP C 310 4.34 16.55 -37.52
C TRP C 310 5.17 16.74 -38.80
N ASP C 311 4.48 17.05 -39.88
CA ASP C 311 5.14 17.54 -41.09
C ASP C 311 5.56 18.98 -40.84
N VAL C 312 6.86 19.23 -40.79
CA VAL C 312 7.36 20.57 -40.46
C VAL C 312 6.97 21.56 -41.54
N LEU C 313 7.10 21.18 -42.81
CA LEU C 313 6.84 22.11 -43.90
C LEU C 313 5.35 22.26 -44.15
N LYS C 314 4.62 21.15 -44.29
CA LYS C 314 3.20 21.18 -44.61
C LYS C 314 2.33 21.50 -43.40
N GLY C 315 2.78 21.22 -42.19
CA GLY C 315 2.04 21.51 -40.99
C GLY C 315 1.09 20.43 -40.53
N SER C 316 0.76 19.47 -41.39
CA SER C 316 -0.19 18.43 -41.04
C SER C 316 0.47 17.36 -40.16
N ARG C 317 -0.34 16.79 -39.28
CA ARG C 317 0.12 15.69 -38.42
C ARG C 317 0.14 14.40 -39.21
N VAL C 318 1.29 13.73 -39.23
CA VAL C 318 1.47 12.54 -40.08
C VAL C 318 1.40 11.23 -39.30
N SER C 319 1.40 11.27 -37.97
CA SER C 319 1.36 10.03 -37.21
C SER C 319 0.92 10.32 -35.78
N ILE C 320 0.29 9.32 -35.17
CA ILE C 320 -0.09 9.33 -33.75
C ILE C 320 0.37 8.00 -33.17
N LEU C 321 1.29 8.05 -32.21
CA LEU C 321 1.91 6.86 -31.66
C LEU C 321 1.44 6.62 -30.24
N PHE C 322 0.88 5.43 -29.99
CA PHE C 322 0.43 5.03 -28.67
C PHE C 322 1.32 3.93 -28.11
N GLY C 323 1.36 3.84 -26.79
CA GLY C 323 2.17 2.82 -26.15
C GLY C 323 2.46 3.11 -24.69
N HIS C 324 2.90 4.33 -24.40
CA HIS C 324 3.22 4.70 -23.03
C HIS C 324 1.96 4.81 -22.20
N GLU C 325 2.05 4.39 -20.93
CA GLU C 325 0.91 4.36 -20.04
C GLU C 325 0.94 5.51 -19.02
N ASN C 326 1.86 6.45 -19.17
CA ASN C 326 1.85 7.70 -18.42
C ASN C 326 2.49 8.77 -19.28
N ARG C 327 2.74 9.95 -18.68
CA ARG C 327 3.26 11.08 -19.44
C ARG C 327 4.54 10.72 -20.18
N VAL C 328 4.66 11.19 -21.42
CA VAL C 328 5.93 11.14 -22.15
C VAL C 328 6.73 12.36 -21.72
N SER C 329 7.83 12.13 -21.00
CA SER C 329 8.60 13.21 -20.41
C SER C 329 9.79 13.66 -21.24
N THR C 330 10.32 12.80 -22.10
CA THR C 330 11.47 13.15 -22.92
C THR C 330 11.41 12.39 -24.22
N LEU C 331 11.98 12.99 -25.27
CA LEU C 331 11.95 12.41 -26.61
C LEU C 331 13.12 12.98 -27.40
N ARG C 332 13.95 12.10 -27.97
CA ARG C 332 15.11 12.50 -28.76
C ARG C 332 15.26 11.57 -29.95
N VAL C 333 15.61 12.14 -31.09
CA VAL C 333 15.86 11.39 -32.32
C VAL C 333 17.30 10.92 -32.32
N SER C 334 17.52 9.69 -32.82
CA SER C 334 18.83 9.07 -32.91
C SER C 334 19.84 9.99 -33.61
N PRO C 335 21.12 9.94 -33.25
CA PRO C 335 22.11 10.81 -33.91
C PRO C 335 22.18 10.60 -35.41
N ASP C 336 21.91 9.39 -35.91
CA ASP C 336 21.88 9.12 -37.34
C ASP C 336 20.48 9.19 -37.92
N GLY C 337 19.48 9.53 -37.11
CA GLY C 337 18.11 9.68 -37.56
C GLY C 337 17.37 8.42 -37.94
N THR C 338 17.90 7.24 -37.57
CA THR C 338 17.23 5.99 -37.91
C THR C 338 16.08 5.67 -36.96
N ALA C 339 16.09 6.20 -35.75
CA ALA C 339 15.06 5.92 -34.77
C ALA C 339 14.91 7.13 -33.86
N PHE C 340 13.95 7.05 -32.93
CA PHE C 340 13.82 8.02 -31.86
C PHE C 340 13.39 7.29 -30.60
N CYS C 341 13.77 7.86 -29.45
CA CYS C 341 13.52 7.24 -28.15
C CYS C 341 12.71 8.18 -27.29
N SER C 342 11.69 7.64 -26.62
CA SER C 342 10.84 8.40 -25.73
C SER C 342 10.91 7.81 -24.33
N GLY C 343 11.17 8.66 -23.34
CA GLY C 343 11.01 8.29 -21.95
C GLY C 343 9.63 8.65 -21.46
N SER C 344 9.23 8.07 -20.34
CA SER C 344 7.86 8.28 -19.87
C SER C 344 7.77 8.12 -18.36
N TRP C 345 6.70 8.70 -17.80
CA TRP C 345 6.38 8.56 -16.38
C TRP C 345 5.88 7.18 -16.02
N ASP C 346 5.83 6.25 -16.98
CA ASP C 346 5.45 4.87 -16.71
C ASP C 346 6.66 3.99 -16.43
N HIS C 347 7.84 4.58 -16.20
CA HIS C 347 9.09 3.93 -15.77
C HIS C 347 9.87 3.30 -16.92
N THR C 348 9.45 3.48 -18.17
CA THR C 348 10.08 2.80 -19.29
C THR C 348 10.55 3.80 -20.34
N LEU C 349 11.41 3.31 -21.24
CA LEU C 349 11.78 4.01 -22.45
C LEU C 349 11.47 3.12 -23.64
N ARG C 350 11.13 3.74 -24.78
CA ARG C 350 10.78 3.01 -25.99
C ARG C 350 11.55 3.58 -27.17
N VAL C 351 12.07 2.70 -28.02
CA VAL C 351 12.76 3.07 -29.24
C VAL C 351 11.85 2.76 -30.42
N TRP C 352 11.60 3.76 -31.26
CA TRP C 352 10.64 3.65 -32.34
C TRP C 352 11.34 3.76 -33.69
N ALA C 353 10.87 2.98 -34.65
CA ALA C 353 11.39 3.06 -36.00
C ALA C 353 10.40 2.45 -36.98
N ALA D 2 15.96 -15.16 81.05
CA ALA D 2 16.52 -14.41 82.17
C ALA D 2 15.44 -14.16 83.23
N THR D 3 15.43 -12.94 83.77
CA THR D 3 14.33 -12.47 84.61
C THR D 3 13.54 -11.36 83.94
N ASP D 4 14.02 -10.83 82.82
CA ASP D 4 13.32 -9.79 82.08
C ASP D 4 13.06 -10.26 80.65
N GLY D 5 13.04 -9.32 79.70
CA GLY D 5 12.77 -9.66 78.32
C GLY D 5 11.30 -9.83 78.04
N LEU D 6 10.79 -9.10 77.03
CA LEU D 6 9.37 -9.15 76.72
C LEU D 6 8.96 -10.49 76.11
N HIS D 7 9.89 -11.14 75.39
CA HIS D 7 9.65 -12.43 74.75
C HIS D 7 8.45 -12.38 73.81
N GLU D 8 8.54 -11.50 72.82
CA GLU D 8 7.52 -11.45 71.78
C GLU D 8 7.64 -12.64 70.84
N ASN D 9 8.87 -13.03 70.50
CA ASN D 9 9.09 -14.18 69.63
C ASN D 9 8.61 -15.48 70.24
N GLU D 10 8.52 -15.56 71.57
CA GLU D 10 7.98 -16.76 72.19
C GLU D 10 6.51 -16.95 71.85
N THR D 11 5.79 -15.86 71.60
CA THR D 11 4.41 -15.93 71.13
C THR D 11 4.31 -15.91 69.61
N LEU D 12 5.28 -15.27 68.94
CA LEU D 12 5.31 -15.32 67.48
C LEU D 12 5.64 -16.71 66.98
N ALA D 13 6.50 -17.44 67.69
CA ALA D 13 6.76 -18.84 67.35
C ALA D 13 5.54 -19.70 67.60
N SER D 14 4.70 -19.33 68.56
CA SER D 14 3.45 -20.06 68.79
C SER D 14 2.47 -19.83 67.63
N LEU D 15 2.45 -18.62 67.07
CA LEU D 15 1.61 -18.35 65.92
C LEU D 15 2.20 -18.91 64.64
N LYS D 16 3.53 -18.96 64.54
CA LYS D 16 4.16 -19.58 63.38
C LYS D 16 3.93 -21.08 63.37
N SER D 17 4.03 -21.72 64.54
CA SER D 17 3.76 -23.16 64.64
C SER D 17 2.29 -23.48 64.45
N GLU D 18 1.40 -22.48 64.54
CA GLU D 18 -0.02 -22.67 64.27
C GLU D 18 -0.36 -22.42 62.81
N ALA D 19 0.35 -21.52 62.13
CA ALA D 19 0.15 -21.30 60.71
C ALA D 19 0.84 -22.37 59.88
N GLU D 20 1.99 -22.87 60.34
CA GLU D 20 2.66 -23.96 59.64
C GLU D 20 1.85 -25.24 59.70
N SER D 21 1.21 -25.52 60.84
CA SER D 21 0.47 -26.77 61.00
C SER D 21 -0.79 -26.79 60.13
N LEU D 22 -1.49 -25.65 60.04
CA LEU D 22 -2.67 -25.60 59.18
C LEU D 22 -2.29 -25.74 57.71
N LYS D 23 -1.14 -25.19 57.32
CA LYS D 23 -0.66 -25.35 55.95
C LYS D 23 -0.27 -26.81 55.66
N GLY D 24 0.44 -27.43 56.60
CA GLY D 24 0.76 -28.84 56.46
C GLY D 24 -0.46 -29.73 56.55
N LYS D 25 -1.45 -29.32 57.34
CA LYS D 25 -2.72 -30.04 57.39
C LYS D 25 -3.40 -30.06 56.02
N LEU D 26 -3.37 -28.93 55.31
CA LEU D 26 -3.97 -28.87 53.98
C LEU D 26 -3.15 -29.65 52.96
N GLU D 27 -1.83 -29.57 53.04
CA GLU D 27 -0.98 -30.30 52.11
C GLU D 27 -1.18 -31.81 52.24
N GLU D 28 -1.33 -32.29 53.47
CA GLU D 28 -1.53 -33.73 53.68
C GLU D 28 -2.92 -34.16 53.26
N GLU D 29 -3.92 -33.30 53.47
CA GLU D 29 -5.28 -33.63 53.03
C GLU D 29 -5.37 -33.65 51.51
N ARG D 30 -4.72 -32.70 50.84
CA ARG D 30 -4.74 -32.67 49.37
C ARG D 30 -4.05 -33.90 48.79
N ALA D 31 -2.96 -34.33 49.41
CA ALA D 31 -2.27 -35.53 48.93
C ALA D 31 -3.10 -36.78 49.19
N LYS D 32 -3.81 -36.83 50.32
CA LYS D 32 -4.63 -37.99 50.65
C LYS D 32 -5.75 -38.17 49.63
N LEU D 33 -6.34 -37.07 49.16
CA LEU D 33 -7.42 -37.14 48.18
C LEU D 33 -6.93 -37.46 46.78
N HIS D 34 -5.63 -37.29 46.51
CA HIS D 34 -5.07 -37.48 45.17
C HIS D 34 -4.63 -38.94 45.00
N ASP D 35 -5.63 -39.82 44.95
CA ASP D 35 -5.38 -41.25 44.90
C ASP D 35 -5.18 -41.80 43.49
N VAL D 36 -5.70 -41.13 42.47
CA VAL D 36 -5.54 -41.55 41.08
C VAL D 36 -5.46 -40.31 40.19
N GLU D 37 -5.15 -40.54 38.92
CA GLU D 37 -5.20 -39.51 37.89
C GLU D 37 -6.33 -39.83 36.92
N LEU D 38 -6.93 -38.76 36.37
CA LEU D 38 -8.14 -38.93 35.55
C LEU D 38 -7.87 -39.82 34.35
N HIS D 39 -6.77 -39.57 33.62
CA HIS D 39 -6.45 -40.38 32.45
C HIS D 39 -6.13 -41.82 32.80
N GLN D 40 -5.69 -42.08 34.05
CA GLN D 40 -5.46 -43.46 34.47
C GLN D 40 -6.79 -44.18 34.70
N VAL D 41 -7.76 -43.50 35.30
CA VAL D 41 -9.10 -44.08 35.43
C VAL D 41 -9.75 -44.22 34.06
N ALA D 42 -9.51 -43.25 33.18
CA ALA D 42 -10.11 -43.26 31.85
C ALA D 42 -9.60 -44.38 30.95
N GLU D 43 -8.56 -45.11 31.38
CA GLU D 43 -8.14 -46.30 30.64
C GLU D 43 -9.26 -47.32 30.56
N ARG D 44 -10.21 -47.28 31.50
CA ARG D 44 -11.40 -48.11 31.44
C ARG D 44 -12.26 -47.77 30.23
N VAL D 45 -12.23 -46.50 29.80
CA VAL D 45 -13.04 -46.04 28.67
C VAL D 45 -12.38 -46.46 27.37
N GLU D 46 -13.20 -46.80 26.37
CA GLU D 46 -12.72 -47.17 25.05
C GLU D 46 -12.35 -45.93 24.27
N ALA D 47 -11.30 -46.03 23.45
CA ALA D 47 -10.82 -44.89 22.68
C ALA D 47 -11.79 -44.55 21.55
N LEU D 48 -11.74 -43.30 21.13
CA LEU D 48 -12.65 -42.79 20.10
C LEU D 48 -12.17 -43.19 18.71
N GLY D 49 -13.13 -43.27 17.78
CA GLY D 49 -12.83 -43.65 16.42
C GLY D 49 -12.26 -42.49 15.61
N GLN D 50 -12.05 -42.76 14.33
CA GLN D 50 -11.50 -41.76 13.43
C GLN D 50 -12.51 -40.64 13.19
N PHE D 51 -12.02 -39.41 13.21
CA PHE D 51 -12.84 -38.23 12.96
C PHE D 51 -12.59 -37.70 11.55
N VAL D 52 -13.65 -37.26 10.89
CA VAL D 52 -13.57 -36.72 9.53
C VAL D 52 -14.28 -35.38 9.47
N MET D 53 -13.95 -34.48 10.39
CA MET D 53 -14.56 -33.16 10.41
C MET D 53 -13.98 -32.28 9.31
N LYS D 54 -14.86 -31.52 8.65
CA LYS D 54 -14.48 -30.64 7.57
C LYS D 54 -15.21 -29.31 7.73
N THR D 55 -14.76 -28.32 6.96
CA THR D 55 -15.45 -27.04 6.92
C THR D 55 -16.72 -27.17 6.07
N ARG D 56 -17.85 -26.79 6.66
CA ARG D 56 -19.14 -26.86 5.97
C ARG D 56 -19.65 -25.51 5.50
N ARG D 57 -19.26 -24.42 6.17
CA ARG D 57 -19.60 -23.06 5.76
C ARG D 57 -18.39 -22.17 5.97
N THR D 58 -18.24 -21.19 5.08
CA THR D 58 -17.22 -20.16 5.22
C THR D 58 -17.91 -18.80 5.20
N LEU D 59 -17.81 -18.06 6.30
CA LEU D 59 -18.45 -16.77 6.45
C LEU D 59 -17.46 -15.68 6.06
N LYS D 60 -17.60 -15.17 4.84
CA LYS D 60 -16.76 -14.10 4.32
C LYS D 60 -17.57 -12.81 4.26
N GLY D 61 -17.00 -11.74 4.82
CA GLY D 61 -17.67 -10.45 4.82
C GLY D 61 -16.95 -9.41 5.65
N HIS D 62 -16.41 -9.82 6.80
CA HIS D 62 -15.67 -8.90 7.65
C HIS D 62 -14.47 -8.33 6.92
N GLY D 63 -14.17 -7.06 7.19
CA GLY D 63 -13.07 -6.37 6.56
C GLY D 63 -11.75 -6.46 7.28
N ASN D 64 -11.71 -7.05 8.47
CA ASN D 64 -10.48 -7.16 9.24
C ASN D 64 -10.60 -8.38 10.15
N LYS D 65 -9.63 -8.53 11.07
CA LYS D 65 -9.59 -9.69 11.97
C LYS D 65 -10.94 -9.92 12.64
N VAL D 66 -11.42 -11.15 12.56
CA VAL D 66 -12.56 -11.56 13.37
C VAL D 66 -12.07 -11.83 14.79
N LEU D 67 -12.74 -11.22 15.78
CA LEU D 67 -12.27 -11.27 17.16
C LEU D 67 -13.18 -12.04 18.11
N CYS D 68 -14.45 -12.22 17.78
CA CYS D 68 -15.37 -12.94 18.66
C CYS D 68 -16.58 -13.39 17.85
N MET D 69 -17.27 -14.40 18.37
CA MET D 69 -18.52 -14.85 17.78
C MET D 69 -19.33 -15.57 18.85
N ASP D 70 -20.64 -15.67 18.60
CA ASP D 70 -21.54 -16.32 19.54
C ASP D 70 -22.71 -16.92 18.77
N TRP D 71 -23.06 -18.16 19.10
CA TRP D 71 -24.20 -18.81 18.46
C TRP D 71 -25.51 -18.27 19.01
N CYS D 72 -26.55 -18.34 18.18
CA CYS D 72 -27.91 -18.05 18.61
C CYS D 72 -28.60 -19.34 19.05
N LYS D 73 -29.59 -19.19 19.94
CA LYS D 73 -30.28 -20.36 20.47
C LYS D 73 -31.03 -21.15 19.41
N ASP D 74 -31.27 -20.58 18.23
CA ASP D 74 -31.96 -21.31 17.17
C ASP D 74 -31.05 -22.26 16.41
N LYS D 75 -29.78 -22.40 16.84
CA LYS D 75 -28.76 -23.35 16.38
C LYS D 75 -28.18 -23.03 15.01
N ARG D 76 -28.53 -21.89 14.39
CA ARG D 76 -28.01 -21.59 13.06
C ARG D 76 -27.53 -20.16 12.89
N ARG D 77 -28.07 -19.22 13.66
CA ARG D 77 -27.68 -17.82 13.53
C ARG D 77 -26.46 -17.52 14.40
N ILE D 78 -25.62 -16.62 13.90
CA ILE D 78 -24.31 -16.32 14.49
C ILE D 78 -24.08 -14.82 14.46
N VAL D 79 -23.60 -14.27 15.58
CA VAL D 79 -23.13 -12.89 15.65
C VAL D 79 -21.62 -12.92 15.70
N SER D 80 -20.99 -11.99 14.98
CA SER D 80 -19.53 -11.92 14.92
C SER D 80 -19.08 -10.47 14.84
N SER D 81 -17.94 -10.18 15.45
CA SER D 81 -17.38 -8.84 15.50
C SER D 81 -15.95 -8.89 14.98
N SER D 82 -15.47 -7.73 14.51
CA SER D 82 -14.17 -7.64 13.89
C SER D 82 -13.43 -6.40 14.34
N GLN D 83 -12.16 -6.30 13.97
CA GLN D 83 -11.32 -5.18 14.38
C GLN D 83 -11.76 -3.87 13.74
N ASP D 84 -12.24 -3.91 12.49
CA ASP D 84 -12.67 -2.69 11.81
C ASP D 84 -13.89 -2.05 12.44
N GLY D 85 -14.49 -2.68 13.45
CA GLY D 85 -15.62 -2.10 14.15
C GLY D 85 -16.98 -2.64 13.78
N LYS D 86 -17.06 -3.52 12.79
CA LYS D 86 -18.34 -4.01 12.30
C LYS D 86 -18.76 -5.28 13.02
N VAL D 87 -20.04 -5.37 13.35
CA VAL D 87 -20.64 -6.56 13.94
C VAL D 87 -21.70 -7.07 12.97
N ILE D 88 -21.68 -8.37 12.68
CA ILE D 88 -22.52 -8.97 11.66
C ILE D 88 -23.29 -10.13 12.27
N VAL D 89 -24.58 -10.24 11.93
CA VAL D 89 -25.41 -11.37 12.29
C VAL D 89 -25.66 -12.19 11.03
N TRP D 90 -25.25 -13.45 11.07
CA TRP D 90 -25.39 -14.36 9.93
C TRP D 90 -26.48 -15.38 10.19
N ASP D 91 -27.08 -15.87 9.10
CA ASP D 91 -27.78 -17.16 9.08
C ASP D 91 -26.77 -18.14 8.52
N SER D 92 -25.97 -18.73 9.41
CA SER D 92 -24.81 -19.52 8.98
C SER D 92 -25.18 -20.74 8.18
N PHE D 93 -26.41 -21.26 8.33
CA PHE D 93 -26.81 -22.41 7.54
C PHE D 93 -26.91 -22.07 6.06
N THR D 94 -27.34 -20.85 5.75
CA THR D 94 -27.36 -20.34 4.38
C THR D 94 -26.27 -19.31 4.11
N THR D 95 -25.52 -18.89 5.13
CA THR D 95 -24.45 -17.90 5.05
C THR D 95 -24.95 -16.51 4.67
N ASN D 96 -26.24 -16.25 4.83
CA ASN D 96 -26.80 -14.94 4.50
C ASN D 96 -26.61 -13.98 5.67
N LYS D 97 -26.11 -12.78 5.37
CA LYS D 97 -25.99 -11.72 6.37
C LYS D 97 -27.37 -11.13 6.63
N GLU D 98 -27.80 -11.13 7.88
CA GLU D 98 -29.12 -10.62 8.24
C GLU D 98 -29.07 -9.24 8.91
N HIS D 99 -28.07 -8.99 9.75
CA HIS D 99 -27.94 -7.71 10.42
C HIS D 99 -26.47 -7.29 10.43
N ALA D 100 -26.25 -5.99 10.55
CA ALA D 100 -24.90 -5.44 10.59
C ALA D 100 -24.94 -4.05 11.21
N VAL D 101 -23.98 -3.78 12.09
CA VAL D 101 -23.86 -2.48 12.74
C VAL D 101 -22.37 -2.14 12.86
N THR D 102 -22.05 -0.88 12.62
CA THR D 102 -20.70 -0.37 12.76
C THR D 102 -20.57 0.38 14.08
N MET D 103 -19.51 0.10 14.81
CA MET D 103 -19.31 0.65 16.14
C MET D 103 -18.36 1.83 16.10
N PRO D 104 -18.47 2.75 17.07
CA PRO D 104 -17.58 3.93 17.07
C PRO D 104 -16.14 3.62 17.47
N CYS D 105 -15.79 2.36 17.70
CA CYS D 105 -14.44 2.00 18.09
C CYS D 105 -13.90 0.92 17.16
N THR D 106 -12.60 0.67 17.28
CA THR D 106 -11.97 -0.46 16.63
C THR D 106 -11.78 -1.59 17.66
N TRP D 107 -11.36 -2.75 17.16
CA TRP D 107 -11.09 -3.91 18.00
C TRP D 107 -12.29 -4.27 18.87
N VAL D 108 -13.43 -4.52 18.21
CA VAL D 108 -14.61 -5.00 18.90
C VAL D 108 -14.34 -6.43 19.34
N MET D 109 -13.72 -6.57 20.52
CA MET D 109 -13.20 -7.85 20.99
C MET D 109 -14.25 -8.74 21.64
N ALA D 110 -15.48 -8.26 21.82
CA ALA D 110 -16.50 -9.04 22.51
C ALA D 110 -17.85 -8.82 21.85
N CYS D 111 -18.59 -9.92 21.69
CA CYS D 111 -19.97 -9.88 21.22
C CYS D 111 -20.70 -11.09 21.77
N ALA D 112 -22.02 -10.95 21.92
CA ALA D 112 -22.83 -12.00 22.49
C ALA D 112 -24.24 -11.92 21.94
N TYR D 113 -24.93 -13.07 21.98
CA TYR D 113 -26.29 -13.20 21.48
C TYR D 113 -27.24 -13.30 22.66
N ALA D 114 -28.31 -12.50 22.64
CA ALA D 114 -29.28 -12.51 23.72
C ALA D 114 -30.03 -13.85 23.74
N PRO D 115 -30.43 -14.31 24.93
CA PRO D 115 -31.13 -15.62 25.01
C PRO D 115 -32.41 -15.67 24.20
N SER D 116 -33.09 -14.54 24.01
CA SER D 116 -34.30 -14.53 23.19
C SER D 116 -33.99 -14.58 21.71
N GLY D 117 -32.77 -14.24 21.30
CA GLY D 117 -32.42 -14.08 19.91
C GLY D 117 -32.89 -12.79 19.28
N CYS D 118 -33.26 -11.79 20.09
CA CYS D 118 -33.77 -10.53 19.59
C CYS D 118 -32.85 -9.35 19.89
N ALA D 119 -31.65 -9.63 20.40
CA ALA D 119 -30.71 -8.56 20.71
C ALA D 119 -29.29 -9.14 20.74
N ILE D 120 -28.31 -8.25 20.62
CA ILE D 120 -26.90 -8.60 20.75
C ILE D 120 -26.21 -7.53 21.57
N ALA D 121 -25.13 -7.93 22.23
CA ALA D 121 -24.27 -7.03 22.98
C ALA D 121 -22.87 -7.10 22.41
N CYS D 122 -22.16 -5.97 22.43
CA CYS D 122 -20.81 -5.92 21.87
C CYS D 122 -20.08 -4.70 22.39
N GLY D 123 -18.76 -4.74 22.26
CA GLY D 123 -17.92 -3.65 22.70
C GLY D 123 -16.46 -4.03 22.56
N GLY D 124 -15.60 -3.05 22.82
CA GLY D 124 -14.17 -3.25 22.71
C GLY D 124 -13.35 -2.10 23.23
N LEU D 125 -12.61 -1.43 22.34
CA LEU D 125 -11.77 -0.31 22.74
C LEU D 125 -12.58 0.90 23.18
N ASP D 126 -13.89 0.91 22.99
CA ASP D 126 -14.73 1.98 23.51
C ASP D 126 -14.90 1.91 25.02
N ASN D 127 -14.35 0.88 25.66
CA ASN D 127 -14.44 0.70 27.11
C ASN D 127 -15.88 0.58 27.59
N LYS D 128 -16.77 0.09 26.73
CA LYS D 128 -18.17 -0.06 27.05
C LYS D 128 -18.68 -1.38 26.51
N CYS D 129 -19.91 -1.70 26.88
CA CYS D 129 -20.68 -2.80 26.27
C CYS D 129 -22.07 -2.28 25.98
N SER D 130 -22.52 -2.43 24.74
CA SER D 130 -23.77 -1.85 24.27
C SER D 130 -24.67 -2.94 23.71
N VAL D 131 -25.97 -2.81 23.95
CA VAL D 131 -26.96 -3.78 23.49
C VAL D 131 -27.69 -3.20 22.29
N TYR D 132 -27.75 -3.98 21.20
CA TYR D 132 -28.46 -3.59 20.00
C TYR D 132 -29.64 -4.52 19.79
N PRO D 133 -30.83 -4.01 19.47
CA PRO D 133 -31.95 -4.89 19.15
C PRO D 133 -31.86 -5.42 17.72
N LEU D 134 -32.54 -6.55 17.49
CA LEU D 134 -32.64 -7.17 16.18
C LEU D 134 -34.09 -7.19 15.75
N THR D 135 -34.39 -6.64 14.58
CA THR D 135 -35.76 -6.53 14.10
C THR D 135 -35.84 -6.90 12.62
N PHE D 136 -37.06 -7.11 12.15
CA PHE D 136 -37.27 -7.51 10.76
C PHE D 136 -37.59 -6.26 9.94
N ASP D 137 -37.05 -5.13 10.39
CA ASP D 137 -37.36 -3.86 9.78
C ASP D 137 -36.63 -3.70 8.47
N LYS D 138 -37.31 -3.06 7.52
CA LYS D 138 -36.70 -2.74 6.23
C LYS D 138 -35.73 -1.57 6.40
N ASN D 139 -34.55 -1.71 5.79
CA ASN D 139 -33.49 -0.72 5.88
C ASN D 139 -33.16 -0.42 7.35
N GLU D 140 -33.12 -1.48 8.15
CA GLU D 140 -33.03 -1.37 9.61
C GLU D 140 -31.79 -0.56 10.02
N ASN D 141 -32.02 0.42 10.89
CA ASN D 141 -30.96 1.26 11.46
C ASN D 141 -30.71 0.79 12.89
N MET D 142 -29.72 -0.10 13.03
CA MET D 142 -29.43 -0.69 14.34
C MET D 142 -28.77 0.33 15.28
N ALA D 143 -27.91 1.20 14.73
CA ALA D 143 -27.15 2.12 15.57
C ALA D 143 -28.06 3.14 16.28
N ALA D 144 -29.23 3.44 15.71
CA ALA D 144 -30.12 4.40 16.35
C ALA D 144 -30.83 3.83 17.57
N LYS D 145 -30.78 2.52 17.78
CA LYS D 145 -31.40 1.88 18.94
C LYS D 145 -30.36 1.42 19.96
N LYS D 146 -29.12 1.90 19.85
CA LYS D 146 -28.04 1.44 20.71
C LYS D 146 -28.31 1.78 22.17
N LYS D 147 -28.24 0.76 23.03
CA LYS D 147 -28.43 0.91 24.47
C LYS D 147 -27.07 0.74 25.14
N SER D 148 -26.55 1.83 25.70
CA SER D 148 -25.28 1.79 26.41
C SER D 148 -25.49 1.25 27.83
N VAL D 149 -24.90 0.10 28.12
CA VAL D 149 -25.14 -0.59 29.38
C VAL D 149 -23.91 -0.52 30.27
N ALA D 150 -22.84 -1.21 29.88
CA ALA D 150 -21.65 -1.31 30.70
C ALA D 150 -20.68 -0.17 30.42
N MET D 151 -19.76 0.04 31.36
CA MET D 151 -18.82 1.15 31.28
C MET D 151 -17.63 0.83 32.17
N HIS D 152 -16.45 0.72 31.57
CA HIS D 152 -15.22 0.41 32.30
C HIS D 152 -14.18 1.50 32.05
N THR D 153 -13.07 1.40 32.79
CA THR D 153 -11.96 2.33 32.63
C THR D 153 -10.90 1.80 31.67
N ASN D 154 -11.07 0.60 31.13
CA ASN D 154 -10.19 0.08 30.09
C ASN D 154 -11.05 -0.72 29.12
N TYR D 155 -10.40 -1.41 28.19
CA TYR D 155 -11.11 -2.07 27.11
C TYR D 155 -12.01 -3.19 27.63
N LEU D 156 -13.03 -3.52 26.84
CA LEU D 156 -13.89 -4.66 27.09
C LEU D 156 -13.31 -5.88 26.40
N SER D 157 -13.07 -6.94 27.17
CA SER D 157 -12.48 -8.16 26.64
C SER D 157 -13.49 -9.27 26.39
N ALA D 158 -14.55 -9.33 27.18
CA ALA D 158 -15.55 -10.38 27.02
C ALA D 158 -16.87 -9.89 27.60
N CYS D 159 -17.96 -10.43 27.06
CA CYS D 159 -19.29 -10.11 27.56
C CYS D 159 -20.20 -11.32 27.34
N SER D 160 -21.31 -11.32 28.07
CA SER D 160 -22.28 -12.41 27.99
C SER D 160 -23.58 -12.04 28.67
N PHE D 161 -24.70 -12.27 28.00
CA PHE D 161 -25.99 -12.20 28.67
C PHE D 161 -26.08 -13.30 29.72
N THR D 162 -26.97 -13.10 30.68
CA THR D 162 -27.26 -14.14 31.66
C THR D 162 -28.29 -15.10 31.05
N ASN D 163 -29.21 -15.61 31.87
CA ASN D 163 -30.28 -16.45 31.34
C ASN D 163 -31.42 -15.64 30.74
N SER D 164 -31.30 -14.31 30.70
CA SER D 164 -32.32 -13.45 30.12
C SER D 164 -31.64 -12.29 29.41
N ASP D 165 -32.46 -11.52 28.68
CA ASP D 165 -32.00 -10.35 27.95
C ASP D 165 -31.74 -9.15 28.85
N MET D 166 -32.01 -9.25 30.15
CA MET D 166 -32.05 -8.10 31.03
C MET D 166 -30.76 -7.86 31.80
N GLN D 167 -29.81 -8.80 31.77
CA GLN D 167 -28.52 -8.59 32.43
C GLN D 167 -27.41 -9.08 31.54
N ILE D 168 -26.24 -8.45 31.66
CA ILE D 168 -25.05 -8.84 30.93
C ILE D 168 -23.86 -8.84 31.88
N LEU D 169 -23.00 -9.84 31.75
CA LEU D 169 -21.70 -9.86 32.39
C LEU D 169 -20.67 -9.24 31.45
N THR D 170 -19.70 -8.55 32.04
CA THR D 170 -18.63 -7.94 31.26
C THR D 170 -17.30 -8.20 31.95
N ALA D 171 -16.27 -8.45 31.14
CA ALA D 171 -14.90 -8.55 31.60
C ALA D 171 -14.07 -7.47 30.92
N SER D 172 -13.22 -6.80 31.69
CA SER D 172 -12.51 -5.64 31.18
C SER D 172 -11.01 -5.73 31.50
N GLY D 173 -10.24 -4.99 30.72
CA GLY D 173 -8.81 -4.87 30.94
C GLY D 173 -8.42 -4.08 32.17
N ASP D 174 -9.38 -3.45 32.85
CA ASP D 174 -9.12 -2.77 34.10
C ASP D 174 -9.12 -3.72 35.30
N GLY D 175 -9.13 -5.02 35.05
CA GLY D 175 -9.03 -6.01 36.12
C GLY D 175 -10.33 -6.35 36.82
N THR D 176 -11.48 -5.98 36.26
CA THR D 176 -12.76 -6.18 36.92
C THR D 176 -13.74 -6.87 35.99
N CYS D 177 -14.62 -7.66 36.59
CA CYS D 177 -15.84 -8.15 35.95
C CYS D 177 -17.03 -7.45 36.60
N ALA D 178 -18.10 -7.29 35.82
CA ALA D 178 -19.25 -6.52 36.31
C ALA D 178 -20.54 -7.08 35.76
N LEU D 179 -21.57 -7.08 36.59
CA LEU D 179 -22.92 -7.47 36.20
C LEU D 179 -23.77 -6.22 36.08
N TRP D 180 -24.54 -6.12 35.00
CA TRP D 180 -25.25 -4.89 34.67
C TRP D 180 -26.73 -5.17 34.43
N ASP D 181 -27.56 -4.16 34.72
CA ASP D 181 -28.96 -4.17 34.34
C ASP D 181 -29.08 -3.50 32.97
N VAL D 182 -29.52 -4.26 31.97
CA VAL D 182 -29.52 -3.76 30.59
C VAL D 182 -30.50 -2.59 30.45
N GLU D 183 -31.69 -2.73 31.01
CA GLU D 183 -32.74 -1.74 30.80
C GLU D 183 -32.35 -0.37 31.35
N SER D 184 -31.64 -0.36 32.49
CA SER D 184 -31.31 0.89 33.16
C SER D 184 -29.83 1.26 33.11
N GLY D 185 -28.95 0.32 32.74
CA GLY D 185 -27.54 0.59 32.78
C GLY D 185 -26.95 0.58 34.17
N GLN D 186 -27.66 0.01 35.14
CA GLN D 186 -27.23 0.03 36.53
C GLN D 186 -26.22 -1.07 36.79
N LEU D 187 -25.22 -0.75 37.63
CA LEU D 187 -24.24 -1.74 38.05
C LEU D 187 -24.85 -2.60 39.15
N LEU D 188 -25.08 -3.88 38.85
CA LEU D 188 -25.62 -4.80 39.84
C LEU D 188 -24.57 -5.38 40.77
N GLN D 189 -23.36 -5.62 40.27
CA GLN D 189 -22.29 -6.19 41.08
C GLN D 189 -20.96 -6.04 40.36
N SER D 190 -19.92 -5.68 41.10
CA SER D 190 -18.56 -5.62 40.58
C SER D 190 -17.74 -6.74 41.20
N PHE D 191 -16.81 -7.29 40.40
CA PHE D 191 -16.02 -8.44 40.79
C PHE D 191 -14.54 -8.07 40.74
N HIS D 192 -13.99 -7.69 41.89
CA HIS D 192 -12.59 -7.33 42.01
C HIS D 192 -11.80 -8.51 42.54
N GLY D 193 -10.60 -8.72 41.97
CA GLY D 193 -9.75 -9.80 42.43
C GLY D 193 -8.58 -10.08 41.52
N HIS D 194 -8.79 -10.00 40.20
CA HIS D 194 -7.72 -10.26 39.25
C HIS D 194 -6.64 -9.19 39.36
N GLY D 195 -5.38 -9.65 39.32
CA GLY D 195 -4.24 -8.76 39.41
C GLY D 195 -3.82 -8.10 38.12
N ALA D 196 -4.49 -8.41 37.02
CA ALA D 196 -4.16 -7.82 35.72
C ALA D 196 -5.43 -7.81 34.89
N ASP D 197 -5.28 -7.67 33.57
CA ASP D 197 -6.42 -7.65 32.66
C ASP D 197 -7.20 -8.94 32.77
N VAL D 198 -8.53 -8.83 32.74
CA VAL D 198 -9.40 -9.98 32.63
C VAL D 198 -9.72 -10.20 31.15
N LEU D 199 -9.50 -11.42 30.67
CA LEU D 199 -9.55 -11.70 29.24
C LEU D 199 -10.76 -12.50 28.79
N CYS D 200 -11.50 -13.12 29.71
CA CYS D 200 -12.56 -14.03 29.31
C CYS D 200 -13.46 -14.32 30.51
N LEU D 201 -14.63 -14.88 30.22
CA LEU D 201 -15.56 -15.32 31.25
C LEU D 201 -16.52 -16.34 30.67
N ASP D 202 -17.07 -17.18 31.53
CA ASP D 202 -18.08 -18.15 31.12
C ASP D 202 -19.05 -18.37 32.26
N LEU D 203 -20.35 -18.30 31.95
CA LEU D 203 -21.39 -18.47 32.94
C LEU D 203 -21.57 -19.94 33.29
N ALA D 204 -21.98 -20.20 34.53
CA ALA D 204 -22.15 -21.57 34.99
C ALA D 204 -23.29 -22.23 34.21
N PRO D 205 -23.13 -23.50 33.80
CA PRO D 205 -24.18 -24.15 33.01
C PRO D 205 -25.49 -24.30 33.75
N SER D 206 -25.42 -24.68 35.03
CA SER D 206 -26.60 -24.76 35.86
C SER D 206 -27.27 -23.40 35.94
N GLU D 207 -28.39 -23.23 35.22
CA GLU D 207 -29.17 -22.00 35.32
C GLU D 207 -29.66 -21.74 36.73
N THR D 208 -29.53 -22.72 37.64
CA THR D 208 -29.77 -22.51 39.06
C THR D 208 -28.57 -21.87 39.75
N GLY D 209 -27.41 -21.86 39.10
CA GLY D 209 -26.18 -21.40 39.73
C GLY D 209 -25.88 -19.95 39.39
N ASN D 210 -25.71 -19.14 40.44
CA ASN D 210 -25.34 -17.74 40.29
C ASN D 210 -23.82 -17.56 40.38
N THR D 211 -23.09 -18.33 39.58
CA THR D 211 -21.64 -18.28 39.57
C THR D 211 -21.14 -18.19 38.14
N PHE D 212 -19.90 -17.71 38.00
CA PHE D 212 -19.23 -17.69 36.71
C PHE D 212 -17.73 -17.73 36.94
N VAL D 213 -17.00 -18.11 35.89
CA VAL D 213 -15.55 -18.22 35.96
C VAL D 213 -14.93 -17.22 34.99
N SER D 214 -13.72 -16.77 35.31
CA SER D 214 -13.03 -15.80 34.48
C SER D 214 -11.53 -16.10 34.49
N GLY D 215 -10.85 -15.62 33.46
CA GLY D 215 -9.42 -15.79 33.35
C GLY D 215 -8.75 -14.50 32.96
N GLY D 216 -7.49 -14.35 33.39
CA GLY D 216 -6.78 -13.11 33.13
C GLY D 216 -5.29 -13.24 32.87
N CYS D 217 -4.60 -12.10 32.76
CA CYS D 217 -3.17 -12.10 32.51
C CYS D 217 -2.35 -12.47 33.74
N ASP D 218 -2.98 -12.58 34.90
CA ASP D 218 -2.29 -13.01 36.12
C ASP D 218 -2.18 -14.52 36.23
N LYS D 219 -2.41 -15.25 35.13
CA LYS D 219 -2.32 -16.71 35.03
C LYS D 219 -3.37 -17.41 35.89
N LYS D 220 -4.38 -16.70 36.39
CA LYS D 220 -5.36 -17.26 37.30
C LYS D 220 -6.71 -17.42 36.63
N ALA D 221 -7.45 -18.42 37.07
CA ALA D 221 -8.86 -18.58 36.78
C ALA D 221 -9.64 -18.49 38.09
N MET D 222 -10.72 -17.72 38.10
CA MET D 222 -11.43 -17.42 39.34
C MET D 222 -12.92 -17.69 39.17
N VAL D 223 -13.51 -18.36 40.15
CA VAL D 223 -14.95 -18.61 40.21
C VAL D 223 -15.56 -17.60 41.16
N TRP D 224 -16.63 -16.93 40.71
CA TRP D 224 -17.23 -15.83 41.44
C TRP D 224 -18.64 -16.19 41.90
N ASP D 225 -19.07 -15.55 42.99
CA ASP D 225 -20.44 -15.61 43.46
C ASP D 225 -21.12 -14.31 43.05
N MET D 226 -22.07 -14.41 42.11
CA MET D 226 -22.71 -13.22 41.55
C MET D 226 -23.60 -12.49 42.55
N ARG D 227 -23.93 -13.13 43.69
CA ARG D 227 -24.71 -12.49 44.74
C ARG D 227 -23.85 -11.64 45.67
N SER D 228 -22.77 -12.23 46.22
CA SER D 228 -21.84 -11.52 47.09
C SER D 228 -20.77 -10.73 46.36
N GLY D 229 -20.43 -11.10 45.12
CA GLY D 229 -19.33 -10.45 44.44
C GLY D 229 -17.96 -10.97 44.80
N GLN D 230 -17.88 -12.00 45.64
CA GLN D 230 -16.61 -12.52 46.11
C GLN D 230 -16.15 -13.69 45.26
N CYS D 231 -14.84 -13.90 45.22
CA CYS D 231 -14.23 -15.02 44.53
C CYS D 231 -14.20 -16.21 45.49
N VAL D 232 -14.97 -17.25 45.17
CA VAL D 232 -15.11 -18.39 46.07
C VAL D 232 -14.12 -19.51 45.77
N GLN D 233 -13.37 -19.42 44.67
CA GLN D 233 -12.42 -20.46 44.29
C GLN D 233 -11.52 -19.90 43.19
N ALA D 234 -10.22 -20.21 43.28
CA ALA D 234 -9.26 -19.72 42.31
C ALA D 234 -8.25 -20.81 42.00
N PHE D 235 -7.75 -20.80 40.75
CA PHE D 235 -6.79 -21.77 40.28
C PHE D 235 -5.67 -21.05 39.53
N GLU D 236 -4.42 -21.43 39.81
CA GLU D 236 -3.26 -20.84 39.16
C GLU D 236 -2.25 -21.96 38.89
N THR D 237 -2.32 -22.53 37.68
CA THR D 237 -1.33 -23.50 37.22
C THR D 237 -0.74 -23.18 35.86
N HIS D 238 -1.39 -22.35 35.05
CA HIS D 238 -0.83 -21.93 33.77
C HIS D 238 0.44 -21.10 33.97
N GLU D 239 1.32 -21.16 32.98
CA GLU D 239 2.57 -20.40 32.99
C GLU D 239 2.47 -19.11 32.20
N SER D 240 1.28 -18.75 31.72
CA SER D 240 1.07 -17.53 30.95
C SER D 240 -0.40 -17.14 31.04
N ASP D 241 -0.80 -16.19 30.18
CA ASP D 241 -2.15 -15.63 30.24
C ASP D 241 -3.20 -16.70 30.00
N VAL D 242 -4.31 -16.59 30.72
CA VAL D 242 -5.48 -17.44 30.50
C VAL D 242 -6.39 -16.73 29.51
N ASN D 243 -6.44 -17.24 28.28
CA ASN D 243 -7.16 -16.55 27.20
C ASN D 243 -8.62 -16.95 27.10
N SER D 244 -9.00 -18.13 27.59
CA SER D 244 -10.38 -18.57 27.46
C SER D 244 -10.71 -19.55 28.58
N VAL D 245 -11.95 -19.48 29.07
CA VAL D 245 -12.46 -20.42 30.07
C VAL D 245 -13.82 -20.92 29.60
N ARG D 246 -14.14 -22.16 29.96
CA ARG D 246 -15.40 -22.73 29.56
C ARG D 246 -15.76 -23.83 30.55
N TYR D 247 -17.03 -23.85 30.97
CA TYR D 247 -17.49 -24.84 31.92
C TYR D 247 -17.74 -26.19 31.25
N TYR D 248 -17.31 -27.25 31.93
CA TYR D 248 -17.71 -28.60 31.56
C TYR D 248 -19.23 -28.71 31.70
N PRO D 249 -19.90 -29.45 30.80
CA PRO D 249 -21.37 -29.39 30.75
C PRO D 249 -22.09 -29.67 32.06
N SER D 250 -21.48 -30.42 32.98
CA SER D 250 -22.13 -30.68 34.27
C SER D 250 -22.02 -29.51 35.23
N GLY D 251 -21.13 -28.55 34.96
CA GLY D 251 -20.93 -27.43 35.85
C GLY D 251 -19.98 -27.69 37.00
N ASP D 252 -19.55 -28.94 37.21
CA ASP D 252 -18.62 -29.28 38.27
C ASP D 252 -17.16 -29.13 37.86
N ALA D 253 -16.90 -28.72 36.62
CA ALA D 253 -15.54 -28.55 36.14
C ALA D 253 -15.52 -27.47 35.07
N PHE D 254 -14.32 -27.02 34.72
CA PHE D 254 -14.15 -26.06 33.64
C PHE D 254 -12.76 -26.23 33.04
N ALA D 255 -12.63 -25.86 31.77
CA ALA D 255 -11.38 -25.92 31.04
C ALA D 255 -10.89 -24.50 30.74
N SER D 256 -9.60 -24.40 30.39
CA SER D 256 -8.99 -23.11 30.13
C SER D 256 -7.90 -23.28 29.07
N GLY D 257 -7.76 -22.25 28.23
CA GLY D 257 -6.70 -22.20 27.24
C GLY D 257 -5.78 -21.04 27.55
N SER D 258 -4.49 -21.22 27.26
CA SER D 258 -3.49 -20.27 27.68
C SER D 258 -2.42 -20.08 26.61
N ASP D 259 -1.66 -18.98 26.75
CA ASP D 259 -0.55 -18.69 25.87
C ASP D 259 0.63 -19.65 26.06
N ASP D 260 0.61 -20.47 27.11
CA ASP D 260 1.64 -21.48 27.31
C ASP D 260 1.40 -22.73 26.46
N ALA D 261 0.55 -22.63 25.44
CA ALA D 261 0.25 -23.69 24.48
C ALA D 261 -0.43 -24.91 25.12
N THR D 262 -1.02 -24.74 26.30
CA THR D 262 -1.68 -25.83 26.99
C THR D 262 -3.14 -25.51 27.23
N CYS D 263 -3.95 -26.56 27.34
CA CYS D 263 -5.31 -26.50 27.85
C CYS D 263 -5.40 -27.38 29.08
N ARG D 264 -6.08 -26.90 30.11
CA ARG D 264 -6.14 -27.61 31.38
C ARG D 264 -7.58 -27.71 31.86
N LEU D 265 -7.87 -28.80 32.55
CA LEU D 265 -9.20 -29.05 33.11
C LEU D 265 -9.11 -29.00 34.62
N TYR D 266 -9.90 -28.12 35.23
CA TYR D 266 -10.00 -28.00 36.68
C TYR D 266 -11.36 -28.51 37.13
N ASP D 267 -11.38 -29.28 38.22
CA ASP D 267 -12.61 -29.79 38.80
C ASP D 267 -12.86 -29.09 40.13
N LEU D 268 -14.05 -28.51 40.28
CA LEU D 268 -14.35 -27.70 41.45
C LEU D 268 -14.49 -28.56 42.71
N ARG D 269 -14.91 -29.81 42.56
CA ARG D 269 -15.06 -30.68 43.73
C ARG D 269 -13.70 -31.19 44.21
N ALA D 270 -12.80 -31.53 43.28
CA ALA D 270 -11.47 -31.96 43.65
C ALA D 270 -10.58 -30.80 44.07
N ASP D 271 -10.92 -29.57 43.66
CA ASP D 271 -10.16 -28.37 44.00
C ASP D 271 -8.70 -28.51 43.55
N ARG D 272 -8.53 -28.88 42.28
CA ARG D 272 -7.21 -29.04 41.70
C ARG D 272 -7.36 -29.26 40.20
N GLU D 273 -6.29 -28.95 39.47
CA GLU D 273 -6.24 -29.26 38.05
C GLU D 273 -6.16 -30.77 37.87
N VAL D 274 -7.03 -31.32 37.02
CA VAL D 274 -7.14 -32.77 36.86
C VAL D 274 -6.62 -33.26 35.52
N ALA D 275 -6.34 -32.37 34.57
CA ALA D 275 -5.85 -32.80 33.26
C ALA D 275 -5.12 -31.66 32.59
N ILE D 276 -4.12 -32.01 31.78
CA ILE D 276 -3.38 -31.07 30.95
C ILE D 276 -3.39 -31.60 29.52
N TYR D 277 -3.83 -30.76 28.58
CA TYR D 277 -3.90 -31.12 27.17
C TYR D 277 -2.81 -30.35 26.44
N SER D 278 -1.76 -31.07 26.02
CA SER D 278 -0.62 -30.45 25.37
C SER D 278 0.07 -31.47 24.49
N LYS D 279 1.05 -30.99 23.72
CA LYS D 279 1.85 -31.85 22.86
C LYS D 279 3.13 -31.10 22.51
N GLU D 280 4.19 -31.88 22.23
CA GLU D 280 5.48 -31.27 21.94
C GLU D 280 5.44 -30.39 20.70
N SER D 281 4.60 -30.74 19.72
CA SER D 281 4.50 -29.98 18.48
C SER D 281 3.59 -28.77 18.58
N ILE D 282 2.89 -28.59 19.69
CA ILE D 282 1.97 -27.47 19.88
C ILE D 282 2.67 -26.47 20.78
N ILE D 283 3.16 -25.38 20.18
CA ILE D 283 3.92 -24.37 20.91
C ILE D 283 3.27 -22.99 20.88
N PHE D 284 2.19 -22.81 20.12
CA PHE D 284 1.49 -21.53 20.09
C PHE D 284 0.35 -21.54 21.09
N GLY D 285 -0.02 -20.35 21.56
CA GLY D 285 -1.01 -20.24 22.60
C GLY D 285 -2.40 -20.63 22.13
N ALA D 286 -3.21 -21.10 23.07
CA ALA D 286 -4.61 -21.43 22.83
C ALA D 286 -5.46 -20.22 23.13
N SER D 287 -6.25 -19.77 22.15
CA SER D 287 -7.04 -18.57 22.31
C SER D 287 -8.47 -18.83 22.77
N SER D 288 -9.04 -19.99 22.44
CA SER D 288 -10.42 -20.28 22.76
C SER D 288 -10.61 -21.78 22.91
N VAL D 289 -11.52 -22.17 23.83
CA VAL D 289 -11.84 -23.56 24.08
C VAL D 289 -13.34 -23.70 24.28
N ASP D 290 -13.87 -24.87 23.93
CA ASP D 290 -15.28 -25.17 24.15
C ASP D 290 -15.47 -26.68 24.09
N PHE D 291 -16.49 -27.16 24.79
CA PHE D 291 -16.77 -28.58 24.93
C PHE D 291 -17.83 -29.05 23.93
N SER D 292 -17.74 -30.33 23.57
CA SER D 292 -18.85 -30.97 22.90
C SER D 292 -19.99 -31.18 23.91
N LEU D 293 -21.13 -31.64 23.40
CA LEU D 293 -22.33 -31.76 24.23
C LEU D 293 -22.08 -32.64 25.45
N SER D 294 -21.45 -33.80 25.25
CA SER D 294 -21.21 -34.74 26.33
C SER D 294 -20.02 -34.36 27.21
N GLY D 295 -19.21 -33.40 26.77
CA GLY D 295 -17.98 -33.08 27.45
C GLY D 295 -16.83 -34.02 27.18
N ARG D 296 -17.01 -34.99 26.27
CA ARG D 296 -15.92 -35.89 25.91
C ARG D 296 -14.85 -35.20 25.09
N LEU D 297 -15.23 -34.21 24.30
CA LEU D 297 -14.32 -33.53 23.38
C LEU D 297 -14.14 -32.07 23.80
N LEU D 298 -12.90 -31.61 23.73
CA LEU D 298 -12.56 -30.21 23.95
C LEU D 298 -11.95 -29.65 22.67
N PHE D 299 -12.64 -28.70 22.05
CA PHE D 299 -12.13 -28.02 20.87
C PHE D 299 -11.36 -26.77 21.28
N ALA D 300 -10.21 -26.56 20.67
CA ALA D 300 -9.35 -25.43 21.02
C ALA D 300 -8.76 -24.82 19.76
N GLY D 301 -8.83 -23.50 19.67
CA GLY D 301 -8.24 -22.74 18.58
C GLY D 301 -6.96 -22.05 19.04
N TYR D 302 -5.91 -22.22 18.25
CA TYR D 302 -4.58 -21.78 18.63
C TYR D 302 -4.09 -20.69 17.68
N ASN D 303 -3.04 -19.98 18.12
CA ASN D 303 -2.39 -18.97 17.30
C ASN D 303 -1.54 -19.57 16.19
N ASP D 304 -1.39 -20.90 16.14
CA ASP D 304 -0.71 -21.56 15.04
C ASP D 304 -1.62 -21.76 13.83
N TYR D 305 -2.80 -21.12 13.83
CA TYR D 305 -3.81 -21.11 12.79
C TYR D 305 -4.63 -22.40 12.79
N THR D 306 -4.37 -23.34 13.69
CA THR D 306 -4.98 -24.66 13.68
C THR D 306 -5.99 -24.80 14.82
N ILE D 307 -6.72 -25.91 14.78
CA ILE D 307 -7.67 -26.30 15.81
C ILE D 307 -7.33 -27.72 16.24
N ASN D 308 -7.20 -27.92 17.54
CA ASN D 308 -6.88 -29.23 18.11
C ASN D 308 -8.06 -29.71 18.95
N VAL D 309 -8.51 -30.94 18.68
CA VAL D 309 -9.62 -31.55 19.42
C VAL D 309 -9.03 -32.56 20.40
N TRP D 310 -9.47 -32.48 21.65
CA TRP D 310 -8.89 -33.27 22.72
C TRP D 310 -9.93 -34.21 23.33
N ASP D 311 -9.52 -35.45 23.58
CA ASP D 311 -10.30 -36.38 24.39
C ASP D 311 -10.19 -35.93 25.85
N VAL D 312 -11.28 -35.39 26.40
CA VAL D 312 -11.24 -34.78 27.72
C VAL D 312 -10.90 -35.82 28.78
N LEU D 313 -11.42 -37.03 28.63
CA LEU D 313 -11.21 -38.06 29.66
C LEU D 313 -9.84 -38.71 29.51
N LYS D 314 -9.47 -39.11 28.29
CA LYS D 314 -8.22 -39.83 28.08
C LYS D 314 -7.02 -38.91 27.85
N GLY D 315 -7.25 -37.65 27.48
CA GLY D 315 -6.18 -36.69 27.33
C GLY D 315 -5.54 -36.65 25.96
N SER D 316 -5.70 -37.70 25.15
CA SER D 316 -5.06 -37.73 23.85
C SER D 316 -5.75 -36.79 22.87
N ARG D 317 -4.98 -36.32 21.89
CA ARG D 317 -5.50 -35.45 20.84
C ARG D 317 -6.08 -36.31 19.73
N VAL D 318 -7.36 -36.11 19.43
CA VAL D 318 -8.06 -36.95 18.45
C VAL D 318 -8.12 -36.33 17.07
N SER D 319 -7.75 -35.06 16.92
CA SER D 319 -7.81 -34.42 15.61
C SER D 319 -7.07 -33.09 15.65
N ILE D 320 -6.53 -32.70 14.49
CA ILE D 320 -6.04 -31.35 14.26
C ILE D 320 -6.60 -30.89 12.92
N LEU D 321 -7.15 -29.67 12.89
CA LEU D 321 -7.92 -29.19 11.75
C LEU D 321 -7.24 -27.95 11.16
N PHE D 322 -6.95 -28.01 9.86
CA PHE D 322 -6.32 -26.91 9.14
C PHE D 322 -7.33 -26.24 8.22
N GLY D 323 -7.09 -24.95 7.95
CA GLY D 323 -7.97 -24.20 7.08
C GLY D 323 -7.77 -22.70 7.17
N HIS D 324 -7.76 -22.18 8.40
CA HIS D 324 -7.54 -20.76 8.60
C HIS D 324 -6.11 -20.38 8.22
N GLU D 325 -5.95 -19.18 7.67
CA GLU D 325 -4.65 -18.67 7.24
C GLU D 325 -4.10 -17.61 8.19
N ASN D 326 -4.70 -17.45 9.36
CA ASN D 326 -4.15 -16.63 10.43
C ASN D 326 -4.65 -17.21 11.76
N ARG D 327 -4.41 -16.48 12.85
CA ARG D 327 -4.76 -16.98 14.18
C ARG D 327 -6.24 -17.30 14.28
N VAL D 328 -6.56 -18.32 15.07
CA VAL D 328 -7.94 -18.62 15.43
C VAL D 328 -8.23 -17.87 16.73
N SER D 329 -9.10 -16.87 16.66
CA SER D 329 -9.35 -15.99 17.79
C SER D 329 -10.55 -16.38 18.64
N THR D 330 -11.52 -17.11 18.07
CA THR D 330 -12.71 -17.49 18.81
C THR D 330 -13.21 -18.83 18.29
N LEU D 331 -13.78 -19.63 19.20
CA LEU D 331 -14.27 -20.96 18.87
C LEU D 331 -15.39 -21.32 19.84
N ARG D 332 -16.55 -21.69 19.30
CA ARG D 332 -17.72 -22.01 20.09
C ARG D 332 -18.46 -23.18 19.45
N VAL D 333 -18.92 -24.11 20.27
CA VAL D 333 -19.70 -25.25 19.81
C VAL D 333 -21.17 -24.84 19.69
N SER D 334 -21.84 -25.35 18.65
CA SER D 334 -23.25 -25.09 18.39
C SER D 334 -24.09 -25.39 19.63
N PRO D 335 -25.21 -24.68 19.82
CA PRO D 335 -26.04 -24.94 21.01
C PRO D 335 -26.57 -26.36 21.09
N ASP D 336 -26.74 -27.04 19.94
CA ASP D 336 -27.15 -28.43 19.92
C ASP D 336 -25.99 -29.39 19.73
N GLY D 337 -24.77 -28.87 19.64
CA GLY D 337 -23.57 -29.69 19.52
C GLY D 337 -23.37 -30.35 18.18
N THR D 338 -24.11 -29.95 17.14
CA THR D 338 -23.94 -30.56 15.83
C THR D 338 -22.75 -30.00 15.07
N ALA D 339 -22.28 -28.81 15.43
CA ALA D 339 -21.16 -28.18 14.74
C ALA D 339 -20.43 -27.27 15.72
N PHE D 340 -19.32 -26.72 15.25
CA PHE D 340 -18.62 -25.66 15.98
C PHE D 340 -18.10 -24.64 14.98
N CYS D 341 -18.04 -23.39 15.41
CA CYS D 341 -17.65 -22.27 14.56
C CYS D 341 -16.36 -21.67 15.09
N SER D 342 -15.43 -21.41 14.18
CA SER D 342 -14.16 -20.77 14.50
C SER D 342 -14.05 -19.45 13.76
N GLY D 343 -13.61 -18.42 14.47
CA GLY D 343 -13.34 -17.12 13.88
C GLY D 343 -11.83 -16.88 13.88
N SER D 344 -11.35 -16.18 12.86
CA SER D 344 -9.91 -16.07 12.66
C SER D 344 -9.52 -14.66 12.27
N TRP D 345 -8.24 -14.34 12.52
CA TRP D 345 -7.64 -13.09 12.06
C TRP D 345 -7.53 -13.01 10.54
N ASP D 346 -7.84 -14.09 9.82
CA ASP D 346 -7.84 -14.07 8.36
C ASP D 346 -9.12 -13.48 7.79
N HIS D 347 -9.94 -12.84 8.64
CA HIS D 347 -11.16 -12.10 8.30
C HIS D 347 -12.37 -13.00 8.09
N THR D 348 -12.27 -14.31 8.34
CA THR D 348 -13.35 -15.23 8.04
C THR D 348 -13.74 -16.03 9.27
N LEU D 349 -14.92 -16.65 9.18
CA LEU D 349 -15.37 -17.67 10.13
C LEU D 349 -15.65 -18.95 9.37
N ARG D 350 -15.48 -20.08 10.04
CA ARG D 350 -15.72 -21.39 9.43
C ARG D 350 -16.55 -22.24 10.37
N VAL D 351 -17.54 -22.93 9.81
CA VAL D 351 -18.39 -23.86 10.56
C VAL D 351 -17.95 -25.27 10.21
N TRP D 352 -17.62 -26.06 11.23
CA TRP D 352 -17.08 -27.40 11.03
C TRP D 352 -18.05 -28.44 11.59
N ALA D 353 -18.04 -29.62 10.98
CA ALA D 353 -18.85 -30.74 11.43
C ALA D 353 -18.35 -32.04 10.82
#